data_8VWG
#
_entry.id   8VWG
#
_cell.length_a   1.00
_cell.length_b   1.00
_cell.length_c   1.00
_cell.angle_alpha   90.00
_cell.angle_beta   90.00
_cell.angle_gamma   90.00
#
_symmetry.space_group_name_H-M   'P 1'
#
_entity_poly.entity_id   1
_entity_poly.type   'polypeptide(L)'
_entity_poly.pdbx_seq_one_letter_code
;MDKAKRNIKPFDGEKYAIWKFRIRALLAEQDVLKVVDGLMPNEVDDSWKKAERCAKSTIIEYLSDSFLNFATSDITARQI
LENLDAVYERKSLASQLALRKRLLSLKLSSEMSLLSHFHIFDELISELLAAGAKIEEMDKISHLLITLPSCYDGIITAIE
TLSEENLTLAFVKNRLLDQEIKIKNDHNDTSKKVMNAIVHNNNNTYKNNLFKNRVTKPKKIFKGNSKYKVKCHHCGREGH
IKKDCFHYKRILNNKNKENEKQVQTATSHG
;
_entity_poly.pdbx_strand_id   A,B,C,D,E,F,G,I,H
#
# COMPACT_ATOMS: atom_id res chain seq x y z
N ALA A 4 3.85 -13.64 -4.55
CA ALA A 4 2.86 -14.05 -5.53
C ALA A 4 1.76 -13.00 -5.67
N LYS A 5 0.89 -12.93 -4.66
CA LYS A 5 -0.21 -11.97 -4.69
C LYS A 5 0.30 -10.57 -4.37
N ARG A 6 0.16 -9.65 -5.32
CA ARG A 6 0.64 -8.29 -5.17
C ARG A 6 -0.34 -7.41 -4.40
N ASN A 7 -1.64 -7.75 -4.41
CA ASN A 7 -2.67 -6.89 -3.86
C ASN A 7 -2.40 -6.50 -2.41
N ILE A 8 -1.70 -7.35 -1.64
CA ILE A 8 -1.38 -7.02 -0.25
C ILE A 8 -0.52 -5.78 -0.22
N LYS A 9 -1.07 -4.69 0.32
CA LYS A 9 -0.27 -3.49 0.56
C LYS A 9 0.71 -3.76 1.69
N PRO A 10 1.96 -3.31 1.56
CA PRO A 10 2.91 -3.49 2.67
C PRO A 10 2.42 -2.80 3.93
N PHE A 11 2.60 -3.47 5.07
CA PHE A 11 2.06 -3.01 6.33
C PHE A 11 2.90 -1.86 6.87
N ASP A 12 2.24 -0.76 7.22
CA ASP A 12 2.90 0.41 7.78
C ASP A 12 2.14 0.95 8.98
N GLY A 13 1.44 0.07 9.68
CA GLY A 13 0.77 0.47 10.91
C GLY A 13 -0.68 0.90 10.78
N GLU A 14 -1.35 0.51 9.69
CA GLU A 14 -2.75 0.84 9.51
C GLU A 14 -3.50 -0.40 9.03
N LYS A 15 -4.66 -0.66 9.63
CA LYS A 15 -5.53 -1.78 9.27
C LYS A 15 -4.74 -3.09 9.27
N TYR A 16 -4.25 -3.46 10.46
CA TYR A 16 -3.44 -4.66 10.58
C TYR A 16 -4.23 -5.92 10.25
N ALA A 17 -5.54 -5.93 10.51
CA ALA A 17 -6.33 -7.14 10.32
C ALA A 17 -6.33 -7.58 8.85
N ILE A 18 -6.54 -6.63 7.94
CA ILE A 18 -6.57 -6.96 6.52
C ILE A 18 -5.21 -7.48 6.06
N TRP A 19 -4.14 -6.80 6.49
CA TRP A 19 -2.80 -7.23 6.09
C TRP A 19 -2.50 -8.63 6.60
N LYS A 20 -2.84 -8.91 7.87
CA LYS A 20 -2.59 -10.22 8.42
C LYS A 20 -3.41 -11.30 7.71
N PHE A 21 -4.68 -10.99 7.39
CA PHE A 21 -5.52 -11.95 6.69
C PHE A 21 -4.96 -12.26 5.31
N ARG A 22 -4.54 -11.23 4.58
CA ARG A 22 -3.96 -11.44 3.26
C ARG A 22 -2.64 -12.19 3.33
N ILE A 23 -1.83 -11.91 4.36
CA ILE A 23 -0.57 -12.63 4.53
C ILE A 23 -0.83 -14.10 4.80
N ARG A 24 -1.81 -14.39 5.66
CA ARG A 24 -2.16 -15.78 5.92
C ARG A 24 -2.66 -16.47 4.67
N ALA A 25 -3.46 -15.76 3.86
CA ALA A 25 -3.92 -16.32 2.60
C ALA A 25 -2.75 -16.65 1.68
N LEU A 26 -1.79 -15.72 1.58
CA LEU A 26 -0.63 -15.94 0.72
C LEU A 26 0.19 -17.13 1.21
N LEU A 27 0.37 -17.24 2.53
CA LEU A 27 1.08 -18.40 3.08
C LEU A 27 0.32 -19.68 2.77
N ALA A 28 -1.01 -19.64 2.85
CA ALA A 28 -1.81 -20.80 2.48
C ALA A 28 -1.62 -21.16 1.01
N GLU A 29 -1.39 -20.16 0.15
CA GLU A 29 -1.17 -20.46 -1.26
C GLU A 29 0.06 -21.35 -1.44
N GLN A 30 1.13 -21.06 -0.70
CA GLN A 30 2.37 -21.83 -0.78
C GLN A 30 2.40 -22.97 0.22
N ASP A 31 1.30 -23.21 0.93
CA ASP A 31 1.21 -24.26 1.94
C ASP A 31 2.29 -24.09 3.02
N VAL A 32 2.26 -22.92 3.64
CA VAL A 32 3.28 -22.55 4.61
C VAL A 32 2.60 -22.22 5.94
N LEU A 33 1.26 -22.21 5.93
CA LEU A 33 0.52 -21.91 7.16
C LEU A 33 0.80 -22.91 8.27
N LYS A 34 1.33 -24.09 7.93
CA LYS A 34 1.67 -25.07 8.96
C LYS A 34 2.74 -24.55 9.90
N VAL A 35 3.61 -23.67 9.43
CA VAL A 35 4.68 -23.15 10.28
C VAL A 35 4.10 -22.29 11.40
N VAL A 36 3.24 -21.35 11.04
CA VAL A 36 2.66 -20.46 12.04
C VAL A 36 1.57 -21.14 12.87
N ASP A 37 0.78 -22.02 12.27
CA ASP A 37 -0.38 -22.59 12.95
C ASP A 37 -0.11 -23.96 13.55
N GLY A 38 0.94 -24.66 13.11
CA GLY A 38 1.21 -25.97 13.65
C GLY A 38 1.69 -25.92 15.09
N LEU A 39 1.62 -27.09 15.75
CA LEU A 39 2.06 -27.19 17.14
C LEU A 39 3.56 -27.37 17.20
N MET A 40 4.29 -26.50 16.52
CA MET A 40 5.75 -26.57 16.40
C MET A 40 6.24 -28.00 16.08
N PRO A 41 5.81 -28.58 14.96
CA PRO A 41 6.30 -29.93 14.58
C PRO A 41 7.75 -29.91 14.13
N ASN A 42 8.65 -29.56 15.05
CA ASN A 42 10.06 -29.43 14.74
C ASN A 42 10.71 -30.81 14.75
N GLU A 43 11.07 -31.30 13.58
CA GLU A 43 11.72 -32.60 13.44
C GLU A 43 12.87 -32.51 12.44
N VAL A 44 13.64 -31.43 12.53
CA VAL A 44 14.81 -31.14 11.69
C VAL A 44 14.52 -31.43 10.22
N ASP A 45 13.27 -31.25 9.81
CA ASP A 45 12.87 -31.52 8.44
C ASP A 45 13.35 -30.40 7.51
N ASP A 46 13.95 -30.79 6.39
CA ASP A 46 14.36 -29.82 5.39
C ASP A 46 13.17 -29.09 4.81
N SER A 47 12.05 -29.81 4.63
CA SER A 47 10.82 -29.16 4.18
C SER A 47 10.36 -28.12 5.20
N TRP A 48 10.46 -28.44 6.49
CA TRP A 48 10.09 -27.49 7.52
C TRP A 48 10.97 -26.24 7.48
N LYS A 49 12.28 -26.44 7.31
CA LYS A 49 13.18 -25.29 7.23
C LYS A 49 12.89 -24.45 6.00
N LYS A 50 12.63 -25.08 4.86
CA LYS A 50 12.30 -24.34 3.65
C LYS A 50 11.01 -23.55 3.83
N ALA A 51 10.01 -24.16 4.45
CA ALA A 51 8.75 -23.46 4.70
C ALA A 51 8.97 -22.27 5.63
N GLU A 52 9.78 -22.45 6.67
CA GLU A 52 10.07 -21.35 7.59
C GLU A 52 10.76 -20.21 6.87
N ARG A 53 11.76 -20.54 6.03
CA ARG A 53 12.47 -19.49 5.29
C ARG A 53 11.54 -18.77 4.33
N CYS A 54 10.68 -19.52 3.63
CA CYS A 54 9.74 -18.90 2.70
C CYS A 54 8.77 -17.99 3.43
N ALA A 55 8.27 -18.44 4.59
CA ALA A 55 7.37 -17.61 5.37
C ALA A 55 8.05 -16.33 5.82
N LYS A 56 9.29 -16.44 6.31
CA LYS A 56 10.01 -15.25 6.75
C LYS A 56 10.24 -14.30 5.59
N SER A 57 10.63 -14.84 4.43
CA SER A 57 10.87 -13.99 3.26
C SER A 57 9.59 -13.28 2.83
N THR A 58 8.47 -13.99 2.80
CA THR A 58 7.21 -13.37 2.40
C THR A 58 6.78 -12.31 3.40
N ILE A 59 6.94 -12.58 4.69
CA ILE A 59 6.56 -11.61 5.71
C ILE A 59 7.40 -10.35 5.59
N ILE A 60 8.72 -10.51 5.42
CA ILE A 60 9.58 -9.36 5.23
C ILE A 60 9.23 -8.62 3.96
N GLU A 61 8.81 -9.36 2.93
CA GLU A 61 8.52 -8.77 1.62
C GLU A 61 7.41 -7.73 1.71
N TYR A 62 6.34 -8.05 2.44
CA TYR A 62 5.17 -7.18 2.52
C TYR A 62 5.16 -6.35 3.80
N LEU A 63 6.33 -5.98 4.31
CA LEU A 63 6.46 -5.11 5.46
C LEU A 63 7.14 -3.82 5.03
N SER A 64 6.62 -2.69 5.52
CA SER A 64 7.25 -1.41 5.23
C SER A 64 8.63 -1.33 5.85
N ASP A 65 9.46 -0.45 5.29
CA ASP A 65 10.84 -0.33 5.75
C ASP A 65 10.91 0.12 7.20
N SER A 66 9.93 0.88 7.67
CA SER A 66 9.94 1.34 9.05
C SER A 66 9.79 0.17 10.03
N PHE A 67 8.98 -0.82 9.67
CA PHE A 67 8.64 -1.91 10.58
C PHE A 67 9.51 -3.14 10.40
N LEU A 68 10.56 -3.06 9.57
CA LEU A 68 11.43 -4.22 9.38
C LEU A 68 12.16 -4.62 10.65
N ASN A 69 12.24 -3.73 11.64
CA ASN A 69 12.83 -4.08 12.92
C ASN A 69 12.10 -5.23 13.60
N PHE A 70 10.82 -5.42 13.31
CA PHE A 70 10.06 -6.54 13.86
C PHE A 70 10.59 -7.89 13.40
N ALA A 71 11.35 -7.93 12.31
CA ALA A 71 11.90 -9.20 11.82
C ALA A 71 13.40 -9.17 11.67
N THR A 72 14.09 -8.16 12.21
CA THR A 72 15.54 -8.12 12.10
C THR A 72 16.18 -9.29 12.83
N SER A 73 15.67 -9.65 14.01
CA SER A 73 16.19 -10.79 14.73
C SER A 73 15.81 -12.08 14.01
N ASP A 74 16.62 -13.12 14.25
CA ASP A 74 16.40 -14.43 13.62
C ASP A 74 15.30 -15.17 14.39
N ILE A 75 14.09 -14.64 14.27
CA ILE A 75 12.91 -15.21 14.93
C ILE A 75 12.02 -15.85 13.87
N THR A 76 11.23 -16.83 14.30
CA THR A 76 10.36 -17.55 13.40
C THR A 76 9.26 -16.65 12.87
N ALA A 77 8.65 -17.07 11.77
CA ALA A 77 7.53 -16.32 11.20
C ALA A 77 6.37 -16.22 12.18
N ARG A 78 6.08 -17.31 12.88
CA ARG A 78 5.07 -17.26 13.93
C ARG A 78 5.44 -16.26 15.01
N GLN A 79 6.73 -16.18 15.34
CA GLN A 79 7.19 -15.21 16.32
C GLN A 79 6.93 -13.78 15.85
N ILE A 80 7.24 -13.48 14.60
CA ILE A 80 7.00 -12.14 14.06
C ILE A 80 5.50 -11.85 14.07
N LEU A 81 4.70 -12.82 13.65
CA LEU A 81 3.26 -12.61 13.59
C LEU A 81 2.68 -12.35 14.97
N GLU A 82 3.13 -13.11 15.97
CA GLU A 82 2.60 -12.91 17.31
C GLU A 82 3.09 -11.60 17.91
N ASN A 83 4.30 -11.17 17.56
CA ASN A 83 4.76 -9.85 18.00
C ASN A 83 3.90 -8.74 17.41
N LEU A 84 3.62 -8.82 16.10
CA LEU A 84 2.74 -7.82 15.49
C LEU A 84 1.35 -7.87 16.09
N ASP A 85 0.86 -9.07 16.43
CA ASP A 85 -0.42 -9.18 17.10
C ASP A 85 -0.39 -8.46 18.44
N ALA A 86 0.60 -8.79 19.28
CA ALA A 86 0.67 -8.21 20.61
C ALA A 86 0.83 -6.69 20.56
N VAL A 87 1.44 -6.17 19.51
CA VAL A 87 1.65 -4.72 19.46
C VAL A 87 0.47 -4.01 18.80
N TYR A 88 -0.31 -4.72 17.97
CA TYR A 88 -1.40 -4.08 17.25
C TYR A 88 -2.79 -4.64 17.55
N GLU A 89 -2.91 -5.75 18.27
CA GLU A 89 -4.21 -6.20 18.78
C GLU A 89 -4.05 -6.45 20.28
N ARG A 90 -4.37 -5.43 21.06
CA ARG A 90 -4.21 -5.44 22.51
C ARG A 90 -5.57 -5.64 23.15
N LYS A 91 -5.66 -6.64 24.03
CA LYS A 91 -6.92 -6.98 24.69
C LYS A 91 -7.07 -6.09 25.91
N SER A 92 -7.48 -4.84 25.68
CA SER A 92 -7.65 -3.86 26.74
C SER A 92 -9.11 -3.48 26.85
N LEU A 93 -9.65 -3.60 28.06
CA LEU A 93 -11.08 -3.37 28.26
C LEU A 93 -11.46 -1.90 28.11
N ALA A 94 -10.57 -0.98 28.51
CA ALA A 94 -10.86 0.44 28.37
C ALA A 94 -11.04 0.83 26.91
N SER A 95 -10.20 0.29 26.03
CA SER A 95 -10.36 0.55 24.61
C SER A 95 -11.69 0.02 24.10
N GLN A 96 -12.09 -1.18 24.55
CA GLN A 96 -13.38 -1.72 24.15
C GLN A 96 -14.52 -0.81 24.60
N LEU A 97 -14.45 -0.32 25.84
CA LEU A 97 -15.51 0.56 26.34
C LEU A 97 -15.57 1.86 25.55
N ALA A 98 -14.41 2.45 25.26
CA ALA A 98 -14.41 3.69 24.48
C ALA A 98 -14.96 3.45 23.08
N LEU A 99 -14.59 2.33 22.46
CA LEU A 99 -15.09 2.01 21.13
C LEU A 99 -16.60 1.80 21.15
N ARG A 100 -17.12 1.12 22.16
CA ARG A 100 -18.56 0.93 22.28
C ARG A 100 -19.27 2.26 22.46
N LYS A 101 -18.71 3.14 23.29
CA LYS A 101 -19.31 4.46 23.47
C LYS A 101 -19.33 5.26 22.18
N ARG A 102 -18.25 5.20 21.40
CA ARG A 102 -18.24 5.88 20.12
C ARG A 102 -19.27 5.28 19.17
N LEU A 103 -19.39 3.95 19.16
CA LEU A 103 -20.36 3.30 18.29
C LEU A 103 -21.79 3.71 18.65
N LEU A 104 -22.10 3.76 19.94
CA LEU A 104 -23.45 4.12 20.36
C LEU A 104 -23.79 5.56 20.01
N SER A 105 -22.80 6.39 19.72
CA SER A 105 -23.01 7.79 19.35
C SER A 105 -22.48 8.07 17.94
N LEU A 106 -22.56 7.08 17.05
CA LEU A 106 -22.05 7.23 15.70
C LEU A 106 -22.97 8.11 14.86
N LYS A 107 -24.23 7.70 14.72
CA LYS A 107 -25.27 8.43 13.98
C LYS A 107 -24.77 8.55 12.52
N LEU A 108 -25.16 9.60 11.80
CA LEU A 108 -24.79 9.76 10.41
C LEU A 108 -24.78 11.25 10.09
N SER A 109 -24.05 11.61 9.04
CA SER A 109 -23.88 13.01 8.65
C SER A 109 -25.11 13.51 7.91
N SER A 110 -24.99 14.67 7.28
CA SER A 110 -26.06 15.23 6.47
C SER A 110 -25.76 15.22 4.98
N GLU A 111 -24.51 14.98 4.60
CA GLU A 111 -24.07 14.93 3.21
C GLU A 111 -23.29 13.66 2.90
N MET A 112 -22.61 13.10 3.90
CA MET A 112 -21.76 11.94 3.69
C MET A 112 -22.58 10.70 3.35
N SER A 113 -22.18 10.04 2.27
CA SER A 113 -22.96 8.98 1.66
C SER A 113 -22.86 7.68 2.46
N LEU A 114 -23.78 6.76 2.17
CA LEU A 114 -23.85 5.51 2.92
C LEU A 114 -22.57 4.69 2.84
N LEU A 115 -21.82 4.78 1.75
CA LEU A 115 -20.62 3.96 1.62
C LEU A 115 -19.54 4.39 2.61
N SER A 116 -19.34 5.71 2.75
CA SER A 116 -18.34 6.19 3.70
C SER A 116 -18.74 5.86 5.14
N HIS A 117 -20.03 5.99 5.45
CA HIS A 117 -20.51 5.60 6.78
C HIS A 117 -20.30 4.11 7.00
N PHE A 118 -20.54 3.31 5.97
CA PHE A 118 -20.33 1.87 6.07
C PHE A 118 -18.85 1.56 6.33
N HIS A 119 -17.96 2.27 5.65
CA HIS A 119 -16.53 2.09 5.91
C HIS A 119 -16.17 2.47 7.34
N ILE A 120 -16.72 3.57 7.84
CA ILE A 120 -16.44 4.00 9.21
C ILE A 120 -16.92 2.94 10.19
N PHE A 121 -18.14 2.44 10.00
CA PHE A 121 -18.69 1.42 10.88
C PHE A 121 -17.86 0.14 10.81
N ASP A 122 -17.44 -0.25 9.60
CA ASP A 122 -16.64 -1.45 9.45
C ASP A 122 -15.30 -1.30 10.18
N GLU A 123 -14.67 -0.13 10.06
CA GLU A 123 -13.41 0.09 10.77
C GLU A 123 -13.60 0.04 12.27
N LEU A 124 -14.67 0.66 12.77
CA LEU A 124 -14.93 0.62 14.21
C LEU A 124 -15.15 -0.80 14.70
N ILE A 125 -15.96 -1.57 13.96
CA ILE A 125 -16.23 -2.95 14.35
C ILE A 125 -14.96 -3.78 14.28
N SER A 126 -14.15 -3.58 13.25
CA SER A 126 -12.92 -4.36 13.11
C SER A 126 -11.95 -4.08 14.25
N GLU A 127 -11.79 -2.80 14.62
CA GLU A 127 -10.87 -2.50 15.71
C GLU A 127 -11.44 -2.92 17.05
N LEU A 128 -12.77 -2.98 17.17
CA LEU A 128 -13.36 -3.50 18.41
C LEU A 128 -13.15 -5.00 18.52
N LEU A 129 -13.25 -5.73 17.41
CA LEU A 129 -12.89 -7.14 17.41
C LEU A 129 -11.41 -7.33 17.72
N ALA A 130 -10.56 -6.49 17.16
CA ALA A 130 -9.14 -6.55 17.49
C ALA A 130 -8.91 -6.23 18.96
N ALA A 131 -9.81 -5.46 19.56
CA ALA A 131 -9.73 -5.12 20.97
C ALA A 131 -10.16 -6.27 21.89
N GLY A 132 -10.68 -7.36 21.33
CA GLY A 132 -11.04 -8.51 22.13
C GLY A 132 -12.49 -8.60 22.52
N ALA A 133 -13.39 -7.89 21.83
CA ALA A 133 -14.80 -7.93 22.12
C ALA A 133 -15.49 -8.91 21.18
N LYS A 134 -16.15 -9.91 21.76
CA LYS A 134 -16.85 -10.94 20.98
C LYS A 134 -18.17 -10.35 20.49
N ILE A 135 -18.31 -10.21 19.18
CA ILE A 135 -19.50 -9.63 18.57
C ILE A 135 -19.96 -10.55 17.45
N GLU A 136 -21.25 -10.83 17.41
CA GLU A 136 -21.83 -11.67 16.38
C GLU A 136 -22.50 -10.79 15.32
N GLU A 137 -22.85 -11.41 14.19
CA GLU A 137 -23.41 -10.67 13.07
C GLU A 137 -24.72 -10.00 13.44
N MET A 138 -25.52 -10.64 14.31
CA MET A 138 -26.75 -10.00 14.78
C MET A 138 -26.43 -8.73 15.54
N ASP A 139 -25.43 -8.78 16.43
CA ASP A 139 -25.01 -7.58 17.15
C ASP A 139 -24.47 -6.53 16.19
N LYS A 140 -23.72 -6.98 15.18
CA LYS A 140 -23.20 -6.05 14.17
C LYS A 140 -24.34 -5.31 13.48
N ILE A 141 -25.37 -6.04 13.05
CA ILE A 141 -26.50 -5.42 12.38
C ILE A 141 -27.24 -4.48 13.32
N SER A 142 -27.47 -4.92 14.56
CA SER A 142 -28.19 -4.10 15.52
C SER A 142 -27.47 -2.78 15.77
N HIS A 143 -26.14 -2.85 15.94
CA HIS A 143 -25.37 -1.63 16.14
C HIS A 143 -25.42 -0.74 14.91
N LEU A 144 -25.41 -1.33 13.71
CA LEU A 144 -25.46 -0.53 12.49
C LEU A 144 -26.79 0.18 12.35
N LEU A 145 -27.90 -0.53 12.56
CA LEU A 145 -29.23 0.00 12.28
C LEU A 145 -29.62 1.18 13.15
N ILE A 146 -28.94 1.40 14.28
CA ILE A 146 -29.34 2.44 15.22
C ILE A 146 -28.59 3.74 14.98
N THR A 147 -27.91 3.87 13.84
CA THR A 147 -27.18 5.09 13.51
C THR A 147 -27.75 5.86 12.34
N LEU A 148 -28.85 5.40 11.76
CA LEU A 148 -29.31 5.98 10.51
C LEU A 148 -30.44 6.99 10.74
N PRO A 149 -30.59 7.97 9.84
CA PRO A 149 -31.61 9.01 10.05
C PRO A 149 -33.03 8.49 9.88
N SER A 150 -34.00 9.38 10.08
CA SER A 150 -35.41 8.98 10.03
C SER A 150 -35.88 8.61 8.63
N CYS A 151 -35.19 9.09 7.58
CA CYS A 151 -35.61 8.77 6.23
C CYS A 151 -35.52 7.28 5.92
N TYR A 152 -34.78 6.52 6.72
CA TYR A 152 -34.59 5.09 6.51
C TYR A 152 -35.40 4.24 7.46
N ASP A 153 -36.35 4.82 8.19
CA ASP A 153 -37.10 4.06 9.18
C ASP A 153 -37.90 2.94 8.54
N GLY A 154 -38.51 3.19 7.38
CA GLY A 154 -39.33 2.17 6.75
C GLY A 154 -38.55 0.90 6.44
N ILE A 155 -37.29 1.04 6.06
CA ILE A 155 -36.49 -0.13 5.73
C ILE A 155 -35.90 -0.80 6.97
N ILE A 156 -35.55 -0.03 8.00
CA ILE A 156 -34.99 -0.65 9.20
C ILE A 156 -36.06 -1.44 9.94
N THR A 157 -37.27 -0.88 10.03
CA THR A 157 -38.37 -1.65 10.60
C THR A 157 -38.64 -2.91 9.78
N ALA A 158 -38.67 -2.77 8.45
CA ALA A 158 -38.94 -3.92 7.60
C ALA A 158 -37.91 -5.02 7.80
N ILE A 159 -36.63 -4.66 7.88
CA ILE A 159 -35.59 -5.66 8.03
C ILE A 159 -35.64 -6.27 9.44
N GLU A 160 -35.99 -5.47 10.45
CA GLU A 160 -35.99 -6.04 11.80
C GLU A 160 -37.19 -6.95 12.05
N THR A 161 -38.32 -6.73 11.37
CA THR A 161 -39.42 -7.70 11.49
C THR A 161 -39.15 -9.01 10.76
N LEU A 162 -38.06 -9.09 9.99
CA LEU A 162 -37.74 -10.33 9.29
C LEU A 162 -37.49 -11.45 10.30
N SER A 163 -37.69 -12.68 9.83
CA SER A 163 -37.61 -13.89 10.66
C SER A 163 -36.21 -14.18 11.19
N GLU A 164 -35.24 -13.30 10.94
CA GLU A 164 -33.87 -13.45 11.44
C GLU A 164 -33.29 -14.74 10.85
N GLU A 165 -32.91 -15.73 11.66
CA GLU A 165 -32.29 -16.95 11.18
C GLU A 165 -31.03 -16.66 10.37
N ASN A 166 -31.08 -16.96 9.06
CA ASN A 166 -29.91 -16.81 8.20
C ASN A 166 -30.04 -15.49 7.43
N LEU A 167 -29.52 -14.43 8.03
CA LEU A 167 -29.35 -13.15 7.36
C LEU A 167 -27.95 -12.65 7.66
N THR A 168 -27.33 -12.03 6.66
CA THR A 168 -25.96 -11.58 6.77
C THR A 168 -25.89 -10.05 6.76
N LEU A 169 -24.78 -9.53 7.29
CA LEU A 169 -24.57 -8.09 7.32
C LEU A 169 -24.52 -7.51 5.91
N ALA A 170 -23.88 -8.22 4.98
CA ALA A 170 -23.78 -7.72 3.61
C ALA A 170 -25.15 -7.58 2.96
N PHE A 171 -26.08 -8.51 3.28
CA PHE A 171 -27.44 -8.40 2.78
C PHE A 171 -28.09 -7.11 3.27
N VAL A 172 -27.89 -6.78 4.54
CA VAL A 172 -28.42 -5.53 5.10
C VAL A 172 -27.79 -4.34 4.39
N LYS A 173 -26.48 -4.41 4.13
CA LYS A 173 -25.83 -3.32 3.41
C LYS A 173 -26.43 -3.13 2.02
N ASN A 174 -26.69 -4.23 1.32
CA ASN A 174 -27.30 -4.14 -0.01
C ASN A 174 -28.68 -3.50 0.08
N ARG A 175 -29.49 -3.92 1.06
CA ARG A 175 -30.82 -3.34 1.19
C ARG A 175 -30.74 -1.85 1.49
N LEU A 176 -29.82 -1.45 2.36
CA LEU A 176 -29.70 -0.02 2.68
C LEU A 176 -29.17 0.77 1.49
N LEU A 177 -28.27 0.19 0.69
CA LEU A 177 -27.83 0.87 -0.53
C LEU A 177 -28.99 1.07 -1.49
N ASP A 178 -29.84 0.06 -1.65
CA ASP A 178 -31.02 0.22 -2.50
C ASP A 178 -31.95 1.29 -1.95
N GLN A 179 -32.11 1.33 -0.62
CA GLN A 179 -32.95 2.36 -0.01
C GLN A 179 -32.37 3.75 -0.23
N GLU A 180 -31.05 3.89 -0.14
CA GLU A 180 -30.40 5.16 -0.45
C GLU A 180 -30.64 5.55 -1.90
N ILE A 181 -30.52 4.60 -2.82
CA ILE A 181 -30.77 4.90 -4.23
C ILE A 181 -32.20 5.38 -4.43
N LYS A 182 -33.16 4.70 -3.78
CA LYS A 182 -34.56 5.10 -3.92
C LYS A 182 -34.83 6.47 -3.31
N ILE A 183 -34.25 6.76 -2.13
CA ILE A 183 -34.53 8.02 -1.47
C ILE A 183 -33.79 9.17 -2.13
N LYS A 184 -32.74 8.85 -2.91
CA LYS A 184 -31.98 9.90 -3.57
C LYS A 184 -32.82 10.65 -4.59
N ASN A 185 -33.72 9.95 -5.28
CA ASN A 185 -34.54 10.58 -6.31
C ASN A 185 -35.46 11.66 -5.75
N ASP A 186 -35.81 11.59 -4.47
CA ASP A 186 -36.73 12.54 -3.86
C ASP A 186 -35.99 13.71 -3.20
N HIS A 187 -35.13 13.41 -2.23
CA HIS A 187 -34.37 14.47 -1.56
C HIS A 187 -33.25 14.97 -2.44
N ALA B 4 -0.05 -13.07 -25.95
CA ALA B 4 1.19 -12.87 -26.70
C ALA B 4 1.34 -11.41 -27.11
N LYS B 5 0.39 -10.93 -27.91
CA LYS B 5 0.42 -9.55 -28.38
C LYS B 5 -0.48 -8.69 -27.52
N ARG B 6 0.08 -7.63 -26.92
CA ARG B 6 -0.62 -6.83 -25.92
C ARG B 6 -0.82 -5.38 -26.35
N ASN B 7 -0.58 -5.06 -27.62
CA ASN B 7 -0.84 -3.72 -28.12
C ASN B 7 -2.29 -3.52 -28.54
N ILE B 8 -3.07 -4.59 -28.61
CA ILE B 8 -4.46 -4.51 -29.04
C ILE B 8 -5.28 -3.87 -27.94
N LYS B 9 -5.80 -2.68 -28.21
CA LYS B 9 -6.67 -2.00 -27.26
C LYS B 9 -7.95 -2.81 -27.10
N PRO B 10 -8.40 -3.07 -25.87
CA PRO B 10 -9.65 -3.81 -25.68
C PRO B 10 -10.81 -3.10 -26.35
N PHE B 11 -11.71 -3.89 -26.95
CA PHE B 11 -12.80 -3.34 -27.73
C PHE B 11 -13.76 -2.58 -26.83
N ASP B 12 -13.86 -1.26 -27.04
CA ASP B 12 -14.74 -0.40 -26.27
C ASP B 12 -15.98 -0.01 -27.06
N GLY B 13 -16.19 -0.63 -28.22
CA GLY B 13 -17.31 -0.29 -29.07
C GLY B 13 -16.97 0.60 -30.24
N GLU B 14 -15.70 0.90 -30.47
CA GLU B 14 -15.28 1.77 -31.55
C GLU B 14 -14.15 1.10 -32.32
N LYS B 15 -14.01 1.49 -33.59
CA LYS B 15 -12.90 1.03 -34.44
C LYS B 15 -12.84 -0.50 -34.50
N TYR B 16 -14.02 -1.10 -34.73
CA TYR B 16 -14.10 -2.56 -34.68
C TYR B 16 -13.24 -3.22 -35.75
N ALA B 17 -13.02 -2.55 -36.88
CA ALA B 17 -12.19 -3.14 -37.92
C ALA B 17 -10.77 -3.40 -37.41
N ILE B 18 -10.19 -2.40 -36.73
CA ILE B 18 -8.84 -2.55 -36.20
C ILE B 18 -8.78 -3.64 -35.15
N TRP B 19 -9.73 -3.64 -34.22
CA TRP B 19 -9.74 -4.64 -33.16
C TRP B 19 -9.89 -6.04 -33.73
N LYS B 20 -10.81 -6.21 -34.69
CA LYS B 20 -11.00 -7.51 -35.32
C LYS B 20 -9.76 -7.95 -36.06
N PHE B 21 -9.12 -7.04 -36.79
CA PHE B 21 -7.91 -7.40 -37.53
C PHE B 21 -6.79 -7.83 -36.59
N ARG B 22 -6.60 -7.09 -35.50
CA ARG B 22 -5.54 -7.46 -34.56
C ARG B 22 -5.84 -8.78 -33.87
N ILE B 23 -7.10 -9.00 -33.47
CA ILE B 23 -7.47 -10.28 -32.88
C ILE B 23 -7.24 -11.42 -33.86
N ARG B 24 -7.61 -11.19 -35.13
CA ARG B 24 -7.40 -12.20 -36.17
C ARG B 24 -5.93 -12.51 -36.35
N ALA B 25 -5.08 -11.48 -36.36
CA ALA B 25 -3.65 -11.70 -36.49
C ALA B 25 -3.10 -12.48 -35.30
N LEU B 26 -3.53 -12.12 -34.10
CA LEU B 26 -3.07 -12.83 -32.91
C LEU B 26 -3.48 -14.29 -32.93
N LEU B 27 -4.72 -14.56 -33.36
CA LEU B 27 -5.16 -15.94 -33.51
C LEU B 27 -4.33 -16.68 -34.56
N ALA B 28 -4.01 -16.00 -35.66
CA ALA B 28 -3.15 -16.60 -36.67
C ALA B 28 -1.77 -16.92 -36.11
N GLU B 29 -1.30 -16.13 -35.13
CA GLU B 29 0.01 -16.41 -34.53
C GLU B 29 0.00 -17.74 -33.80
N GLN B 30 -1.11 -18.07 -33.13
CA GLN B 30 -1.19 -19.28 -32.33
C GLN B 30 -1.79 -20.47 -33.07
N ASP B 31 -1.87 -20.40 -34.41
CA ASP B 31 -2.47 -21.47 -35.21
C ASP B 31 -3.90 -21.76 -34.78
N VAL B 32 -4.64 -20.69 -34.47
CA VAL B 32 -6.02 -20.83 -34.01
C VAL B 32 -7.02 -20.30 -35.01
N LEU B 33 -6.60 -19.45 -35.95
CA LEU B 33 -7.53 -18.83 -36.90
C LEU B 33 -8.27 -19.86 -37.74
N LYS B 34 -7.75 -21.07 -37.86
CA LYS B 34 -8.45 -22.12 -38.59
C LYS B 34 -9.79 -22.46 -37.96
N VAL B 35 -9.96 -22.22 -36.66
CA VAL B 35 -11.26 -22.40 -36.04
C VAL B 35 -12.27 -21.39 -36.60
N VAL B 36 -11.88 -20.12 -36.61
CA VAL B 36 -12.81 -19.07 -37.04
C VAL B 36 -13.10 -19.18 -38.54
N ASP B 37 -12.06 -19.37 -39.34
CA ASP B 37 -12.26 -19.33 -40.79
C ASP B 37 -12.49 -20.72 -41.39
N GLY B 38 -11.81 -21.74 -40.89
CA GLY B 38 -12.00 -23.08 -41.43
C GLY B 38 -13.35 -23.66 -41.09
N LEU B 39 -13.80 -24.58 -41.94
CA LEU B 39 -15.09 -25.23 -41.74
C LEU B 39 -15.05 -26.16 -40.53
N MET B 40 -16.24 -26.49 -40.05
CA MET B 40 -16.34 -27.40 -38.91
C MET B 40 -16.03 -28.82 -39.36
N PRO B 41 -15.01 -29.48 -38.79
CA PRO B 41 -14.76 -30.87 -39.13
C PRO B 41 -15.90 -31.76 -38.67
N ASN B 42 -16.12 -32.85 -39.41
CA ASN B 42 -17.17 -33.79 -39.03
C ASN B 42 -16.91 -34.38 -37.65
N GLU B 43 -15.66 -34.72 -37.36
CA GLU B 43 -15.25 -35.14 -36.03
C GLU B 43 -14.30 -34.09 -35.47
N VAL B 44 -14.40 -33.85 -34.16
CA VAL B 44 -13.59 -32.85 -33.48
C VAL B 44 -12.68 -33.57 -32.49
N ASP B 45 -11.39 -33.26 -32.54
CA ASP B 45 -10.38 -33.89 -31.72
C ASP B 45 -9.96 -32.94 -30.58
N ASP B 46 -8.97 -33.38 -29.81
CA ASP B 46 -8.49 -32.56 -28.70
C ASP B 46 -7.82 -31.29 -29.20
N SER B 47 -7.14 -31.35 -30.35
CA SER B 47 -6.51 -30.16 -30.90
C SER B 47 -7.55 -29.11 -31.25
N TRP B 48 -8.67 -29.53 -31.85
CA TRP B 48 -9.74 -28.61 -32.17
C TRP B 48 -10.33 -27.99 -30.92
N LYS B 49 -10.53 -28.81 -29.88
CA LYS B 49 -11.06 -28.29 -28.63
C LYS B 49 -10.12 -27.27 -27.99
N LYS B 50 -8.81 -27.57 -28.01
CA LYS B 50 -7.83 -26.64 -27.46
C LYS B 50 -7.83 -25.33 -28.24
N ALA B 51 -7.90 -25.42 -29.58
CA ALA B 51 -7.93 -24.22 -30.39
C ALA B 51 -9.17 -23.39 -30.11
N GLU B 52 -10.33 -24.04 -29.99
CA GLU B 52 -11.56 -23.31 -29.68
C GLU B 52 -11.47 -22.64 -28.31
N ARG B 53 -10.97 -23.35 -27.31
CA ARG B 53 -10.85 -22.79 -25.97
C ARG B 53 -9.90 -21.59 -25.97
N CYS B 54 -8.76 -21.73 -26.63
CA CYS B 54 -7.79 -20.63 -26.68
C CYS B 54 -8.36 -19.43 -27.42
N ALA B 55 -9.08 -19.67 -28.51
CA ALA B 55 -9.71 -18.57 -29.24
C ALA B 55 -10.72 -17.85 -28.37
N LYS B 56 -11.56 -18.59 -27.66
CA LYS B 56 -12.55 -17.98 -26.79
C LYS B 56 -11.88 -17.16 -25.71
N SER B 57 -10.84 -17.73 -25.08
CA SER B 57 -10.14 -17.00 -24.02
C SER B 57 -9.50 -15.73 -24.54
N THR B 58 -8.83 -15.80 -25.69
CA THR B 58 -8.15 -14.64 -26.25
C THR B 58 -9.16 -13.54 -26.62
N ILE B 59 -10.27 -13.93 -27.24
CA ILE B 59 -11.28 -12.95 -27.61
C ILE B 59 -11.87 -12.30 -26.37
N ILE B 60 -12.17 -13.10 -25.34
CA ILE B 60 -12.75 -12.56 -24.12
C ILE B 60 -11.79 -11.60 -23.43
N GLU B 61 -10.51 -11.97 -23.34
CA GLU B 61 -9.59 -11.21 -22.52
C GLU B 61 -9.22 -9.87 -23.15
N TYR B 62 -9.35 -9.76 -24.48
CA TYR B 62 -9.18 -8.47 -25.15
C TYR B 62 -10.50 -7.74 -25.35
N LEU B 63 -11.52 -8.05 -24.55
CA LEU B 63 -12.79 -7.35 -24.58
C LEU B 63 -12.89 -6.48 -23.34
N SER B 64 -13.36 -5.25 -23.51
CA SER B 64 -13.60 -4.38 -22.37
C SER B 64 -14.72 -4.98 -21.50
N ASP B 65 -14.77 -4.54 -20.25
CA ASP B 65 -15.69 -5.13 -19.28
C ASP B 65 -17.14 -4.99 -19.74
N SER B 66 -17.48 -3.85 -20.34
CA SER B 66 -18.86 -3.60 -20.74
C SER B 66 -19.33 -4.53 -21.85
N PHE B 67 -18.43 -5.24 -22.53
CA PHE B 67 -18.80 -6.06 -23.67
C PHE B 67 -18.73 -7.55 -23.39
N LEU B 68 -18.60 -7.96 -22.13
CA LEU B 68 -18.53 -9.38 -21.81
C LEU B 68 -19.81 -10.11 -22.16
N ASN B 69 -20.96 -9.43 -22.15
CA ASN B 69 -22.23 -10.09 -22.46
C ASN B 69 -22.23 -10.76 -23.81
N PHE B 70 -21.43 -10.26 -24.76
CA PHE B 70 -21.33 -10.88 -26.07
C PHE B 70 -20.66 -12.24 -26.03
N ALA B 71 -20.04 -12.61 -24.91
CA ALA B 71 -19.40 -13.90 -24.78
C ALA B 71 -19.82 -14.68 -23.54
N THR B 72 -20.74 -14.17 -22.72
CA THR B 72 -21.18 -14.90 -21.53
C THR B 72 -21.85 -16.21 -21.90
N SER B 73 -22.67 -16.21 -22.94
CA SER B 73 -23.37 -17.41 -23.34
C SER B 73 -22.38 -18.44 -23.91
N ASP B 74 -22.80 -19.70 -23.88
CA ASP B 74 -21.97 -20.80 -24.37
C ASP B 74 -22.00 -20.77 -25.89
N ILE B 75 -21.21 -19.85 -26.46
CA ILE B 75 -21.10 -19.68 -27.89
C ILE B 75 -19.63 -19.73 -28.27
N THR B 76 -19.34 -20.37 -29.40
CA THR B 76 -17.97 -20.46 -29.88
C THR B 76 -17.46 -19.09 -30.28
N ALA B 77 -16.13 -18.98 -30.40
CA ALA B 77 -15.51 -17.71 -30.78
C ALA B 77 -16.04 -17.24 -32.14
N ARG B 78 -16.34 -18.18 -33.03
CA ARG B 78 -16.92 -17.82 -34.31
C ARG B 78 -18.25 -17.10 -34.13
N GLN B 79 -19.10 -17.61 -33.23
CA GLN B 79 -20.37 -16.96 -32.97
C GLN B 79 -20.17 -15.56 -32.41
N ILE B 80 -19.19 -15.40 -31.51
CA ILE B 80 -18.91 -14.10 -30.92
C ILE B 80 -18.52 -13.10 -32.01
N LEU B 81 -17.57 -13.49 -32.87
CA LEU B 81 -17.13 -12.61 -33.92
C LEU B 81 -18.25 -12.30 -34.90
N GLU B 82 -19.08 -13.30 -35.22
CA GLU B 82 -20.19 -13.10 -36.14
C GLU B 82 -21.20 -12.12 -35.56
N ASN B 83 -21.53 -12.26 -34.28
CA ASN B 83 -22.47 -11.34 -33.65
C ASN B 83 -21.90 -9.92 -33.62
N LEU B 84 -20.61 -9.78 -33.29
CA LEU B 84 -20.01 -8.45 -33.26
C LEU B 84 -20.00 -7.82 -34.64
N ASP B 85 -19.67 -8.59 -35.67
CA ASP B 85 -19.70 -8.08 -37.03
C ASP B 85 -21.10 -7.66 -37.43
N ALA B 86 -22.10 -8.49 -37.08
CA ALA B 86 -23.48 -8.16 -37.41
C ALA B 86 -23.93 -6.87 -36.74
N VAL B 87 -23.55 -6.68 -35.46
CA VAL B 87 -24.04 -5.51 -34.75
C VAL B 87 -23.25 -4.26 -35.13
N TYR B 88 -22.05 -4.44 -35.68
CA TYR B 88 -21.19 -3.29 -35.94
C TYR B 88 -20.82 -3.07 -37.40
N GLU B 89 -20.96 -4.08 -38.26
CA GLU B 89 -20.80 -3.92 -39.70
C GLU B 89 -21.99 -4.60 -40.38
N ARG B 90 -23.04 -3.83 -40.61
CA ARG B 90 -24.26 -4.30 -41.24
C ARG B 90 -24.30 -3.91 -42.70
N LYS B 91 -24.52 -4.91 -43.56
CA LYS B 91 -24.51 -4.73 -45.01
C LYS B 91 -25.86 -4.17 -45.42
N SER B 92 -26.00 -2.86 -45.32
CA SER B 92 -27.24 -2.16 -45.64
C SER B 92 -26.99 -1.14 -46.73
N LEU B 93 -27.91 -1.08 -47.70
CA LEU B 93 -27.75 -0.18 -48.82
C LEU B 93 -27.75 1.28 -48.40
N ALA B 94 -28.59 1.65 -47.42
CA ALA B 94 -28.66 3.04 -47.00
C ALA B 94 -27.33 3.53 -46.46
N SER B 95 -26.62 2.68 -45.73
CA SER B 95 -25.29 3.04 -45.26
C SER B 95 -24.36 3.33 -46.43
N GLN B 96 -24.40 2.48 -47.46
CA GLN B 96 -23.56 2.70 -48.64
C GLN B 96 -23.91 4.00 -49.33
N LEU B 97 -25.21 4.30 -49.47
CA LEU B 97 -25.61 5.54 -50.14
C LEU B 97 -25.17 6.76 -49.35
N ALA B 98 -25.33 6.75 -48.02
CA ALA B 98 -24.87 7.89 -47.23
C ALA B 98 -23.36 8.02 -47.29
N LEU B 99 -22.64 6.90 -47.25
CA LEU B 99 -21.18 6.92 -47.35
C LEU B 99 -20.71 7.49 -48.68
N ARG B 100 -21.35 7.09 -49.78
CA ARG B 100 -20.94 7.56 -51.09
C ARG B 100 -21.10 9.07 -51.24
N LYS B 101 -22.22 9.62 -50.74
CA LYS B 101 -22.40 11.07 -50.78
C LYS B 101 -21.29 11.79 -50.04
N ARG B 102 -20.95 11.32 -48.83
CA ARG B 102 -19.84 11.90 -48.09
C ARG B 102 -18.52 11.71 -48.83
N LEU B 103 -18.30 10.51 -49.37
CA LEU B 103 -17.05 10.24 -50.08
C LEU B 103 -16.92 11.08 -51.33
N LEU B 104 -18.02 11.32 -52.04
CA LEU B 104 -18.02 12.16 -53.22
C LEU B 104 -17.74 13.63 -52.89
N SER B 105 -17.85 14.02 -51.62
CA SER B 105 -17.67 15.41 -51.23
C SER B 105 -16.46 15.57 -50.31
N LEU B 106 -15.46 14.69 -50.43
CA LEU B 106 -14.27 14.73 -49.59
C LEU B 106 -13.20 15.55 -50.30
N LYS B 107 -13.11 16.83 -49.94
CA LYS B 107 -12.10 17.68 -50.53
C LYS B 107 -10.87 17.76 -49.63
N LEU B 108 -9.79 18.28 -50.21
CA LEU B 108 -8.55 18.51 -49.49
C LEU B 108 -8.60 19.87 -48.80
N SER B 109 -8.57 19.86 -47.48
CA SER B 109 -8.33 21.07 -46.73
C SER B 109 -6.86 21.47 -46.87
N SER B 110 -6.62 22.78 -46.96
CA SER B 110 -5.27 23.28 -47.20
C SER B 110 -4.32 22.89 -46.07
N GLU B 111 -4.78 23.01 -44.82
CA GLU B 111 -3.92 22.78 -43.67
C GLU B 111 -3.54 21.32 -43.47
N MET B 112 -4.20 20.39 -44.15
CA MET B 112 -4.02 18.96 -43.93
C MET B 112 -3.32 18.35 -45.14
N SER B 113 -2.26 17.58 -44.87
CA SER B 113 -1.39 17.08 -45.92
C SER B 113 -1.97 15.83 -46.57
N LEU B 114 -1.36 15.42 -47.68
CA LEU B 114 -1.88 14.30 -48.47
C LEU B 114 -1.84 12.98 -47.71
N LEU B 115 -0.94 12.81 -46.74
CA LEU B 115 -0.91 11.56 -46.00
C LEU B 115 -2.20 11.38 -45.19
N SER B 116 -2.61 12.42 -44.47
CA SER B 116 -3.82 12.31 -43.67
C SER B 116 -5.06 12.15 -44.55
N HIS B 117 -5.09 12.84 -45.70
CA HIS B 117 -6.22 12.69 -46.61
C HIS B 117 -6.28 11.29 -47.20
N PHE B 118 -5.12 10.72 -47.52
CA PHE B 118 -5.09 9.33 -48.01
C PHE B 118 -5.59 8.39 -46.93
N HIS B 119 -5.18 8.62 -45.68
CA HIS B 119 -5.71 7.82 -44.57
C HIS B 119 -7.22 7.94 -44.47
N ILE B 120 -7.73 9.17 -44.57
CA ILE B 120 -9.17 9.41 -44.46
C ILE B 120 -9.92 8.66 -45.54
N PHE B 121 -9.48 8.82 -46.80
CA PHE B 121 -10.05 8.04 -47.88
C PHE B 121 -9.93 6.56 -47.60
N ASP B 122 -8.86 6.15 -46.92
CA ASP B 122 -8.66 4.73 -46.65
C ASP B 122 -9.74 4.18 -45.74
N GLU B 123 -10.03 4.85 -44.61
CA GLU B 123 -11.08 4.26 -43.76
C GLU B 123 -12.45 4.46 -44.40
N LEU B 124 -12.60 5.51 -45.23
CA LEU B 124 -13.86 5.68 -45.95
C LEU B 124 -14.12 4.51 -46.89
N ILE B 125 -13.13 4.18 -47.73
CA ILE B 125 -13.31 3.07 -48.65
C ILE B 125 -13.39 1.74 -47.90
N SER B 126 -12.71 1.66 -46.75
CA SER B 126 -12.79 0.44 -45.95
C SER B 126 -14.18 0.23 -45.39
N GLU B 127 -14.81 1.28 -44.86
CA GLU B 127 -16.18 1.15 -44.35
C GLU B 127 -17.16 0.90 -45.48
N LEU B 128 -16.93 1.52 -46.65
CA LEU B 128 -17.78 1.21 -47.80
C LEU B 128 -17.67 -0.26 -48.18
N LEU B 129 -16.45 -0.81 -48.18
CA LEU B 129 -16.28 -2.24 -48.45
C LEU B 129 -16.89 -3.10 -47.36
N ALA B 130 -16.92 -2.61 -46.11
CA ALA B 130 -17.55 -3.38 -45.04
C ALA B 130 -19.03 -3.58 -45.31
N ALA B 131 -19.71 -2.54 -45.77
CA ALA B 131 -21.08 -2.66 -46.22
C ALA B 131 -21.11 -3.37 -47.58
N GLY B 132 -22.30 -3.73 -48.04
CA GLY B 132 -22.43 -4.49 -49.26
C GLY B 132 -22.14 -3.69 -50.52
N ALA B 133 -20.96 -3.08 -50.58
CA ALA B 133 -20.53 -2.33 -51.75
C ALA B 133 -19.32 -3.01 -52.39
N LYS B 134 -19.32 -3.05 -53.72
CA LYS B 134 -18.26 -3.68 -54.49
C LYS B 134 -17.51 -2.60 -55.24
N ILE B 135 -16.33 -2.23 -54.73
CA ILE B 135 -15.49 -1.20 -55.33
C ILE B 135 -14.11 -1.79 -55.56
N GLU B 136 -13.64 -1.73 -56.81
CA GLU B 136 -12.33 -2.24 -57.17
C GLU B 136 -11.30 -1.12 -57.07
N GLU B 137 -10.07 -1.41 -57.46
CA GLU B 137 -9.00 -0.42 -57.37
C GLU B 137 -9.25 0.78 -58.27
N MET B 138 -9.88 0.56 -59.43
CA MET B 138 -10.04 1.64 -60.39
C MET B 138 -11.02 2.69 -59.89
N ASP B 139 -12.13 2.26 -59.27
CA ASP B 139 -13.05 3.23 -58.68
C ASP B 139 -12.39 4.00 -57.54
N LYS B 140 -11.55 3.31 -56.74
CA LYS B 140 -10.79 4.01 -55.71
C LYS B 140 -9.90 5.08 -56.32
N ILE B 141 -9.22 4.75 -57.43
CA ILE B 141 -8.36 5.72 -58.09
C ILE B 141 -9.15 6.90 -58.59
N SER B 142 -10.29 6.64 -59.24
CA SER B 142 -11.11 7.74 -59.76
C SER B 142 -11.60 8.62 -58.62
N HIS B 143 -12.00 8.01 -57.51
CA HIS B 143 -12.46 8.80 -56.36
C HIS B 143 -11.34 9.67 -55.81
N LEU B 144 -10.13 9.11 -55.67
CA LEU B 144 -8.99 9.93 -55.29
C LEU B 144 -8.82 11.11 -56.24
N LEU B 145 -8.86 10.86 -57.54
CA LEU B 145 -8.55 11.91 -58.49
C LEU B 145 -9.63 12.99 -58.51
N ILE B 146 -10.86 12.64 -58.15
CA ILE B 146 -11.91 13.67 -58.04
C ILE B 146 -11.93 14.34 -56.68
N THR B 147 -11.11 13.91 -55.74
CA THR B 147 -11.02 14.50 -54.41
C THR B 147 -9.75 15.32 -54.20
N LEU B 148 -9.33 16.07 -55.21
CA LEU B 148 -8.13 16.89 -55.10
C LEU B 148 -8.42 18.32 -55.51
N PRO B 149 -7.68 19.28 -54.96
CA PRO B 149 -7.91 20.69 -55.32
C PRO B 149 -7.41 21.02 -56.72
N SER B 150 -7.61 22.26 -57.15
CA SER B 150 -7.27 22.68 -58.50
C SER B 150 -5.78 22.64 -58.79
N CYS B 151 -4.93 22.70 -57.77
CA CYS B 151 -3.48 22.74 -58.01
C CYS B 151 -2.95 21.45 -58.60
N TYR B 152 -3.73 20.37 -58.59
CA TYR B 152 -3.27 19.07 -59.04
C TYR B 152 -3.73 18.75 -60.45
N ASP B 153 -4.34 19.71 -61.15
CA ASP B 153 -5.00 19.42 -62.43
C ASP B 153 -4.04 18.76 -63.42
N GLY B 154 -2.79 19.23 -63.47
CA GLY B 154 -1.84 18.64 -64.40
C GLY B 154 -1.60 17.16 -64.13
N ILE B 155 -1.36 16.82 -62.86
CA ILE B 155 -1.06 15.43 -62.54
C ILE B 155 -2.30 14.56 -62.69
N ILE B 156 -3.49 15.09 -62.38
CA ILE B 156 -4.70 14.28 -62.56
C ILE B 156 -4.93 14.00 -64.03
N THR B 157 -4.74 15.01 -64.89
CA THR B 157 -4.90 14.79 -66.32
C THR B 157 -3.87 13.79 -66.84
N ALA B 158 -2.62 13.91 -66.38
CA ALA B 158 -1.58 12.99 -66.82
C ALA B 158 -1.89 11.56 -66.39
N ILE B 159 -2.30 11.37 -65.14
CA ILE B 159 -2.53 10.02 -64.63
C ILE B 159 -3.76 9.40 -65.28
N GLU B 160 -4.75 10.21 -65.63
CA GLU B 160 -5.91 9.67 -66.32
C GLU B 160 -5.57 9.17 -67.73
N THR B 161 -4.59 9.81 -68.39
CA THR B 161 -4.24 9.41 -69.74
C THR B 161 -3.55 8.05 -69.79
N LEU B 162 -2.94 7.61 -68.70
CA LEU B 162 -2.23 6.33 -68.70
C LEU B 162 -3.20 5.18 -68.89
N SER B 163 -2.69 4.09 -69.45
CA SER B 163 -3.51 2.92 -69.73
C SER B 163 -4.02 2.30 -68.42
N GLU B 164 -5.28 1.87 -68.43
CA GLU B 164 -5.95 1.41 -67.21
C GLU B 164 -5.80 -0.10 -67.01
N GLU B 165 -4.56 -0.60 -67.06
CA GLU B 165 -4.28 -1.97 -66.68
C GLU B 165 -3.07 -2.13 -65.78
N ASN B 166 -2.13 -1.19 -65.78
CA ASN B 166 -0.99 -1.22 -64.88
C ASN B 166 -1.13 -0.24 -63.73
N LEU B 167 -2.22 0.51 -63.67
CA LEU B 167 -2.40 1.51 -62.62
C LEU B 167 -2.61 0.83 -61.28
N THR B 168 -1.94 1.34 -60.25
CA THR B 168 -2.06 0.82 -58.89
C THR B 168 -2.20 1.98 -57.93
N LEU B 169 -2.80 1.70 -56.77
CA LEU B 169 -2.98 2.72 -55.75
C LEU B 169 -1.65 3.26 -55.27
N ALA B 170 -0.67 2.38 -55.08
CA ALA B 170 0.65 2.82 -54.63
C ALA B 170 1.29 3.76 -55.65
N PHE B 171 1.19 3.43 -56.94
CA PHE B 171 1.79 4.26 -57.97
C PHE B 171 1.17 5.66 -57.99
N VAL B 172 -0.16 5.74 -58.04
CA VAL B 172 -0.81 7.04 -58.11
C VAL B 172 -0.56 7.83 -56.83
N LYS B 173 -0.52 7.14 -55.69
CA LYS B 173 -0.22 7.82 -54.44
C LYS B 173 1.20 8.40 -54.45
N ASN B 174 2.16 7.65 -54.99
CA ASN B 174 3.53 8.15 -55.08
C ASN B 174 3.62 9.37 -55.99
N ARG B 175 2.96 9.32 -57.14
CA ARG B 175 2.99 10.49 -58.03
C ARG B 175 2.32 11.69 -57.38
N LEU B 176 1.20 11.47 -56.68
CA LEU B 176 0.55 12.57 -55.98
C LEU B 176 1.44 13.16 -54.90
N LEU B 177 2.16 12.31 -54.17
CA LEU B 177 3.08 12.80 -53.15
C LEU B 177 4.21 13.61 -53.76
N ASP B 178 4.74 13.16 -54.89
CA ASP B 178 5.79 13.92 -55.58
C ASP B 178 5.26 15.28 -56.03
N GLN B 179 4.04 15.29 -56.58
CA GLN B 179 3.44 16.54 -57.01
C GLN B 179 3.22 17.47 -55.82
N GLU B 180 2.81 16.91 -54.67
CA GLU B 180 2.66 17.68 -53.45
C GLU B 180 3.99 18.31 -53.04
N ILE B 181 5.07 17.52 -53.11
CA ILE B 181 6.39 18.05 -52.81
C ILE B 181 6.71 19.22 -53.72
N LYS B 182 6.38 19.09 -55.00
CA LYS B 182 6.65 20.16 -55.95
C LYS B 182 5.84 21.42 -55.61
N ILE B 183 4.56 21.25 -55.29
CA ILE B 183 3.68 22.40 -55.09
C ILE B 183 4.09 23.20 -53.86
N LYS B 184 4.43 22.50 -52.77
CA LYS B 184 4.81 23.18 -51.54
C LYS B 184 5.95 24.17 -51.74
N ASN B 185 6.88 23.85 -52.65
CA ASN B 185 7.93 24.80 -52.99
C ASN B 185 7.39 26.03 -53.70
N ASP B 186 6.25 25.92 -54.36
CA ASP B 186 5.68 27.00 -55.15
C ASP B 186 4.68 27.84 -54.37
N HIS B 187 4.48 27.55 -53.09
CA HIS B 187 3.54 28.31 -52.27
C HIS B 187 4.16 28.65 -50.92
N ALA C 4 15.32 -7.79 -19.89
CA ALA C 4 14.90 -8.21 -18.55
C ALA C 4 14.68 -7.00 -17.64
N LYS C 5 15.77 -6.46 -17.11
CA LYS C 5 15.67 -5.32 -16.20
C LYS C 5 15.31 -4.06 -16.98
N ARG C 6 14.32 -3.32 -16.45
CA ARG C 6 13.87 -2.09 -17.07
C ARG C 6 14.34 -0.85 -16.31
N ASN C 7 15.30 -1.00 -15.40
CA ASN C 7 15.81 0.10 -14.63
C ASN C 7 16.76 1.01 -15.42
N ILE C 8 17.32 0.51 -16.52
CA ILE C 8 18.30 1.27 -17.28
C ILE C 8 17.56 2.25 -18.19
N LYS C 9 17.66 3.53 -17.86
CA LYS C 9 17.05 4.54 -18.71
C LYS C 9 17.77 4.57 -20.06
N PRO C 10 17.05 4.76 -21.16
CA PRO C 10 17.71 4.82 -22.47
C PRO C 10 18.69 5.98 -22.53
N PHE C 11 19.81 5.74 -23.22
CA PHE C 11 20.85 6.77 -23.32
C PHE C 11 20.35 7.95 -24.12
N ASP C 12 20.37 9.13 -23.50
CA ASP C 12 19.88 10.35 -24.13
C ASP C 12 20.99 11.37 -24.35
N GLY C 13 22.22 10.90 -24.49
CA GLY C 13 23.35 11.79 -24.66
C GLY C 13 23.94 12.30 -23.37
N GLU C 14 23.38 11.94 -22.22
CA GLU C 14 23.82 12.44 -20.93
C GLU C 14 24.03 11.26 -19.99
N LYS C 15 25.03 11.38 -19.12
CA LYS C 15 25.41 10.33 -18.18
C LYS C 15 25.70 9.01 -18.90
N TYR C 16 26.63 9.10 -19.86
CA TYR C 16 26.97 7.93 -20.66
C TYR C 16 27.63 6.84 -19.83
N ALA C 17 28.40 7.21 -18.81
CA ALA C 17 29.12 6.21 -18.02
C ALA C 17 28.15 5.27 -17.31
N ILE C 18 27.12 5.82 -16.67
CA ILE C 18 26.17 4.98 -15.95
C ILE C 18 25.42 4.07 -16.92
N TRP C 19 24.98 4.63 -18.05
CA TRP C 19 24.26 3.83 -19.03
C TRP C 19 25.13 2.69 -19.54
N LYS C 20 26.39 2.99 -19.87
CA LYS C 20 27.30 1.96 -20.36
C LYS C 20 27.55 0.89 -19.32
N PHE C 21 27.77 1.31 -18.06
CA PHE C 21 28.01 0.34 -16.99
C PHE C 21 26.81 -0.56 -16.78
N ARG C 22 25.61 0.01 -16.79
CA ARG C 22 24.41 -0.79 -16.60
C ARG C 22 24.18 -1.74 -17.77
N ILE C 23 24.46 -1.30 -19.00
CA ILE C 23 24.34 -2.18 -20.16
C ILE C 23 25.33 -3.33 -20.05
N ARG C 24 26.57 -3.03 -19.64
CA ARG C 24 27.57 -4.07 -19.48
C ARG C 24 27.16 -5.07 -18.41
N ALA C 25 26.61 -4.57 -17.30
CA ALA C 25 26.14 -5.46 -16.24
C ALA C 25 25.00 -6.35 -16.74
N LEU C 26 24.07 -5.77 -17.50
CA LEU C 26 22.95 -6.55 -18.03
C LEU C 26 23.45 -7.62 -18.99
N LEU C 27 24.42 -7.27 -19.85
CA LEU C 27 24.99 -8.26 -20.76
C LEU C 27 25.67 -9.38 -20.00
N ALA C 28 26.41 -9.02 -18.93
CA ALA C 28 27.04 -10.04 -18.11
C ALA C 28 26.02 -10.92 -17.41
N GLU C 29 24.84 -10.37 -17.10
CA GLU C 29 23.80 -11.17 -16.45
C GLU C 29 23.37 -12.32 -17.33
N GLN C 30 23.18 -12.06 -18.62
CA GLN C 30 22.76 -13.08 -19.57
C GLN C 30 23.94 -13.81 -20.20
N ASP C 31 25.15 -13.62 -19.68
CA ASP C 31 26.36 -14.24 -20.20
C ASP C 31 26.58 -13.87 -21.67
N VAL C 32 26.51 -12.56 -21.95
CA VAL C 32 26.59 -12.06 -23.31
C VAL C 32 27.76 -11.10 -23.42
N LEU C 33 28.30 -10.67 -22.28
CA LEU C 33 29.40 -9.70 -22.28
C LEU C 33 30.64 -10.24 -22.98
N LYS C 34 30.74 -11.56 -23.15
CA LYS C 34 31.88 -12.13 -23.84
C LYS C 34 32.00 -11.68 -25.28
N VAL C 35 30.89 -11.28 -25.91
CA VAL C 35 30.96 -10.77 -27.28
C VAL C 35 31.70 -9.44 -27.33
N VAL C 36 31.33 -8.52 -26.44
CA VAL C 36 31.94 -7.19 -26.46
C VAL C 36 33.39 -7.24 -26.01
N ASP C 37 33.68 -7.97 -24.93
CA ASP C 37 35.00 -7.96 -24.34
C ASP C 37 35.89 -9.10 -24.84
N GLY C 38 35.34 -10.31 -24.91
CA GLY C 38 36.14 -11.45 -25.31
C GLY C 38 36.60 -11.35 -26.75
N LEU C 39 37.71 -12.03 -27.03
CA LEU C 39 38.30 -12.00 -28.36
C LEU C 39 37.38 -12.69 -29.37
N MET C 40 37.49 -12.27 -30.62
CA MET C 40 36.68 -12.83 -31.70
C MET C 40 37.14 -14.27 -31.95
N PRO C 41 36.26 -15.27 -31.77
CA PRO C 41 36.66 -16.64 -32.10
C PRO C 41 36.92 -16.80 -33.59
N ASN C 42 37.90 -17.64 -33.91
CA ASN C 42 38.21 -17.91 -35.31
C ASN C 42 37.03 -18.58 -36.01
N GLU C 43 36.37 -19.51 -35.33
CA GLU C 43 35.15 -20.14 -35.81
C GLU C 43 33.97 -19.65 -34.98
N VAL C 44 32.96 -19.14 -35.66
CA VAL C 44 31.75 -18.66 -35.00
C VAL C 44 30.67 -19.73 -35.12
N ASP C 45 30.09 -20.09 -33.98
CA ASP C 45 29.06 -21.12 -33.92
C ASP C 45 27.70 -20.48 -33.68
N ASP C 46 26.70 -21.34 -33.48
CA ASP C 46 25.35 -20.84 -33.21
C ASP C 46 25.29 -20.06 -31.90
N SER C 47 26.03 -20.53 -30.89
CA SER C 47 26.01 -19.85 -29.60
C SER C 47 26.58 -18.44 -29.70
N TRP C 48 27.70 -18.29 -30.41
CA TRP C 48 28.31 -16.97 -30.52
C TRP C 48 27.43 -15.99 -31.29
N LYS C 49 26.85 -16.44 -32.41
CA LYS C 49 25.98 -15.54 -33.16
C LYS C 49 24.70 -15.23 -32.38
N LYS C 50 24.19 -16.19 -31.62
CA LYS C 50 23.03 -15.94 -30.77
C LYS C 50 23.34 -14.90 -29.71
N ALA C 51 24.50 -15.02 -29.06
CA ALA C 51 24.91 -14.01 -28.09
C ALA C 51 25.08 -12.65 -28.75
N GLU C 52 25.67 -12.63 -29.94
CA GLU C 52 25.87 -11.36 -30.64
C GLU C 52 24.55 -10.68 -30.97
N ARG C 53 23.60 -11.43 -31.52
CA ARG C 53 22.30 -10.84 -31.86
C ARG C 53 21.55 -10.42 -30.61
N CYS C 54 21.65 -11.20 -29.54
CA CYS C 54 21.00 -10.81 -28.29
C CYS C 54 21.59 -9.51 -27.75
N ALA C 55 22.91 -9.39 -27.77
CA ALA C 55 23.55 -8.15 -27.32
C ALA C 55 23.14 -6.98 -28.18
N LYS C 56 23.11 -7.17 -29.50
CA LYS C 56 22.71 -6.10 -30.40
C LYS C 56 21.29 -5.65 -30.10
N SER C 57 20.37 -6.60 -29.94
CA SER C 57 18.99 -6.27 -29.64
C SER C 57 18.87 -5.55 -28.31
N THR C 58 19.60 -6.03 -27.29
CA THR C 58 19.53 -5.40 -25.97
C THR C 58 20.05 -3.97 -26.02
N ILE C 59 21.17 -3.75 -26.71
CA ILE C 59 21.74 -2.41 -26.80
C ILE C 59 20.80 -1.47 -27.56
N ILE C 60 20.22 -1.96 -28.66
CA ILE C 60 19.28 -1.14 -29.41
C ILE C 60 18.06 -0.81 -28.55
N GLU C 61 17.60 -1.78 -27.75
CA GLU C 61 16.41 -1.58 -26.94
C GLU C 61 16.61 -0.46 -25.92
N TYR C 62 17.79 -0.38 -25.31
CA TYR C 62 18.08 0.61 -24.29
C TYR C 62 18.82 1.82 -24.86
N LEU C 63 18.79 2.00 -26.17
CA LEU C 63 19.31 3.19 -26.82
C LEU C 63 18.14 4.03 -27.30
N SER C 64 18.27 5.35 -27.16
CA SER C 64 17.25 6.24 -27.64
C SER C 64 17.17 6.20 -29.17
N ASP C 65 16.04 6.64 -29.71
CA ASP C 65 15.78 6.52 -31.14
C ASP C 65 16.78 7.30 -31.98
N SER C 66 17.12 8.52 -31.58
CA SER C 66 18.01 9.37 -32.35
C SER C 66 19.45 8.87 -32.37
N PHE C 67 19.77 7.88 -31.53
CA PHE C 67 21.15 7.47 -31.35
C PHE C 67 21.47 6.18 -32.09
N LEU C 68 20.51 5.63 -32.84
CA LEU C 68 20.71 4.38 -33.55
C LEU C 68 21.42 4.55 -34.89
N ASN C 69 21.78 5.78 -35.27
CA ASN C 69 22.56 5.99 -36.48
C ASN C 69 23.87 5.21 -36.43
N PHE C 70 24.42 5.01 -35.23
CA PHE C 70 25.64 4.22 -35.10
C PHE C 70 25.39 2.77 -35.50
N ALA C 71 24.23 2.24 -35.16
CA ALA C 71 23.89 0.83 -35.39
C ALA C 71 23.20 0.57 -36.73
N THR C 72 22.91 1.61 -37.51
CA THR C 72 22.23 1.40 -38.79
C THR C 72 23.05 0.49 -39.70
N SER C 73 24.35 0.68 -39.75
CA SER C 73 25.21 -0.26 -40.45
C SER C 73 25.21 -1.60 -39.72
N ASP C 74 25.10 -2.69 -40.49
CA ASP C 74 24.98 -4.03 -39.92
C ASP C 74 26.34 -4.44 -39.37
N ILE C 75 26.63 -3.97 -38.17
CA ILE C 75 27.89 -4.24 -37.49
C ILE C 75 27.58 -4.79 -36.11
N THR C 76 28.55 -5.52 -35.53
CA THR C 76 28.36 -6.11 -34.23
C THR C 76 28.21 -5.03 -33.16
N ALA C 77 27.56 -5.39 -32.06
CA ALA C 77 27.35 -4.46 -30.96
C ALA C 77 28.65 -4.00 -30.35
N ARG C 78 29.71 -4.81 -30.46
CA ARG C 78 31.02 -4.42 -29.94
C ARG C 78 31.51 -3.14 -30.61
N GLN C 79 31.40 -3.06 -31.93
CA GLN C 79 31.80 -1.84 -32.62
C GLN C 79 30.88 -0.67 -32.27
N ILE C 80 29.60 -0.93 -32.02
CA ILE C 80 28.70 0.13 -31.61
C ILE C 80 29.17 0.73 -30.29
N LEU C 81 29.49 -0.13 -29.32
CA LEU C 81 30.00 0.35 -28.04
C LEU C 81 31.33 1.07 -28.20
N GLU C 82 32.20 0.54 -29.06
CA GLU C 82 33.50 1.18 -29.28
C GLU C 82 33.34 2.58 -29.85
N ASN C 83 32.47 2.74 -30.86
CA ASN C 83 32.24 4.05 -31.44
C ASN C 83 31.58 5.00 -30.46
N LEU C 84 30.62 4.48 -29.67
CA LEU C 84 29.98 5.31 -28.66
C LEU C 84 31.01 5.80 -27.63
N ASP C 85 31.93 4.93 -27.24
CA ASP C 85 33.03 5.37 -26.37
C ASP C 85 33.88 6.42 -27.04
N ALA C 86 34.19 6.23 -28.31
CA ALA C 86 35.06 7.17 -29.02
C ALA C 86 34.41 8.55 -29.10
N VAL C 87 33.09 8.60 -29.19
CA VAL C 87 32.42 9.87 -29.47
C VAL C 87 31.89 10.52 -28.20
N TYR C 88 31.71 9.77 -27.11
CA TYR C 88 31.39 10.39 -25.83
C TYR C 88 32.44 10.17 -24.74
N GLU C 89 33.50 9.41 -24.99
CA GLU C 89 34.61 9.28 -24.04
C GLU C 89 35.89 9.61 -24.82
N ARG C 90 36.21 10.89 -24.89
CA ARG C 90 37.30 11.39 -25.71
C ARG C 90 38.30 12.14 -24.83
N LYS C 91 39.56 12.11 -25.27
CA LYS C 91 40.63 12.82 -24.57
C LYS C 91 40.74 14.23 -25.15
N SER C 92 39.77 15.07 -24.79
CA SER C 92 39.71 16.45 -25.25
C SER C 92 40.14 17.37 -24.11
N LEU C 93 41.29 18.01 -24.27
CA LEU C 93 41.88 18.80 -23.19
C LEU C 93 41.04 20.04 -22.87
N ALA C 94 40.46 20.68 -23.89
CA ALA C 94 39.65 21.87 -23.65
C ALA C 94 38.46 21.54 -22.75
N SER C 95 37.83 20.38 -22.97
CA SER C 95 36.75 19.96 -22.11
C SER C 95 37.24 19.77 -20.67
N GLN C 96 38.41 19.15 -20.50
CA GLN C 96 38.95 18.95 -19.17
C GLN C 96 39.18 20.28 -18.46
N LEU C 97 39.72 21.26 -19.18
CA LEU C 97 39.96 22.56 -18.58
C LEU C 97 38.65 23.26 -18.22
N ALA C 98 37.65 23.21 -19.10
CA ALA C 98 36.38 23.85 -18.83
C ALA C 98 35.69 23.22 -17.63
N LEU C 99 35.73 21.89 -17.54
CA LEU C 99 35.14 21.22 -16.38
C LEU C 99 35.92 21.49 -15.10
N ARG C 100 37.24 21.62 -15.17
CA ARG C 100 37.98 22.09 -14.00
C ARG C 100 37.49 23.47 -13.56
N LYS C 101 37.31 24.37 -14.52
CA LYS C 101 36.87 25.72 -14.19
C LYS C 101 35.50 25.72 -13.54
N ARG C 102 34.57 24.92 -14.07
CA ARG C 102 33.25 24.88 -13.45
C ARG C 102 33.28 24.18 -12.10
N LEU C 103 34.12 23.15 -11.96
CA LEU C 103 34.21 22.42 -10.70
C LEU C 103 34.74 23.31 -9.58
N LEU C 104 35.75 24.12 -9.87
CA LEU C 104 36.28 25.04 -8.86
C LEU C 104 35.23 26.07 -8.46
N SER C 105 34.35 26.44 -9.39
CA SER C 105 33.27 27.38 -9.10
C SER C 105 31.98 26.61 -8.84
N LEU C 106 31.93 25.97 -7.69
CA LEU C 106 30.79 25.14 -7.29
C LEU C 106 30.41 25.44 -5.84
N LYS C 107 30.29 26.72 -5.51
CA LYS C 107 29.85 27.11 -4.18
C LYS C 107 28.43 26.61 -3.90
N LEU C 108 28.22 26.07 -2.71
CA LEU C 108 26.92 25.54 -2.34
C LEU C 108 25.90 26.66 -2.21
N SER C 109 24.67 26.36 -2.62
CA SER C 109 23.55 27.27 -2.43
C SER C 109 22.77 26.89 -1.18
N SER C 110 22.11 27.90 -0.59
CA SER C 110 21.39 27.68 0.66
C SER C 110 20.23 26.72 0.48
N GLU C 111 19.44 26.92 -0.58
CA GLU C 111 18.26 26.10 -0.85
C GLU C 111 18.68 24.85 -1.63
N MET C 112 19.51 24.03 -0.97
CA MET C 112 20.15 22.92 -1.65
C MET C 112 20.39 21.80 -0.64
N SER C 113 20.18 20.56 -1.08
CA SER C 113 20.36 19.40 -0.22
C SER C 113 21.73 18.80 -0.50
N LEU C 114 22.45 18.44 0.56
CA LEU C 114 23.81 17.94 0.41
C LEU C 114 23.88 16.65 -0.37
N LEU C 115 22.85 15.82 -0.32
CA LEU C 115 22.84 14.62 -1.16
C LEU C 115 22.81 14.98 -2.63
N SER C 116 21.97 15.95 -3.01
CA SER C 116 21.93 16.40 -4.39
C SER C 116 23.20 17.14 -4.78
N HIS C 117 23.80 17.87 -3.84
CA HIS C 117 25.11 18.46 -4.10
C HIS C 117 26.16 17.39 -4.37
N PHE C 118 26.14 16.31 -3.59
CA PHE C 118 27.04 15.20 -3.81
C PHE C 118 26.78 14.57 -5.18
N HIS C 119 25.51 14.46 -5.57
CA HIS C 119 25.19 13.95 -6.90
C HIS C 119 25.76 14.84 -8.00
N ILE C 120 25.62 16.16 -7.83
CA ILE C 120 26.15 17.09 -8.83
C ILE C 120 27.67 16.96 -8.93
N PHE C 121 28.34 16.90 -7.77
CA PHE C 121 29.79 16.76 -7.78
C PHE C 121 30.20 15.43 -8.41
N ASP C 122 29.48 14.35 -8.09
CA ASP C 122 29.81 13.05 -8.63
C ASP C 122 29.64 13.00 -10.14
N GLU C 123 28.56 13.60 -10.66
CA GLU C 123 28.36 13.62 -12.11
C GLU C 123 29.42 14.48 -12.78
N LEU C 124 29.79 15.61 -12.18
CA LEU C 124 30.86 16.42 -12.73
C LEU C 124 32.17 15.64 -12.79
N ILE C 125 32.50 14.92 -11.70
CA ILE C 125 33.75 14.16 -11.68
C ILE C 125 33.71 13.02 -12.70
N SER C 126 32.58 12.32 -12.79
CA SER C 126 32.47 11.22 -13.75
C SER C 126 32.64 11.72 -15.17
N GLU C 127 31.97 12.82 -15.52
CA GLU C 127 32.09 13.32 -16.89
C GLU C 127 33.47 13.93 -17.14
N LEU C 128 34.14 14.41 -16.09
CA LEU C 128 35.49 14.93 -16.28
C LEU C 128 36.47 13.79 -16.52
N LEU C 129 36.33 12.69 -15.79
CA LEU C 129 37.12 11.49 -16.09
C LEU C 129 36.80 10.97 -17.48
N ALA C 130 35.55 11.05 -17.90
CA ALA C 130 35.20 10.74 -19.28
C ALA C 130 35.95 11.65 -20.25
N ALA C 131 36.16 12.91 -19.86
CA ALA C 131 36.94 13.82 -20.68
C ALA C 131 38.42 13.42 -20.75
N GLY C 132 38.86 12.49 -19.91
CA GLY C 132 40.18 11.92 -19.99
C GLY C 132 41.18 12.39 -18.95
N ALA C 133 40.87 13.44 -18.20
CA ALA C 133 41.78 13.92 -17.16
C ALA C 133 41.66 13.03 -15.93
N LYS C 134 42.75 12.36 -15.58
CA LYS C 134 42.73 11.46 -14.44
C LYS C 134 42.74 12.24 -13.14
N ILE C 135 41.84 11.88 -12.22
CA ILE C 135 41.75 12.49 -10.91
C ILE C 135 41.73 11.38 -9.87
N GLU C 136 42.59 11.52 -8.84
CA GLU C 136 42.64 10.54 -7.77
C GLU C 136 41.68 10.93 -6.64
N GLU C 137 41.62 10.07 -5.62
CA GLU C 137 40.67 10.28 -4.53
C GLU C 137 41.03 11.50 -3.70
N MET C 138 42.33 11.77 -3.53
CA MET C 138 42.76 12.98 -2.83
C MET C 138 42.29 14.24 -3.56
N ASP C 139 42.46 14.28 -4.87
CA ASP C 139 41.99 15.42 -5.65
C ASP C 139 40.48 15.54 -5.57
N LYS C 140 39.77 14.41 -5.62
CA LYS C 140 38.32 14.42 -5.54
C LYS C 140 37.86 15.00 -4.21
N ILE C 141 38.46 14.55 -3.10
CA ILE C 141 38.01 15.04 -1.79
C ILE C 141 38.38 16.51 -1.62
N SER C 142 39.55 16.93 -2.12
CA SER C 142 39.89 18.34 -2.04
C SER C 142 38.88 19.18 -2.81
N HIS C 143 38.51 18.73 -4.02
CA HIS C 143 37.53 19.46 -4.82
C HIS C 143 36.18 19.52 -4.11
N LEU C 144 35.77 18.41 -3.48
CA LEU C 144 34.49 18.40 -2.79
C LEU C 144 34.50 19.34 -1.60
N LEU C 145 35.60 19.34 -0.84
CA LEU C 145 35.66 20.19 0.35
C LEU C 145 35.72 21.66 -0.01
N ILE C 146 36.41 22.02 -1.10
CA ILE C 146 36.49 23.43 -1.47
C ILE C 146 35.13 23.99 -1.87
N THR C 147 34.19 23.13 -2.24
CA THR C 147 32.85 23.58 -2.64
C THR C 147 31.98 24.00 -1.46
N LEU C 148 32.25 23.52 -0.26
CA LEU C 148 31.37 23.72 0.88
C LEU C 148 31.47 25.15 1.40
N PRO C 149 30.42 25.64 2.07
CA PRO C 149 30.47 26.98 2.66
C PRO C 149 31.33 27.04 3.91
N SER C 150 31.44 28.22 4.50
CA SER C 150 32.31 28.43 5.65
C SER C 150 31.74 27.86 6.95
N CYS C 151 30.45 27.56 7.00
CA CYS C 151 29.86 27.01 8.21
C CYS C 151 30.40 25.63 8.55
N TYR C 152 31.03 24.95 7.60
CA TYR C 152 31.55 23.61 7.80
C TYR C 152 33.03 23.61 8.17
N ASP C 153 33.62 24.79 8.35
CA ASP C 153 35.07 24.91 8.44
C ASP C 153 35.67 23.98 9.50
N GLY C 154 34.97 23.83 10.64
CA GLY C 154 35.51 22.97 11.69
C GLY C 154 35.71 21.54 11.25
N ILE C 155 34.65 20.94 10.68
CA ILE C 155 34.77 19.54 10.29
C ILE C 155 35.69 19.38 9.09
N ILE C 156 35.72 20.34 8.17
CA ILE C 156 36.60 20.21 7.01
C ILE C 156 38.06 20.25 7.47
N THR C 157 38.39 21.16 8.40
CA THR C 157 39.74 21.17 8.96
C THR C 157 40.04 19.87 9.68
N ALA C 158 39.08 19.37 10.46
CA ALA C 158 39.30 18.15 11.22
C ALA C 158 39.58 16.98 10.30
N ILE C 159 38.80 16.85 9.22
CA ILE C 159 38.95 15.70 8.33
C ILE C 159 40.22 15.82 7.50
N GLU C 160 40.62 17.05 7.13
CA GLU C 160 41.88 17.16 6.42
C GLU C 160 43.08 16.97 7.34
N THR C 161 42.89 17.08 8.65
CA THR C 161 43.94 16.67 9.58
C THR C 161 44.02 15.16 9.75
N LEU C 162 43.04 14.41 9.23
CA LEU C 162 43.04 12.97 9.38
C LEU C 162 44.13 12.32 8.53
N SER C 163 44.40 11.04 8.80
CA SER C 163 45.37 10.29 8.03
C SER C 163 44.83 10.01 6.63
N GLU C 164 45.75 9.79 5.70
CA GLU C 164 45.37 9.65 4.29
C GLU C 164 44.74 8.28 3.97
N GLU C 165 45.21 7.22 4.61
CA GLU C 165 44.79 5.88 4.21
C GLU C 165 43.30 5.66 4.42
N ASN C 166 42.74 6.19 5.50
CA ASN C 166 41.32 6.01 5.77
C ASN C 166 40.44 7.08 5.15
N LEU C 167 41.00 8.00 4.38
CA LEU C 167 40.22 9.04 3.70
C LEU C 167 39.62 8.45 2.43
N THR C 168 38.30 8.33 2.40
CA THR C 168 37.58 7.89 1.22
C THR C 168 36.41 8.84 0.98
N LEU C 169 35.97 8.91 -0.26
CA LEU C 169 34.90 9.84 -0.61
C LEU C 169 33.62 9.52 0.14
N ALA C 170 33.29 8.23 0.27
CA ALA C 170 32.10 7.84 1.01
C ALA C 170 32.22 8.24 2.49
N PHE C 171 33.41 8.06 3.07
CA PHE C 171 33.59 8.38 4.48
C PHE C 171 33.39 9.87 4.75
N VAL C 172 34.00 10.72 3.92
CA VAL C 172 33.82 12.16 4.10
C VAL C 172 32.37 12.56 3.82
N LYS C 173 31.72 11.88 2.87
CA LYS C 173 30.31 12.15 2.63
C LYS C 173 29.48 11.86 3.87
N ASN C 174 29.73 10.71 4.51
CA ASN C 174 29.01 10.38 5.75
C ASN C 174 29.28 11.40 6.83
N ARG C 175 30.54 11.83 6.98
CA ARG C 175 30.87 12.81 8.01
C ARG C 175 30.14 14.13 7.76
N LEU C 176 30.09 14.56 6.51
CA LEU C 176 29.40 15.81 6.18
C LEU C 176 27.90 15.68 6.42
N LEU C 177 27.32 14.53 6.10
CA LEU C 177 25.91 14.31 6.41
C LEU C 177 25.67 14.40 7.92
N ASP C 178 26.54 13.77 8.70
CA ASP C 178 26.37 13.79 10.15
C ASP C 178 26.45 15.22 10.69
N GLN C 179 27.37 16.02 10.16
CA GLN C 179 27.55 17.37 10.68
C GLN C 179 26.41 18.28 10.22
N GLU C 180 25.94 18.09 8.98
CA GLU C 180 24.84 18.91 8.51
C GLU C 180 23.54 18.55 9.22
N ILE C 181 23.43 17.32 9.73
CA ILE C 181 22.30 16.98 10.61
C ILE C 181 22.25 17.96 11.78
N LYS C 182 23.41 18.19 12.41
CA LYS C 182 23.48 19.17 13.49
C LYS C 182 23.21 20.58 12.98
N ILE C 183 23.69 20.88 11.77
CA ILE C 183 23.53 22.23 11.23
C ILE C 183 22.04 22.58 11.10
N LYS C 184 21.26 21.72 10.44
CA LYS C 184 19.81 21.96 10.42
C LYS C 184 19.19 21.79 11.80
N ASN C 185 19.78 20.97 12.66
CA ASN C 185 19.32 20.92 14.04
C ASN C 185 19.56 22.27 14.73
N ASP C 186 20.71 22.87 14.50
CA ASP C 186 21.08 24.13 15.15
C ASP C 186 20.56 25.34 14.38
N HIS C 187 19.27 25.35 14.09
CA HIS C 187 18.66 26.47 13.38
C HIS C 187 17.17 26.55 13.68
N ALA D 4 7.85 -8.59 -27.74
CA ALA D 4 8.73 -8.94 -26.64
C ALA D 4 9.37 -7.69 -26.04
N LYS D 5 9.97 -6.87 -26.91
CA LYS D 5 10.62 -5.64 -26.49
C LYS D 5 9.71 -4.47 -26.85
N ARG D 6 9.28 -3.72 -25.84
CA ARG D 6 8.24 -2.71 -25.99
C ARG D 6 8.79 -1.30 -26.14
N ASN D 7 10.08 -1.16 -26.41
CA ASN D 7 10.66 0.16 -26.64
C ASN D 7 10.43 0.68 -28.05
N ILE D 8 10.04 -0.18 -28.99
CA ILE D 8 9.88 0.24 -30.37
C ILE D 8 8.59 1.03 -30.51
N LYS D 9 8.72 2.32 -30.83
CA LYS D 9 7.56 3.16 -31.06
C LYS D 9 6.76 2.62 -32.24
N PRO D 10 5.44 2.49 -32.11
CA PRO D 10 4.63 2.08 -33.26
C PRO D 10 4.80 3.05 -34.42
N PHE D 11 4.92 2.50 -35.62
CA PHE D 11 5.23 3.29 -36.80
C PHE D 11 4.01 4.13 -37.19
N ASP D 12 4.19 5.46 -37.19
CA ASP D 12 3.12 6.39 -37.51
C ASP D 12 3.50 7.23 -38.73
N GLY D 13 4.00 6.58 -39.78
CA GLY D 13 4.33 7.24 -41.02
C GLY D 13 5.49 8.21 -40.96
N GLU D 14 6.12 8.38 -39.81
CA GLU D 14 7.23 9.30 -39.65
C GLU D 14 8.47 8.50 -39.25
N LYS D 15 9.59 8.79 -39.91
CA LYS D 15 10.87 8.17 -39.59
C LYS D 15 10.76 6.65 -39.72
N TYR D 16 10.69 6.19 -40.97
CA TYR D 16 10.49 4.78 -41.24
C TYR D 16 11.76 3.97 -41.00
N ALA D 17 12.93 4.57 -41.23
CA ALA D 17 14.17 3.79 -41.26
C ALA D 17 14.49 3.18 -39.90
N ILE D 18 14.45 3.99 -38.84
CA ILE D 18 14.81 3.49 -37.52
C ILE D 18 13.77 2.48 -37.02
N TRP D 19 12.50 2.72 -37.33
CA TRP D 19 11.47 1.74 -36.97
C TRP D 19 11.72 0.42 -37.66
N LYS D 20 12.06 0.46 -38.95
CA LYS D 20 12.40 -0.75 -39.68
C LYS D 20 13.61 -1.44 -39.06
N PHE D 21 14.62 -0.67 -38.67
CA PHE D 21 15.81 -1.24 -38.06
C PHE D 21 15.48 -1.93 -36.73
N ARG D 22 14.64 -1.29 -35.90
CA ARG D 22 14.25 -1.91 -34.65
C ARG D 22 13.44 -3.18 -34.88
N ILE D 23 12.53 -3.16 -35.85
CA ILE D 23 11.76 -4.35 -36.16
C ILE D 23 12.66 -5.47 -36.63
N ARG D 24 13.63 -5.15 -37.49
CA ARG D 24 14.59 -6.16 -37.97
C ARG D 24 15.40 -6.73 -36.82
N ALA D 25 15.85 -5.87 -35.90
CA ALA D 25 16.62 -6.35 -34.76
C ALA D 25 15.78 -7.26 -33.88
N LEU D 26 14.52 -6.90 -33.63
CA LEU D 26 13.65 -7.74 -32.81
C LEU D 26 13.40 -9.08 -33.49
N LEU D 27 13.20 -9.08 -34.81
CA LEU D 27 13.03 -10.33 -35.54
C LEU D 27 14.28 -11.19 -35.45
N ALA D 28 15.46 -10.56 -35.57
CA ALA D 28 16.71 -11.29 -35.45
C ALA D 28 16.88 -11.91 -34.07
N GLU D 29 16.48 -11.19 -33.02
CA GLU D 29 16.63 -11.72 -31.67
C GLU D 29 15.88 -13.03 -31.49
N GLN D 30 14.66 -13.11 -32.02
CA GLN D 30 13.87 -14.33 -31.95
C GLN D 30 14.18 -15.29 -33.09
N ASP D 31 15.28 -15.06 -33.82
CA ASP D 31 15.67 -15.89 -34.95
C ASP D 31 14.57 -15.99 -36.00
N VAL D 32 13.93 -14.85 -36.27
CA VAL D 32 12.84 -14.79 -37.23
C VAL D 32 13.21 -13.99 -38.48
N LEU D 33 14.27 -13.17 -38.44
CA LEU D 33 14.64 -12.34 -39.58
C LEU D 33 14.94 -13.16 -40.82
N LYS D 34 15.25 -14.46 -40.66
CA LYS D 34 15.51 -15.30 -41.83
C LYS D 34 14.32 -15.39 -42.76
N VAL D 35 13.12 -15.10 -42.28
CA VAL D 35 11.96 -15.01 -43.16
C VAL D 35 12.08 -13.80 -44.08
N VAL D 36 12.40 -12.64 -43.52
CA VAL D 36 12.39 -11.40 -44.29
C VAL D 36 13.52 -11.41 -45.32
N ASP D 37 14.73 -11.79 -44.89
CA ASP D 37 15.92 -11.68 -45.73
C ASP D 37 16.37 -13.00 -46.32
N GLY D 38 16.26 -14.10 -45.58
CA GLY D 38 16.63 -15.39 -46.12
C GLY D 38 15.70 -15.83 -47.23
N LEU D 39 16.25 -16.56 -48.19
CA LEU D 39 15.47 -17.02 -49.32
C LEU D 39 14.40 -18.01 -48.88
N MET D 40 13.26 -17.95 -49.55
CA MET D 40 12.20 -18.92 -49.31
C MET D 40 12.67 -20.32 -49.66
N PRO D 41 12.61 -21.28 -48.76
CA PRO D 41 13.01 -22.65 -49.10
C PRO D 41 12.06 -23.25 -50.12
N ASN D 42 12.61 -24.15 -50.94
CA ASN D 42 11.79 -24.82 -51.95
C ASN D 42 10.69 -25.63 -51.30
N GLU D 43 11.00 -26.30 -50.19
CA GLU D 43 10.01 -27.02 -49.39
C GLU D 43 9.84 -26.29 -48.06
N VAL D 44 8.61 -26.18 -47.60
CA VAL D 44 8.32 -25.49 -46.36
C VAL D 44 8.17 -26.51 -45.25
N ASP D 45 8.50 -26.09 -44.02
CA ASP D 45 8.41 -26.95 -42.85
C ASP D 45 7.65 -26.20 -41.76
N ASP D 46 7.41 -26.90 -40.64
CA ASP D 46 6.70 -26.30 -39.53
C ASP D 46 7.46 -25.11 -38.95
N SER D 47 8.79 -25.23 -38.86
CA SER D 47 9.59 -24.15 -38.29
C SER D 47 9.51 -22.89 -39.15
N TRP D 48 9.60 -23.05 -40.49
CA TRP D 48 9.49 -21.89 -41.36
C TRP D 48 8.12 -21.23 -41.24
N LYS D 49 7.06 -22.03 -41.18
CA LYS D 49 5.73 -21.45 -41.06
C LYS D 49 5.56 -20.74 -39.73
N LYS D 50 6.11 -21.31 -38.65
CA LYS D 50 6.05 -20.65 -37.35
C LYS D 50 6.80 -19.32 -37.37
N ALA D 51 7.96 -19.30 -38.02
CA ALA D 51 8.70 -18.05 -38.15
C ALA D 51 7.91 -17.04 -38.99
N GLU D 52 7.28 -17.50 -40.07
CA GLU D 52 6.45 -16.62 -40.89
C GLU D 52 5.34 -15.99 -40.06
N ARG D 53 4.59 -16.81 -39.34
CA ARG D 53 3.46 -16.30 -38.57
C ARG D 53 3.93 -15.38 -37.46
N CYS D 54 5.04 -15.74 -36.78
CA CYS D 54 5.55 -14.89 -35.72
C CYS D 54 6.00 -13.53 -36.27
N ALA D 55 6.68 -13.53 -37.42
CA ALA D 55 7.11 -12.27 -38.03
C ALA D 55 5.91 -11.41 -38.41
N LYS D 56 4.90 -12.03 -39.03
CA LYS D 56 3.73 -11.26 -39.45
C LYS D 56 3.02 -10.66 -38.24
N SER D 57 2.85 -11.45 -37.17
CA SER D 57 2.18 -10.97 -35.98
C SER D 57 2.97 -9.86 -35.31
N THR D 58 4.30 -10.01 -35.24
CA THR D 58 5.13 -8.98 -34.63
C THR D 58 5.05 -7.68 -35.42
N ILE D 59 5.12 -7.76 -36.75
CA ILE D 59 5.04 -6.56 -37.57
C ILE D 59 3.68 -5.89 -37.41
N ILE D 60 2.60 -6.67 -37.41
CA ILE D 60 1.27 -6.09 -37.23
C ILE D 60 1.15 -5.44 -35.86
N GLU D 61 1.75 -6.06 -34.85
CA GLU D 61 1.65 -5.54 -33.48
C GLU D 61 2.28 -4.16 -33.36
N TYR D 62 3.42 -3.94 -34.00
CA TYR D 62 4.20 -2.72 -33.82
C TYR D 62 3.89 -1.69 -34.89
N LEU D 63 2.68 -1.70 -35.42
CA LEU D 63 2.23 -0.73 -36.41
C LEU D 63 1.08 0.08 -35.84
N SER D 64 1.03 1.35 -36.20
CA SER D 64 -0.10 2.18 -35.80
C SER D 64 -1.36 1.70 -36.51
N ASP D 65 -2.51 2.03 -35.91
CA ASP D 65 -3.78 1.51 -36.40
C ASP D 65 -4.09 1.97 -37.81
N SER D 66 -3.70 3.19 -38.16
CA SER D 66 -3.96 3.70 -39.50
C SER D 66 -3.22 2.91 -40.58
N PHE D 67 -2.08 2.30 -40.23
CA PHE D 67 -1.22 1.66 -41.21
C PHE D 67 -1.45 0.15 -41.31
N LEU D 68 -2.45 -0.38 -40.61
CA LEU D 68 -2.72 -1.81 -40.69
C LEU D 68 -3.12 -2.26 -42.10
N ASN D 69 -3.55 -1.32 -42.95
CA ASN D 69 -3.92 -1.66 -44.32
C ASN D 69 -2.79 -2.35 -45.08
N PHE D 70 -1.53 -2.04 -44.75
CA PHE D 70 -0.41 -2.64 -45.44
C PHE D 70 -0.31 -4.15 -45.20
N ALA D 71 -0.95 -4.65 -44.16
CA ALA D 71 -0.91 -6.08 -43.83
C ALA D 71 -2.27 -6.75 -43.94
N THR D 72 -3.33 -6.01 -44.32
CA THR D 72 -4.65 -6.63 -44.44
C THR D 72 -4.67 -7.72 -45.50
N SER D 73 -3.95 -7.50 -46.60
CA SER D 73 -3.85 -8.52 -47.64
C SER D 73 -3.10 -9.74 -47.10
N ASP D 74 -3.49 -10.91 -47.61
CA ASP D 74 -2.88 -12.17 -47.18
C ASP D 74 -1.50 -12.27 -47.82
N ILE D 75 -0.55 -11.55 -47.22
CA ILE D 75 0.83 -11.53 -47.69
C ILE D 75 1.76 -11.81 -46.52
N THR D 76 2.95 -12.30 -46.84
CA THR D 76 3.93 -12.62 -45.81
C THR D 76 4.54 -11.34 -45.26
N ALA D 77 5.31 -11.50 -44.18
CA ALA D 77 6.00 -10.36 -43.58
C ALA D 77 6.98 -9.72 -44.56
N ARG D 78 7.63 -10.55 -45.37
CA ARG D 78 8.57 -10.02 -46.36
C ARG D 78 7.86 -9.10 -47.35
N GLN D 79 6.69 -9.52 -47.84
CA GLN D 79 5.93 -8.66 -48.73
C GLN D 79 5.47 -7.38 -48.04
N ILE D 80 5.08 -7.47 -46.77
CA ILE D 80 4.67 -6.28 -46.03
C ILE D 80 5.82 -5.28 -45.96
N LEU D 81 7.01 -5.76 -45.61
CA LEU D 81 8.16 -4.89 -45.52
C LEU D 81 8.54 -4.34 -46.89
N GLU D 82 8.42 -5.15 -47.93
CA GLU D 82 8.71 -4.67 -49.29
C GLU D 82 7.76 -3.56 -49.69
N ASN D 83 6.47 -3.71 -49.39
CA ASN D 83 5.50 -2.66 -49.70
C ASN D 83 5.80 -1.39 -48.91
N LEU D 84 6.12 -1.54 -47.62
CA LEU D 84 6.47 -0.37 -46.82
C LEU D 84 7.71 0.33 -47.37
N ASP D 85 8.69 -0.46 -47.83
CA ASP D 85 9.88 0.11 -48.45
C ASP D 85 9.51 0.87 -49.73
N ALA D 86 8.74 0.23 -50.61
CA ALA D 86 8.39 0.85 -51.88
C ALA D 86 7.56 2.11 -51.70
N VAL D 87 6.82 2.21 -50.59
CA VAL D 87 6.01 3.40 -50.39
C VAL D 87 6.74 4.51 -49.63
N TYR D 88 7.67 4.17 -48.72
CA TYR D 88 8.24 5.18 -47.84
C TYR D 88 9.75 5.40 -47.97
N GLU D 89 10.50 4.47 -48.57
CA GLU D 89 11.91 4.73 -48.82
C GLU D 89 12.20 4.73 -50.32
N ARG D 90 11.17 5.01 -51.12
CA ARG D 90 11.32 5.04 -52.57
C ARG D 90 12.34 6.10 -52.98
N LYS D 91 13.06 5.81 -54.06
CA LYS D 91 14.08 6.72 -54.58
C LYS D 91 13.42 7.71 -55.52
N SER D 92 13.26 8.96 -55.06
CA SER D 92 12.58 9.99 -55.82
C SER D 92 13.51 11.17 -56.04
N LEU D 93 13.46 11.73 -57.25
CA LEU D 93 14.34 12.82 -57.64
C LEU D 93 13.93 14.16 -57.02
N ALA D 94 12.68 14.57 -57.21
CA ALA D 94 12.23 15.85 -56.67
C ALA D 94 12.37 15.86 -55.15
N SER D 95 12.11 14.73 -54.51
CA SER D 95 12.30 14.63 -53.07
C SER D 95 13.73 14.98 -52.69
N GLN D 96 14.72 14.34 -53.33
CA GLN D 96 16.10 14.56 -52.93
C GLN D 96 16.60 15.95 -53.32
N LEU D 97 16.07 16.53 -54.41
CA LEU D 97 16.38 17.92 -54.70
C LEU D 97 15.87 18.85 -53.61
N ALA D 98 14.64 18.62 -53.13
CA ALA D 98 14.13 19.41 -52.02
C ALA D 98 14.98 19.21 -50.78
N LEU D 99 15.42 17.97 -50.54
CA LEU D 99 16.26 17.68 -49.39
C LEU D 99 17.57 18.44 -49.46
N ARG D 100 18.19 18.46 -50.65
CA ARG D 100 19.42 19.22 -50.85
C ARG D 100 19.19 20.71 -50.62
N LYS D 101 18.07 21.22 -51.13
CA LYS D 101 17.74 22.63 -50.93
C LYS D 101 17.60 22.95 -49.45
N ARG D 102 16.97 22.05 -48.69
CA ARG D 102 16.83 22.28 -47.26
C ARG D 102 18.18 22.22 -46.56
N LEU D 103 19.04 21.28 -46.95
CA LEU D 103 20.37 21.20 -46.36
C LEU D 103 21.16 22.48 -46.59
N LEU D 104 21.13 23.00 -47.82
CA LEU D 104 21.84 24.24 -48.09
C LEU D 104 21.23 25.42 -47.35
N SER D 105 20.01 25.29 -46.84
CA SER D 105 19.36 26.32 -46.06
C SER D 105 19.41 26.03 -44.55
N LEU D 106 20.11 24.97 -44.15
CA LEU D 106 20.21 24.61 -42.75
C LEU D 106 21.19 25.53 -42.04
N LYS D 107 20.75 26.17 -40.96
CA LYS D 107 21.58 27.08 -40.19
C LYS D 107 21.42 26.76 -38.71
N LEU D 108 22.53 26.80 -37.99
CA LEU D 108 22.51 26.51 -36.56
C LEU D 108 21.90 27.68 -35.79
N SER D 109 20.94 27.38 -34.93
CA SER D 109 20.36 28.42 -34.08
C SER D 109 21.21 28.62 -32.83
N SER D 110 21.09 29.81 -32.25
CA SER D 110 21.93 30.18 -31.11
C SER D 110 21.64 29.30 -29.89
N GLU D 111 20.36 29.05 -29.62
CA GLU D 111 19.99 28.34 -28.40
C GLU D 111 20.32 26.86 -28.50
N MET D 112 20.27 26.32 -29.71
CA MET D 112 20.36 24.87 -29.90
C MET D 112 21.81 24.45 -30.11
N SER D 113 22.24 23.45 -29.33
CA SER D 113 23.64 23.06 -29.22
C SER D 113 24.05 22.10 -30.34
N LEU D 114 25.36 21.96 -30.52
CA LEU D 114 25.89 21.17 -31.64
C LEU D 114 25.47 19.71 -31.60
N LEU D 115 25.09 19.17 -30.45
CA LEU D 115 24.66 17.78 -30.42
C LEU D 115 23.36 17.60 -31.20
N SER D 116 22.36 18.44 -30.91
CA SER D 116 21.11 18.38 -31.65
C SER D 116 21.31 18.74 -33.11
N HIS D 117 22.20 19.71 -33.38
CA HIS D 117 22.51 20.07 -34.76
C HIS D 117 23.12 18.89 -35.51
N PHE D 118 24.05 18.17 -34.86
CA PHE D 118 24.66 17.01 -35.47
C PHE D 118 23.64 15.92 -35.72
N HIS D 119 22.72 15.71 -34.77
CA HIS D 119 21.68 14.71 -34.97
C HIS D 119 20.78 15.08 -36.14
N ILE D 120 20.39 16.36 -36.24
CA ILE D 120 19.56 16.80 -37.34
C ILE D 120 20.28 16.59 -38.67
N PHE D 121 21.55 16.98 -38.74
CA PHE D 121 22.31 16.80 -39.97
C PHE D 121 22.45 15.32 -40.31
N ASP D 122 22.69 14.47 -39.32
CA ASP D 122 22.85 13.05 -39.56
C ASP D 122 21.57 12.43 -40.10
N GLU D 123 20.42 12.73 -39.49
CA GLU D 123 19.18 12.17 -39.98
C GLU D 123 18.84 12.71 -41.36
N LEU D 124 19.11 14.00 -41.60
CA LEU D 124 18.86 14.58 -42.91
C LEU D 124 19.70 13.89 -43.99
N ILE D 125 20.98 13.68 -43.70
CA ILE D 125 21.86 13.04 -44.67
C ILE D 125 21.45 11.58 -44.89
N SER D 126 21.04 10.90 -43.81
CA SER D 126 20.61 9.51 -43.94
C SER D 126 19.37 9.39 -44.82
N GLU D 127 18.39 10.27 -44.62
CA GLU D 127 17.18 10.19 -45.42
C GLU D 127 17.42 10.67 -46.85
N LEU D 128 18.37 11.59 -47.04
CA LEU D 128 18.79 11.95 -48.39
C LEU D 128 19.44 10.76 -49.09
N LEU D 129 20.28 10.02 -48.39
CA LEU D 129 20.87 8.82 -48.96
C LEU D 129 19.80 7.80 -49.31
N ALA D 130 18.81 7.64 -48.44
CA ALA D 130 17.68 6.78 -48.74
C ALA D 130 16.93 7.26 -49.97
N ALA D 131 16.88 8.57 -50.19
CA ALA D 131 16.22 9.12 -51.38
C ALA D 131 16.94 8.78 -52.67
N GLY D 132 18.18 8.31 -52.61
CA GLY D 132 18.89 7.88 -53.80
C GLY D 132 19.94 8.86 -54.29
N ALA D 133 20.42 9.72 -53.41
CA ALA D 133 21.48 10.68 -53.74
C ALA D 133 22.77 10.21 -53.11
N LYS D 134 23.70 9.75 -53.94
CA LYS D 134 24.98 9.28 -53.44
C LYS D 134 25.82 10.45 -52.94
N ILE D 135 26.31 10.34 -51.71
CA ILE D 135 27.06 11.40 -51.07
C ILE D 135 28.32 10.81 -50.45
N GLU D 136 29.46 11.45 -50.69
CA GLU D 136 30.73 11.02 -50.16
C GLU D 136 31.01 11.76 -48.84
N GLU D 137 31.98 11.23 -48.08
CA GLU D 137 32.26 11.76 -46.75
C GLU D 137 32.67 13.22 -46.79
N MET D 138 33.52 13.59 -47.76
CA MET D 138 33.93 14.99 -47.87
C MET D 138 32.75 15.89 -48.19
N ASP D 139 31.76 15.38 -48.93
CA ASP D 139 30.55 16.15 -49.17
C ASP D 139 29.81 16.42 -47.88
N LYS D 140 29.69 15.39 -47.02
CA LYS D 140 29.09 15.58 -45.71
C LYS D 140 29.87 16.59 -44.90
N ILE D 141 31.19 16.54 -44.96
CA ILE D 141 32.03 17.47 -44.21
C ILE D 141 31.78 18.89 -44.70
N SER D 142 31.72 19.08 -46.02
CA SER D 142 31.45 20.41 -46.56
C SER D 142 30.09 20.92 -46.11
N HIS D 143 29.07 20.06 -46.14
CA HIS D 143 27.74 20.48 -45.70
C HIS D 143 27.74 20.85 -44.22
N LEU D 144 28.45 20.08 -43.39
CA LEU D 144 28.55 20.42 -41.98
C LEU D 144 29.27 21.75 -41.78
N LEU D 145 30.32 21.99 -42.55
CA LEU D 145 31.10 23.21 -42.36
C LEU D 145 30.31 24.45 -42.82
N ILE D 146 29.51 24.32 -43.88
CA ILE D 146 28.81 25.48 -44.41
C ILE D 146 27.52 25.81 -43.65
N THR D 147 27.14 25.00 -42.66
CA THR D 147 25.92 25.25 -41.89
C THR D 147 26.22 25.77 -40.48
N LEU D 148 27.36 26.43 -40.29
CA LEU D 148 27.77 26.90 -38.98
C LEU D 148 27.85 28.42 -38.96
N PRO D 149 27.69 29.03 -37.78
CA PRO D 149 27.68 30.50 -37.71
C PRO D 149 29.06 31.12 -37.86
N SER D 150 29.13 32.45 -37.77
CA SER D 150 30.37 33.18 -38.00
C SER D 150 31.38 32.99 -36.87
N CYS D 151 30.94 32.60 -35.68
CA CYS D 151 31.88 32.42 -34.57
C CYS D 151 32.81 31.24 -34.81
N TYR D 152 32.52 30.42 -35.82
CA TYR D 152 33.31 29.23 -36.12
C TYR D 152 34.34 29.47 -37.21
N ASP D 153 34.49 30.73 -37.66
CA ASP D 153 35.26 31.00 -38.87
C ASP D 153 36.69 30.47 -38.75
N GLY D 154 37.31 30.67 -37.59
CA GLY D 154 38.67 30.17 -37.41
C GLY D 154 38.77 28.68 -37.64
N ILE D 155 37.85 27.91 -37.05
CA ILE D 155 37.94 26.46 -37.18
C ILE D 155 37.52 26.00 -38.57
N ILE D 156 36.59 26.70 -39.22
CA ILE D 156 36.16 26.27 -40.55
C ILE D 156 37.26 26.50 -41.57
N THR D 157 37.97 27.63 -41.45
CA THR D 157 39.13 27.85 -42.32
C THR D 157 40.28 26.93 -41.96
N ALA D 158 40.47 26.65 -40.66
CA ALA D 158 41.56 25.78 -40.25
C ALA D 158 41.36 24.36 -40.76
N ILE D 159 40.14 23.83 -40.68
CA ILE D 159 39.92 22.43 -40.97
C ILE D 159 40.12 22.15 -42.46
N GLU D 160 39.72 23.08 -43.32
CA GLU D 160 39.85 22.85 -44.76
C GLU D 160 41.30 22.78 -45.20
N THR D 161 42.21 23.43 -44.48
CA THR D 161 43.62 23.38 -44.84
C THR D 161 44.21 21.97 -44.71
N LEU D 162 43.58 21.11 -43.91
CA LEU D 162 44.09 19.75 -43.75
C LEU D 162 43.97 18.98 -45.06
N SER D 163 44.89 18.04 -45.24
CA SER D 163 44.87 17.19 -46.43
C SER D 163 43.64 16.30 -46.42
N GLU D 164 43.06 16.08 -47.60
CA GLU D 164 41.84 15.30 -47.74
C GLU D 164 42.16 13.84 -48.05
N GLU D 165 42.85 13.20 -47.10
CA GLU D 165 43.18 11.79 -47.20
C GLU D 165 42.71 10.97 -46.01
N ASN D 166 42.54 11.59 -44.84
CA ASN D 166 42.09 10.89 -43.64
C ASN D 166 41.08 11.72 -42.86
N LEU D 167 40.52 12.76 -43.46
CA LEU D 167 39.60 13.67 -42.79
C LEU D 167 38.26 12.97 -42.66
N THR D 168 37.99 12.40 -41.49
CA THR D 168 36.76 11.68 -41.24
C THR D 168 35.74 12.56 -40.53
N LEU D 169 34.47 12.13 -40.58
CA LEU D 169 33.40 12.87 -39.95
C LEU D 169 33.57 12.95 -38.43
N ALA D 170 34.01 11.85 -37.81
CA ALA D 170 34.18 11.85 -36.36
C ALA D 170 35.23 12.87 -35.94
N PHE D 171 36.34 12.96 -36.67
CA PHE D 171 37.40 13.89 -36.31
C PHE D 171 36.91 15.34 -36.38
N VAL D 172 36.22 15.69 -37.48
CA VAL D 172 35.78 17.07 -37.63
C VAL D 172 34.69 17.40 -36.62
N LYS D 173 33.81 16.44 -36.32
CA LYS D 173 32.79 16.68 -35.30
C LYS D 173 33.43 16.90 -33.93
N ASN D 174 34.43 16.08 -33.59
CA ASN D 174 35.12 16.24 -32.31
C ASN D 174 35.79 17.59 -32.23
N ARG D 175 36.47 18.01 -33.31
CA ARG D 175 37.13 19.30 -33.31
C ARG D 175 36.12 20.43 -33.21
N LEU D 176 34.96 20.29 -33.86
CA LEU D 176 33.91 21.30 -33.76
C LEU D 176 33.40 21.43 -32.33
N LEU D 177 33.21 20.30 -31.65
CA LEU D 177 32.78 20.35 -30.25
C LEU D 177 33.85 20.99 -29.37
N ASP D 178 35.12 20.67 -29.63
CA ASP D 178 36.20 21.26 -28.84
C ASP D 178 36.27 22.76 -29.04
N GLN D 179 36.06 23.24 -30.27
CA GLN D 179 35.95 24.67 -30.51
C GLN D 179 34.72 25.25 -29.82
N GLU D 180 33.60 24.53 -29.83
CA GLU D 180 32.36 25.04 -29.26
C GLU D 180 32.50 25.27 -27.76
N ILE D 181 33.16 24.35 -27.06
CA ILE D 181 33.32 24.51 -25.62
C ILE D 181 34.10 25.78 -25.30
N LYS D 182 34.96 26.20 -26.23
CA LYS D 182 35.59 27.50 -26.12
C LYS D 182 34.60 28.61 -26.47
N ILE D 183 33.72 28.35 -27.44
CA ILE D 183 32.82 29.39 -27.93
C ILE D 183 31.87 29.85 -26.83
N LYS D 184 31.27 28.91 -26.09
CA LYS D 184 30.40 29.31 -24.98
C LYS D 184 31.19 30.00 -23.88
N ASN D 185 32.46 29.63 -23.71
CA ASN D 185 33.27 30.22 -22.65
C ASN D 185 33.45 31.71 -22.86
N ASP D 186 33.51 32.17 -24.11
CA ASP D 186 33.65 33.58 -24.43
C ASP D 186 32.29 34.27 -24.57
N HIS D 187 31.24 33.66 -24.04
CA HIS D 187 29.89 34.24 -24.11
C HIS D 187 29.26 34.29 -22.73
N ALA E 4 -3.00 -14.17 -12.41
CA ALA E 4 -2.02 -13.75 -13.41
C ALA E 4 -2.45 -12.48 -14.11
N LYS E 5 -3.70 -12.45 -14.56
CA LYS E 5 -4.24 -11.28 -15.24
C LYS E 5 -4.64 -10.23 -14.21
N ARG E 6 -3.99 -9.07 -14.26
CA ARG E 6 -4.24 -8.00 -13.31
C ARG E 6 -5.28 -7.00 -13.80
N ASN E 7 -5.89 -7.25 -14.95
CA ASN E 7 -6.95 -6.37 -15.46
C ASN E 7 -8.25 -6.48 -14.66
N ILE E 8 -8.38 -7.51 -13.82
CA ILE E 8 -9.62 -7.73 -13.09
C ILE E 8 -9.70 -6.74 -11.92
N LYS E 9 -10.68 -5.85 -11.99
CA LYS E 9 -10.91 -4.94 -10.88
C LYS E 9 -11.36 -5.72 -9.66
N PRO E 10 -10.73 -5.53 -8.49
CA PRO E 10 -11.17 -6.24 -7.29
C PRO E 10 -12.62 -5.91 -6.97
N PHE E 11 -13.36 -6.94 -6.54
CA PHE E 11 -14.78 -6.77 -6.30
C PHE E 11 -15.02 -5.91 -5.07
N ASP E 12 -15.84 -4.87 -5.22
CA ASP E 12 -16.15 -3.97 -4.12
C ASP E 12 -17.65 -3.76 -3.99
N GLY E 13 -18.45 -4.68 -4.54
CA GLY E 13 -19.89 -4.58 -4.43
C GLY E 13 -20.59 -4.06 -5.67
N GLU E 14 -19.90 -3.89 -6.79
CA GLU E 14 -20.49 -3.33 -8.00
C GLU E 14 -20.34 -4.30 -9.16
N LYS E 15 -21.45 -4.60 -9.82
CA LYS E 15 -21.48 -5.41 -11.04
C LYS E 15 -20.78 -6.75 -10.81
N TYR E 16 -21.41 -7.57 -9.97
CA TYR E 16 -20.80 -8.83 -9.57
C TYR E 16 -20.55 -9.77 -10.76
N ALA E 17 -21.32 -9.63 -11.83
CA ALA E 17 -21.25 -10.60 -12.92
C ALA E 17 -19.92 -10.55 -13.64
N ILE E 18 -19.42 -9.35 -13.96
CA ILE E 18 -18.14 -9.24 -14.64
C ILE E 18 -17.02 -9.80 -13.78
N TRP E 19 -17.02 -9.46 -12.49
CA TRP E 19 -15.99 -9.97 -11.59
C TRP E 19 -16.04 -11.49 -11.52
N LYS E 20 -17.24 -12.06 -11.42
CA LYS E 20 -17.37 -13.52 -11.38
C LYS E 20 -16.86 -14.15 -12.66
N PHE E 21 -17.22 -13.58 -13.81
CA PHE E 21 -16.79 -14.14 -15.08
C PHE E 21 -15.27 -14.07 -15.23
N ARG E 22 -14.68 -12.93 -14.87
CA ARG E 22 -13.23 -12.79 -14.96
C ARG E 22 -12.51 -13.75 -14.02
N ILE E 23 -13.02 -13.90 -12.80
CA ILE E 23 -12.41 -14.82 -11.85
C ILE E 23 -12.50 -16.25 -12.36
N ARG E 24 -13.66 -16.63 -12.90
CA ARG E 24 -13.82 -17.97 -13.46
C ARG E 24 -12.87 -18.20 -14.62
N ALA E 25 -12.74 -17.20 -15.50
CA ALA E 25 -11.82 -17.32 -16.64
C ALA E 25 -10.38 -17.48 -16.17
N LEU E 26 -9.98 -16.70 -15.17
CA LEU E 26 -8.61 -16.81 -14.65
C LEU E 26 -8.38 -18.16 -14.00
N LEU E 27 -9.35 -18.66 -13.24
CA LEU E 27 -9.22 -19.96 -12.62
C LEU E 27 -9.10 -21.06 -13.66
N ALA E 28 -9.92 -20.98 -14.71
CA ALA E 28 -9.81 -21.95 -15.80
C ALA E 28 -8.48 -21.83 -16.53
N GLU E 29 -7.92 -20.62 -16.59
CA GLU E 29 -6.65 -20.41 -17.28
C GLU E 29 -5.52 -21.19 -16.62
N GLN E 30 -5.48 -21.19 -15.28
CA GLN E 30 -4.46 -21.91 -14.54
C GLN E 30 -4.85 -23.36 -14.28
N ASP E 31 -5.83 -23.89 -14.99
CA ASP E 31 -6.32 -25.26 -14.78
C ASP E 31 -6.78 -25.46 -13.34
N VAL E 32 -7.52 -24.48 -12.82
CA VAL E 32 -7.97 -24.51 -11.44
C VAL E 32 -9.50 -24.51 -11.31
N LEU E 33 -10.23 -24.09 -12.34
CA LEU E 33 -11.68 -23.95 -12.23
C LEU E 33 -12.38 -25.28 -11.96
N LYS E 34 -11.70 -26.40 -12.17
CA LYS E 34 -12.30 -27.70 -11.92
C LYS E 34 -12.76 -27.86 -10.47
N VAL E 35 -12.13 -27.15 -9.53
CA VAL E 35 -12.53 -27.28 -8.13
C VAL E 35 -13.86 -26.59 -7.88
N VAL E 36 -14.19 -25.58 -8.68
CA VAL E 36 -15.43 -24.85 -8.46
C VAL E 36 -16.61 -25.58 -9.08
N ASP E 37 -16.48 -25.97 -10.34
CA ASP E 37 -17.59 -26.59 -11.07
C ASP E 37 -17.57 -28.11 -10.98
N GLY E 38 -16.39 -28.72 -11.03
CA GLY E 38 -16.31 -30.16 -10.93
C GLY E 38 -16.73 -30.67 -9.57
N LEU E 39 -17.19 -31.92 -9.55
CA LEU E 39 -17.69 -32.51 -8.31
C LEU E 39 -16.54 -32.77 -7.35
N MET E 40 -16.85 -32.71 -6.06
CA MET E 40 -15.84 -32.94 -5.04
C MET E 40 -15.40 -34.41 -5.07
N PRO E 41 -14.11 -34.69 -5.26
CA PRO E 41 -13.66 -36.08 -5.29
C PRO E 41 -13.82 -36.74 -3.93
N ASN E 42 -14.08 -38.06 -3.97
CA ASN E 42 -14.21 -38.81 -2.73
C ASN E 42 -12.91 -38.84 -1.94
N GLU E 43 -11.79 -38.98 -2.64
CA GLU E 43 -10.47 -38.89 -2.02
C GLU E 43 -9.73 -37.69 -2.60
N VAL E 44 -8.97 -37.00 -1.75
CA VAL E 44 -8.23 -35.82 -2.15
C VAL E 44 -6.77 -36.18 -2.32
N ASP E 45 -6.17 -35.72 -3.40
CA ASP E 45 -4.74 -35.87 -3.64
C ASP E 45 -4.06 -34.51 -3.42
N ASP E 46 -2.73 -34.51 -3.54
CA ASP E 46 -2.00 -33.25 -3.42
C ASP E 46 -2.38 -32.27 -4.52
N SER E 47 -2.72 -32.79 -5.71
CA SER E 47 -3.13 -31.92 -6.80
C SER E 47 -4.41 -31.17 -6.48
N TRP E 48 -5.41 -31.88 -5.95
CA TRP E 48 -6.67 -31.22 -5.60
C TRP E 48 -6.46 -30.20 -4.48
N LYS E 49 -5.63 -30.54 -3.49
CA LYS E 49 -5.35 -29.59 -2.43
C LYS E 49 -4.67 -28.34 -2.97
N LYS E 50 -3.67 -28.50 -3.84
CA LYS E 50 -2.98 -27.36 -4.41
C LYS E 50 -3.93 -26.51 -5.23
N ALA E 51 -4.81 -27.14 -6.02
CA ALA E 51 -5.77 -26.39 -6.81
C ALA E 51 -6.74 -25.62 -5.92
N GLU E 52 -7.20 -26.25 -4.83
CA GLU E 52 -8.09 -25.56 -3.90
C GLU E 52 -7.41 -24.35 -3.28
N ARG E 53 -6.16 -24.51 -2.84
CA ARG E 53 -5.44 -23.39 -2.25
C ARG E 53 -5.22 -22.28 -3.27
N CYS E 54 -4.87 -22.64 -4.50
CA CYS E 54 -4.64 -21.63 -5.53
C CYS E 54 -5.92 -20.87 -5.84
N ALA E 55 -7.05 -21.58 -5.95
CA ALA E 55 -8.32 -20.92 -6.22
C ALA E 55 -8.70 -19.98 -5.08
N LYS E 56 -8.55 -20.45 -3.84
CA LYS E 56 -8.90 -19.62 -2.70
C LYS E 56 -8.03 -18.36 -2.64
N SER E 57 -6.72 -18.54 -2.85
CA SER E 57 -5.81 -17.40 -2.82
C SER E 57 -6.10 -16.41 -3.94
N THR E 58 -6.38 -16.93 -5.15
CA THR E 58 -6.69 -16.05 -6.27
C THR E 58 -7.97 -15.26 -6.00
N ILE E 59 -9.00 -15.93 -5.47
CA ILE E 59 -10.24 -15.23 -5.17
C ILE E 59 -10.00 -14.17 -4.10
N ILE E 60 -9.23 -14.51 -3.07
CA ILE E 60 -8.93 -13.54 -2.01
C ILE E 60 -8.17 -12.34 -2.58
N GLU E 61 -7.26 -12.59 -3.52
CA GLU E 61 -6.44 -11.52 -4.07
C GLU E 61 -7.28 -10.47 -4.77
N TYR E 62 -8.28 -10.89 -5.53
CA TYR E 62 -9.12 -9.98 -6.31
C TYR E 62 -10.39 -9.57 -5.55
N LEU E 63 -10.32 -9.56 -4.21
CA LEU E 63 -11.41 -9.10 -3.37
C LEU E 63 -10.97 -7.86 -2.61
N SER E 64 -11.82 -6.85 -2.59
CA SER E 64 -11.50 -5.63 -1.87
C SER E 64 -11.47 -5.89 -0.37
N ASP E 65 -10.87 -4.94 0.37
CA ASP E 65 -10.71 -5.12 1.80
C ASP E 65 -12.04 -5.20 2.53
N SER E 66 -13.02 -4.40 2.12
CA SER E 66 -14.31 -4.39 2.81
C SER E 66 -15.03 -5.73 2.67
N PHE E 67 -14.80 -6.46 1.59
CA PHE E 67 -15.50 -7.70 1.31
C PHE E 67 -14.70 -8.93 1.68
N LEU E 68 -13.50 -8.76 2.25
CA LEU E 68 -12.69 -9.90 2.67
C LEU E 68 -13.35 -10.71 3.78
N ASN E 69 -14.35 -10.15 4.46
CA ASN E 69 -15.08 -10.88 5.48
C ASN E 69 -15.76 -12.12 4.94
N PHE E 70 -16.03 -12.17 3.64
CA PHE E 70 -16.68 -13.31 3.02
C PHE E 70 -15.82 -14.58 3.05
N ALA E 71 -14.52 -14.45 3.33
CA ALA E 71 -13.63 -15.61 3.31
C ALA E 71 -12.84 -15.77 4.61
N THR E 72 -13.28 -15.14 5.70
CA THR E 72 -12.57 -15.31 6.97
C THR E 72 -12.63 -16.76 7.45
N SER E 73 -13.79 -17.40 7.34
CA SER E 73 -13.95 -18.76 7.83
C SER E 73 -13.18 -19.74 6.94
N ASP E 74 -12.95 -20.93 7.49
CA ASP E 74 -12.29 -22.01 6.77
C ASP E 74 -13.27 -22.59 5.75
N ILE E 75 -13.38 -21.92 4.62
CA ILE E 75 -14.27 -22.31 3.54
C ILE E 75 -13.50 -22.33 2.23
N THR E 76 -13.90 -23.23 1.34
CA THR E 76 -13.24 -23.36 0.06
C THR E 76 -13.75 -22.29 -0.90
N ALA E 77 -13.22 -22.32 -2.13
CA ALA E 77 -13.61 -21.33 -3.12
C ALA E 77 -15.09 -21.44 -3.46
N ARG E 78 -15.61 -22.67 -3.50
CA ARG E 78 -17.01 -22.86 -3.84
C ARG E 78 -17.93 -22.18 -2.83
N GLN E 79 -17.62 -22.30 -1.53
CA GLN E 79 -18.45 -21.66 -0.53
C GLN E 79 -18.42 -20.15 -0.67
N ILE E 80 -17.24 -19.57 -0.90
CA ILE E 80 -17.14 -18.12 -1.07
C ILE E 80 -17.96 -17.68 -2.28
N LEU E 81 -17.81 -18.40 -3.40
CA LEU E 81 -18.52 -18.03 -4.62
C LEU E 81 -20.04 -18.14 -4.43
N GLU E 82 -20.51 -19.21 -3.78
CA GLU E 82 -21.94 -19.38 -3.61
C GLU E 82 -22.50 -18.36 -2.62
N ASN E 83 -21.73 -17.98 -1.60
CA ASN E 83 -22.16 -16.92 -0.71
C ASN E 83 -22.28 -15.59 -1.45
N LEU E 84 -21.28 -15.26 -2.26
CA LEU E 84 -21.35 -14.03 -3.05
C LEU E 84 -22.54 -14.07 -4.00
N ASP E 85 -22.81 -15.24 -4.59
CA ASP E 85 -23.98 -15.38 -5.45
C ASP E 85 -25.27 -15.12 -4.67
N ALA E 86 -25.43 -15.80 -3.54
CA ALA E 86 -26.66 -15.68 -2.77
C ALA E 86 -26.85 -14.26 -2.25
N VAL E 87 -25.77 -13.50 -2.09
CA VAL E 87 -25.94 -12.16 -1.53
C VAL E 87 -26.07 -11.12 -2.64
N TYR E 88 -25.59 -11.42 -3.84
CA TYR E 88 -25.52 -10.39 -4.87
C TYR E 88 -26.25 -10.71 -6.18
N GLU E 89 -26.64 -11.96 -6.42
CA GLU E 89 -27.38 -12.26 -7.65
C GLU E 89 -28.69 -12.96 -7.31
N ARG E 90 -29.17 -12.77 -6.08
CA ARG E 90 -30.44 -13.31 -5.66
C ARG E 90 -31.57 -12.72 -6.51
N LYS E 91 -32.46 -13.58 -6.96
CA LYS E 91 -33.58 -13.20 -7.82
C LYS E 91 -34.70 -12.67 -6.94
N SER E 92 -34.71 -11.35 -6.74
CA SER E 92 -35.65 -10.70 -5.84
C SER E 92 -36.39 -9.60 -6.56
N LEU E 93 -37.59 -9.29 -6.07
CA LEU E 93 -38.41 -8.26 -6.69
C LEU E 93 -37.74 -6.90 -6.64
N ALA E 94 -37.15 -6.55 -5.49
CA ALA E 94 -36.49 -5.26 -5.37
C ALA E 94 -35.31 -5.14 -6.30
N SER E 95 -34.63 -6.26 -6.58
CA SER E 95 -33.50 -6.21 -7.50
C SER E 95 -33.94 -5.77 -8.88
N GLN E 96 -34.95 -6.45 -9.45
CA GLN E 96 -35.41 -6.17 -10.79
C GLN E 96 -36.26 -4.92 -10.90
N LEU E 97 -36.92 -4.50 -9.81
CA LEU E 97 -37.78 -3.31 -9.88
C LEU E 97 -36.96 -2.06 -10.15
N ALA E 98 -35.82 -1.91 -9.45
CA ALA E 98 -34.95 -0.78 -9.72
C ALA E 98 -34.38 -0.85 -11.13
N LEU E 99 -34.06 -2.04 -11.60
CA LEU E 99 -33.55 -2.19 -12.95
C LEU E 99 -34.58 -1.70 -13.97
N ARG E 100 -35.83 -2.11 -13.79
CA ARG E 100 -36.89 -1.65 -14.69
C ARG E 100 -37.06 -0.15 -14.60
N LYS E 101 -37.05 0.40 -13.38
CA LYS E 101 -37.22 1.84 -13.22
C LYS E 101 -36.11 2.62 -13.93
N ARG E 102 -34.86 2.14 -13.86
CA ARG E 102 -33.82 2.80 -14.62
C ARG E 102 -34.03 2.63 -16.12
N LEU E 103 -34.51 1.45 -16.55
CA LEU E 103 -34.75 1.22 -17.97
C LEU E 103 -35.77 2.20 -18.54
N LEU E 104 -36.86 2.46 -17.79
CA LEU E 104 -37.83 3.45 -18.25
C LEU E 104 -37.23 4.84 -18.33
N SER E 105 -36.12 5.09 -17.65
CA SER E 105 -35.46 6.39 -17.65
C SER E 105 -34.28 6.45 -18.60
N LEU E 106 -34.10 5.45 -19.45
CA LEU E 106 -32.97 5.39 -20.38
C LEU E 106 -33.29 6.17 -21.65
N LYS E 107 -33.52 7.47 -21.50
CA LYS E 107 -33.80 8.32 -22.65
C LYS E 107 -32.52 8.57 -23.45
N LEU E 108 -32.65 8.56 -24.76
CA LEU E 108 -31.53 8.84 -25.64
C LEU E 108 -31.09 10.30 -25.51
N SER E 109 -29.79 10.52 -25.53
CA SER E 109 -29.25 11.87 -25.56
C SER E 109 -28.88 12.26 -26.99
N SER E 110 -28.89 13.56 -27.25
CA SER E 110 -28.68 14.04 -28.62
C SER E 110 -27.30 13.69 -29.14
N GLU E 111 -26.27 13.84 -28.29
CA GLU E 111 -24.89 13.67 -28.73
C GLU E 111 -24.48 12.22 -28.90
N MET E 112 -25.23 11.29 -28.33
CA MET E 112 -24.80 9.90 -28.24
C MET E 112 -25.56 9.04 -29.25
N SER E 113 -24.82 8.38 -30.14
CA SER E 113 -25.40 7.64 -31.24
C SER E 113 -26.03 6.34 -30.76
N LEU E 114 -26.94 5.80 -31.58
CA LEU E 114 -27.74 4.66 -31.16
C LEU E 114 -26.92 3.38 -31.00
N LEU E 115 -25.67 3.34 -31.46
CA LEU E 115 -24.85 2.17 -31.19
C LEU E 115 -24.55 2.05 -29.70
N SER E 116 -24.08 3.13 -29.09
CA SER E 116 -23.82 3.13 -27.65
C SER E 116 -25.13 2.97 -26.87
N HIS E 117 -26.20 3.59 -27.35
CA HIS E 117 -27.50 3.45 -26.71
C HIS E 117 -27.95 2.00 -26.70
N PHE E 118 -27.80 1.32 -27.85
CA PHE E 118 -28.17 -0.09 -27.95
C PHE E 118 -27.28 -0.95 -27.06
N HIS E 119 -25.99 -0.63 -26.98
CA HIS E 119 -25.10 -1.40 -26.11
C HIS E 119 -25.49 -1.24 -24.65
N ILE E 120 -25.81 -0.01 -24.23
CA ILE E 120 -26.22 0.23 -22.85
C ILE E 120 -27.51 -0.52 -22.55
N PHE E 121 -28.47 -0.47 -23.48
CA PHE E 121 -29.74 -1.17 -23.27
C PHE E 121 -29.52 -2.67 -23.21
N ASP E 122 -28.61 -3.20 -24.05
CA ASP E 122 -28.32 -4.62 -24.03
C ASP E 122 -27.71 -5.05 -22.71
N GLU E 123 -26.78 -4.25 -22.17
CA GLU E 123 -26.24 -4.56 -20.84
C GLU E 123 -27.32 -4.50 -19.78
N LEU E 124 -28.21 -3.51 -19.85
CA LEU E 124 -29.29 -3.42 -18.89
C LEU E 124 -30.19 -4.65 -18.95
N ILE E 125 -30.52 -5.11 -20.15
CA ILE E 125 -31.35 -6.30 -20.29
C ILE E 125 -30.62 -7.53 -19.78
N SER E 126 -29.32 -7.63 -20.08
CA SER E 126 -28.56 -8.79 -19.62
C SER E 126 -28.54 -8.85 -18.10
N GLU E 127 -28.30 -7.72 -17.43
CA GLU E 127 -28.23 -7.73 -15.98
C GLU E 127 -29.62 -7.91 -15.37
N LEU E 128 -30.67 -7.45 -16.07
CA LEU E 128 -32.03 -7.75 -15.64
C LEU E 128 -32.32 -9.25 -15.72
N LEU E 129 -31.85 -9.90 -16.80
CA LEU E 129 -31.98 -11.34 -16.91
C LEU E 129 -31.23 -12.04 -15.79
N ALA E 130 -30.05 -11.53 -15.44
CA ALA E 130 -29.31 -12.07 -14.31
C ALA E 130 -30.08 -11.93 -13.01
N ALA E 131 -31.01 -10.98 -12.92
CA ALA E 131 -31.83 -10.78 -11.73
C ALA E 131 -33.03 -11.72 -11.67
N GLY E 132 -33.09 -12.72 -12.56
CA GLY E 132 -34.17 -13.67 -12.56
C GLY E 132 -35.44 -13.20 -13.23
N ALA E 133 -35.44 -12.03 -13.85
CA ALA E 133 -36.61 -11.53 -14.57
C ALA E 133 -36.54 -12.04 -15.99
N LYS E 134 -37.23 -13.15 -16.26
CA LYS E 134 -37.28 -13.68 -17.60
C LYS E 134 -38.00 -12.70 -18.52
N ILE E 135 -37.32 -12.29 -19.59
CA ILE E 135 -37.82 -11.28 -20.50
C ILE E 135 -37.91 -11.87 -21.90
N GLU E 136 -39.11 -11.85 -22.47
CA GLU E 136 -39.33 -12.28 -23.84
C GLU E 136 -38.82 -11.22 -24.81
N GLU E 137 -38.37 -11.69 -25.98
CA GLU E 137 -37.66 -10.81 -26.91
C GLU E 137 -38.51 -9.60 -27.29
N MET E 138 -39.81 -9.80 -27.45
CA MET E 138 -40.71 -8.68 -27.70
C MET E 138 -40.67 -7.66 -26.58
N ASP E 139 -40.51 -8.11 -25.33
CA ASP E 139 -40.41 -7.16 -24.24
C ASP E 139 -39.15 -6.31 -24.38
N LYS E 140 -38.05 -6.92 -24.80
CA LYS E 140 -36.85 -6.15 -25.12
C LYS E 140 -37.14 -5.13 -26.21
N ILE E 141 -37.83 -5.55 -27.27
CA ILE E 141 -38.11 -4.65 -28.38
C ILE E 141 -38.94 -3.47 -27.91
N SER E 142 -39.97 -3.74 -27.10
CA SER E 142 -40.84 -2.68 -26.61
C SER E 142 -40.07 -1.73 -25.69
N HIS E 143 -39.21 -2.28 -24.83
CA HIS E 143 -38.41 -1.43 -23.95
C HIS E 143 -37.45 -0.57 -24.77
N LEU E 144 -36.99 -1.08 -25.92
CA LEU E 144 -36.18 -0.24 -26.80
C LEU E 144 -36.98 0.93 -27.32
N LEU E 145 -38.18 0.67 -27.85
CA LEU E 145 -38.92 1.71 -28.58
C LEU E 145 -39.33 2.86 -27.68
N ILE E 146 -39.73 2.56 -26.43
CA ILE E 146 -40.16 3.61 -25.51
C ILE E 146 -39.05 4.56 -25.11
N THR E 147 -37.80 4.22 -25.41
CA THR E 147 -36.66 5.07 -25.10
C THR E 147 -36.27 6.02 -26.21
N LEU E 148 -37.03 6.04 -27.29
CA LEU E 148 -36.64 6.84 -28.45
C LEU E 148 -37.38 8.16 -28.50
N PRO E 149 -36.75 9.20 -29.04
CA PRO E 149 -37.41 10.50 -29.13
C PRO E 149 -38.43 10.56 -30.26
N SER E 150 -39.07 11.71 -30.43
CA SER E 150 -40.14 11.87 -31.41
C SER E 150 -39.67 11.71 -32.84
N CYS E 151 -38.37 11.81 -33.10
CA CYS E 151 -37.88 11.71 -34.47
C CYS E 151 -38.05 10.32 -35.07
N TYR E 152 -38.37 9.31 -34.26
CA TYR E 152 -38.56 7.96 -34.76
C TYR E 152 -40.02 7.53 -34.77
N ASP E 153 -40.95 8.49 -34.85
CA ASP E 153 -42.37 8.14 -34.82
C ASP E 153 -42.76 7.28 -36.02
N GLY E 154 -42.29 7.65 -37.21
CA GLY E 154 -42.65 6.88 -38.39
C GLY E 154 -42.21 5.44 -38.29
N ILE E 155 -40.97 5.21 -37.86
CA ILE E 155 -40.46 3.84 -37.82
C ILE E 155 -41.14 3.03 -36.73
N ILE E 156 -41.50 3.65 -35.59
CA ILE E 156 -42.17 2.88 -34.55
C ILE E 156 -43.59 2.54 -34.97
N THR E 157 -44.28 3.46 -35.64
CA THR E 157 -45.60 3.12 -36.18
C THR E 157 -45.49 2.01 -37.22
N ALA E 158 -44.45 2.05 -38.06
CA ALA E 158 -44.26 0.97 -39.02
C ALA E 158 -44.00 -0.36 -38.33
N ILE E 159 -43.14 -0.37 -37.32
CA ILE E 159 -42.73 -1.61 -36.68
C ILE E 159 -43.88 -2.21 -35.89
N GLU E 160 -44.71 -1.37 -35.26
CA GLU E 160 -45.79 -1.91 -34.44
C GLU E 160 -46.86 -2.58 -35.29
N THR E 161 -47.08 -2.08 -36.51
CA THR E 161 -48.00 -2.73 -37.43
C THR E 161 -47.51 -4.09 -37.90
N LEU E 162 -46.22 -4.37 -37.81
CA LEU E 162 -45.68 -5.61 -38.35
C LEU E 162 -46.19 -6.81 -37.56
N SER E 163 -46.32 -7.93 -38.28
CA SER E 163 -46.82 -9.16 -37.68
C SER E 163 -45.83 -9.73 -36.68
N GLU E 164 -46.35 -10.21 -35.55
CA GLU E 164 -45.54 -10.59 -34.39
C GLU E 164 -45.28 -12.10 -34.34
N GLU E 165 -44.57 -12.65 -35.33
CA GLU E 165 -44.17 -14.05 -35.29
C GLU E 165 -42.67 -14.23 -35.49
N ASN E 166 -42.05 -13.41 -36.35
CA ASN E 166 -40.63 -13.51 -36.63
C ASN E 166 -39.90 -12.21 -36.32
N LEU E 167 -40.56 -11.32 -35.58
CA LEU E 167 -39.96 -10.03 -35.23
C LEU E 167 -38.85 -10.26 -34.21
N THR E 168 -37.61 -10.28 -34.67
CA THR E 168 -36.45 -10.42 -33.81
C THR E 168 -35.87 -9.04 -33.51
N LEU E 169 -35.13 -8.96 -32.41
CA LEU E 169 -34.57 -7.67 -32.01
C LEU E 169 -33.57 -7.16 -33.03
N ALA E 170 -32.85 -8.05 -33.71
CA ALA E 170 -31.87 -7.61 -34.69
C ALA E 170 -32.52 -6.84 -35.83
N PHE E 171 -33.70 -7.30 -36.28
CA PHE E 171 -34.38 -6.61 -37.37
C PHE E 171 -34.76 -5.19 -36.98
N VAL E 172 -35.34 -5.02 -35.79
CA VAL E 172 -35.74 -3.68 -35.37
C VAL E 172 -34.51 -2.81 -35.13
N LYS E 173 -33.42 -3.40 -34.65
CA LYS E 173 -32.19 -2.64 -34.50
C LYS E 173 -31.70 -2.12 -35.85
N ASN E 174 -31.72 -2.98 -36.88
CA ASN E 174 -31.27 -2.55 -38.19
C ASN E 174 -32.19 -1.47 -38.76
N ARG E 175 -33.50 -1.63 -38.60
CA ARG E 175 -34.42 -0.62 -39.11
C ARG E 175 -34.24 0.71 -38.38
N LEU E 176 -34.03 0.66 -37.06
CA LEU E 176 -33.78 1.88 -36.31
C LEU E 176 -32.47 2.54 -36.70
N LEU E 177 -31.45 1.74 -37.03
CA LEU E 177 -30.19 2.31 -37.51
C LEU E 177 -30.38 3.01 -38.86
N ASP E 178 -31.18 2.41 -39.74
CA ASP E 178 -31.48 3.07 -41.00
C ASP E 178 -32.24 4.37 -40.76
N GLN E 179 -33.20 4.35 -39.83
CA GLN E 179 -33.95 5.56 -39.53
C GLN E 179 -33.02 6.62 -38.94
N GLU E 180 -32.06 6.17 -38.10
CA GLU E 180 -31.01 7.05 -37.60
C GLU E 180 -30.26 7.74 -38.72
N ILE E 181 -29.80 6.96 -39.70
CA ILE E 181 -28.97 7.56 -40.76
C ILE E 181 -29.81 8.52 -41.60
N LYS E 182 -31.09 8.19 -41.79
CA LYS E 182 -31.98 9.10 -42.50
C LYS E 182 -32.17 10.40 -41.73
N ILE E 183 -32.34 10.31 -40.40
CA ILE E 183 -32.51 11.51 -39.60
C ILE E 183 -31.26 12.37 -39.62
N LYS E 184 -30.10 11.75 -39.42
CA LYS E 184 -28.84 12.50 -39.44
C LYS E 184 -28.61 13.12 -40.81
N ASN E 185 -29.11 12.49 -41.87
CA ASN E 185 -29.13 13.14 -43.18
C ASN E 185 -29.99 14.41 -43.14
N ASP E 186 -31.14 14.35 -42.48
CA ASP E 186 -32.09 15.47 -42.47
C ASP E 186 -31.78 16.42 -41.31
N HIS E 187 -30.54 16.91 -41.28
CA HIS E 187 -30.12 17.87 -40.28
C HIS E 187 -28.95 18.71 -40.79
N ALA F 4 13.39 -9.58 -8.67
CA ALA F 4 12.00 -10.02 -8.62
C ALA F 4 11.19 -9.16 -7.66
N LYS F 5 11.63 -9.11 -6.40
CA LYS F 5 10.91 -8.33 -5.40
C LYS F 5 11.16 -6.85 -5.63
N ARG F 6 10.10 -6.11 -5.90
CA ARG F 6 10.21 -4.72 -6.34
C ARG F 6 10.04 -3.71 -5.22
N ASN F 7 9.83 -4.15 -3.99
CA ASN F 7 9.67 -3.20 -2.89
C ASN F 7 10.99 -2.66 -2.36
N ILE F 8 12.11 -3.29 -2.71
CA ILE F 8 13.41 -2.90 -2.15
C ILE F 8 13.84 -1.59 -2.80
N LYS F 9 13.87 -0.53 -1.99
CA LYS F 9 14.35 0.76 -2.46
C LYS F 9 15.85 0.66 -2.79
N PRO F 10 16.27 1.13 -3.97
CA PRO F 10 17.70 1.12 -4.28
C PRO F 10 18.49 1.94 -3.27
N PHE F 11 19.68 1.44 -2.93
CA PHE F 11 20.50 2.04 -1.90
C PHE F 11 21.03 3.39 -2.38
N ASP F 12 20.52 4.47 -1.80
CA ASP F 12 20.95 5.82 -2.13
C ASP F 12 21.86 6.41 -1.06
N GLY F 13 22.36 5.58 -0.15
CA GLY F 13 23.27 6.03 0.89
C GLY F 13 22.69 6.18 2.27
N GLU F 14 21.42 5.82 2.47
CA GLU F 14 20.79 5.92 3.77
C GLU F 14 20.11 4.60 4.11
N LYS F 15 20.04 4.29 5.41
CA LYS F 15 19.43 3.06 5.90
C LYS F 15 20.07 1.83 5.24
N TYR F 16 21.41 1.79 5.32
CA TYR F 16 22.16 0.72 4.66
C TYR F 16 21.78 -0.66 5.19
N ALA F 17 21.52 -0.77 6.50
CA ALA F 17 21.17 -2.06 7.07
C ALA F 17 19.87 -2.59 6.47
N ILE F 18 18.88 -1.71 6.29
CA ILE F 18 17.60 -2.14 5.72
C ILE F 18 17.80 -2.65 4.30
N TRP F 19 18.54 -1.90 3.48
CA TRP F 19 18.78 -2.32 2.10
C TRP F 19 19.54 -3.63 2.05
N LYS F 20 20.56 -3.78 2.91
CA LYS F 20 21.33 -5.02 2.94
C LYS F 20 20.45 -6.20 3.35
N PHE F 21 19.58 -5.99 4.35
CA PHE F 21 18.70 -7.07 4.78
C PHE F 21 17.74 -7.48 3.68
N ARG F 22 17.15 -6.50 2.99
CA ARG F 22 16.24 -6.80 1.89
C ARG F 22 16.96 -7.54 0.77
N ILE F 23 18.18 -7.10 0.44
CA ILE F 23 18.95 -7.75 -0.61
C ILE F 23 19.28 -9.18 -0.22
N ARG F 24 19.68 -9.40 1.03
CA ARG F 24 19.99 -10.75 1.48
C ARG F 24 18.75 -11.64 1.43
N ALA F 25 17.60 -11.10 1.82
CA ALA F 25 16.37 -11.87 1.73
C ALA F 25 16.03 -12.24 0.29
N LEU F 26 16.19 -11.29 -0.63
CA LEU F 26 15.90 -11.56 -2.03
C LEU F 26 16.86 -12.61 -2.59
N LEU F 27 18.14 -12.50 -2.25
CA LEU F 27 19.11 -13.49 -2.72
C LEU F 27 18.80 -14.88 -2.16
N ALA F 28 18.41 -14.95 -0.90
CA ALA F 28 18.02 -16.24 -0.31
C ALA F 28 16.76 -16.78 -0.97
N GLU F 29 15.87 -15.90 -1.43
CA GLU F 29 14.65 -16.36 -2.08
C GLU F 29 14.96 -17.15 -3.35
N GLN F 30 15.90 -16.68 -4.16
CA GLN F 30 16.32 -17.38 -5.35
C GLN F 30 17.43 -18.39 -5.08
N ASP F 31 17.68 -18.71 -3.81
CA ASP F 31 18.74 -19.63 -3.41
C ASP F 31 20.10 -19.18 -3.93
N VAL F 32 20.33 -17.88 -3.89
CA VAL F 32 21.60 -17.30 -4.34
C VAL F 32 22.45 -16.80 -3.19
N LEU F 33 21.89 -16.65 -1.98
CA LEU F 33 22.67 -16.15 -0.86
C LEU F 33 23.78 -17.11 -0.45
N LYS F 34 23.76 -18.35 -0.96
CA LYS F 34 24.82 -19.30 -0.64
C LYS F 34 26.19 -18.80 -1.11
N VAL F 35 26.23 -18.16 -2.28
CA VAL F 35 27.51 -17.66 -2.80
C VAL F 35 28.05 -16.58 -1.86
N VAL F 36 27.19 -15.66 -1.43
CA VAL F 36 27.63 -14.59 -0.54
C VAL F 36 28.06 -15.15 0.81
N ASP F 37 27.29 -16.09 1.37
CA ASP F 37 27.53 -16.55 2.72
C ASP F 37 28.40 -17.79 2.77
N GLY F 38 28.11 -18.79 1.94
CA GLY F 38 28.86 -20.03 1.97
C GLY F 38 30.28 -19.85 1.45
N LEU F 39 31.12 -20.83 1.79
CA LEU F 39 32.53 -20.76 1.42
C LEU F 39 32.71 -20.90 -0.09
N MET F 40 33.78 -20.30 -0.59
CA MET F 40 34.09 -20.37 -2.01
C MET F 40 34.58 -21.76 -2.36
N PRO F 41 33.89 -22.49 -3.25
CA PRO F 41 34.32 -23.85 -3.57
C PRO F 41 35.66 -23.86 -4.28
N ASN F 42 36.45 -24.90 -4.00
CA ASN F 42 37.75 -25.05 -4.65
C ASN F 42 37.59 -25.26 -6.15
N GLU F 43 36.57 -26.00 -6.56
CA GLU F 43 36.23 -26.18 -7.97
C GLU F 43 34.91 -25.49 -8.25
N VAL F 44 34.90 -24.61 -9.25
CA VAL F 44 33.69 -23.90 -9.65
C VAL F 44 33.01 -24.70 -10.75
N ASP F 45 31.68 -24.70 -10.74
CA ASP F 45 30.88 -25.34 -11.76
C ASP F 45 29.97 -24.31 -12.42
N ASP F 46 29.14 -24.76 -13.35
CA ASP F 46 28.21 -23.85 -14.03
C ASP F 46 27.22 -23.27 -13.05
N SER F 47 26.75 -24.06 -12.08
CA SER F 47 25.77 -23.56 -11.12
C SER F 47 26.34 -22.42 -10.29
N TRP F 48 27.57 -22.56 -9.79
CA TRP F 48 28.16 -21.51 -8.99
C TRP F 48 28.37 -20.23 -9.81
N LYS F 49 28.86 -20.39 -11.05
CA LYS F 49 29.08 -19.22 -11.90
C LYS F 49 27.77 -18.51 -12.21
N LYS F 50 26.72 -19.27 -12.52
CA LYS F 50 25.43 -18.66 -12.78
C LYS F 50 24.89 -17.95 -11.56
N ALA F 51 25.02 -18.58 -10.38
CA ALA F 51 24.55 -17.96 -9.15
C ALA F 51 25.30 -16.67 -8.86
N GLU F 52 26.62 -16.69 -9.04
CA GLU F 52 27.40 -15.47 -8.81
C GLU F 52 27.03 -14.38 -9.80
N ARG F 53 26.84 -14.73 -11.07
CA ARG F 53 26.44 -13.74 -12.06
C ARG F 53 25.09 -13.13 -11.71
N CYS F 54 24.12 -13.97 -11.33
CA CYS F 54 22.80 -13.47 -10.97
C CYS F 54 22.87 -12.59 -9.73
N ALA F 55 23.67 -12.98 -8.74
CA ALA F 55 23.79 -12.18 -7.53
C ALA F 55 24.40 -10.82 -7.83
N LYS F 56 25.49 -10.79 -8.59
CA LYS F 56 26.13 -9.53 -8.93
C LYS F 56 25.20 -8.66 -9.76
N SER F 57 24.46 -9.27 -10.68
CA SER F 57 23.50 -8.53 -11.48
C SER F 57 22.41 -7.92 -10.62
N THR F 58 21.91 -8.67 -9.64
CA THR F 58 20.90 -8.14 -8.73
C THR F 58 21.45 -7.00 -7.90
N ILE F 59 22.68 -7.15 -7.41
CA ILE F 59 23.32 -6.08 -6.64
C ILE F 59 23.40 -4.81 -7.46
N ILE F 60 23.89 -4.92 -8.70
CA ILE F 60 24.02 -3.74 -9.55
C ILE F 60 22.64 -3.17 -9.87
N GLU F 61 21.64 -4.02 -10.05
CA GLU F 61 20.31 -3.56 -10.42
C GLU F 61 19.69 -2.70 -9.32
N TYR F 62 19.82 -3.13 -8.07
CA TYR F 62 19.19 -2.45 -6.94
C TYR F 62 20.13 -1.46 -6.27
N LEU F 63 21.14 -0.96 -6.99
CA LEU F 63 22.04 0.06 -6.49
C LEU F 63 21.82 1.35 -7.26
N SER F 64 21.75 2.46 -6.54
CA SER F 64 21.57 3.75 -7.17
C SER F 64 22.80 4.11 -8.00
N ASP F 65 22.59 5.02 -8.96
CA ASP F 65 23.65 5.35 -9.91
C ASP F 65 24.87 5.97 -9.25
N SER F 66 24.70 6.70 -8.15
CA SER F 66 25.82 7.34 -7.48
C SER F 66 26.73 6.36 -6.77
N PHE F 67 26.34 5.09 -6.66
CA PHE F 67 27.14 4.09 -5.95
C PHE F 67 27.57 2.95 -6.85
N LEU F 68 27.41 3.09 -8.17
CA LEU F 68 27.89 2.08 -9.09
C LEU F 68 29.40 1.91 -9.03
N ASN F 69 30.11 2.90 -8.50
CA ASN F 69 31.56 2.81 -8.35
C ASN F 69 31.98 1.58 -7.55
N PHE F 70 31.15 1.14 -6.60
CA PHE F 70 31.48 -0.03 -5.80
C PHE F 70 31.50 -1.31 -6.63
N ALA F 71 30.96 -1.29 -7.84
CA ALA F 71 30.86 -2.49 -8.66
C ALA F 71 31.60 -2.40 -9.98
N THR F 72 32.22 -1.26 -10.30
CA THR F 72 32.97 -1.16 -11.55
C THR F 72 34.13 -2.14 -11.58
N SER F 73 34.83 -2.28 -10.47
CA SER F 73 35.89 -3.28 -10.37
C SER F 73 35.30 -4.69 -10.56
N ASP F 74 36.03 -5.51 -11.31
CA ASP F 74 35.56 -6.86 -11.62
C ASP F 74 35.71 -7.72 -10.36
N ILE F 75 34.71 -7.59 -9.49
CA ILE F 75 34.69 -8.32 -8.22
C ILE F 75 33.34 -9.01 -8.10
N THR F 76 33.35 -10.14 -7.38
CA THR F 76 32.12 -10.87 -7.16
C THR F 76 31.24 -10.13 -6.15
N ALA F 77 29.97 -10.55 -6.07
CA ALA F 77 29.04 -9.91 -5.15
C ALA F 77 29.52 -9.98 -3.72
N ARG F 78 30.33 -10.99 -3.39
CA ARG F 78 30.90 -11.07 -2.04
C ARG F 78 31.73 -9.84 -1.73
N GLN F 79 32.66 -9.50 -2.64
CA GLN F 79 33.49 -8.32 -2.42
C GLN F 79 32.67 -7.03 -2.41
N ILE F 80 31.64 -6.95 -3.26
CA ILE F 80 30.80 -5.75 -3.27
C ILE F 80 30.12 -5.56 -1.91
N LEU F 81 29.51 -6.64 -1.40
CA LEU F 81 28.85 -6.55 -0.10
C LEU F 81 29.84 -6.28 1.02
N GLU F 82 31.04 -6.89 0.94
CA GLU F 82 32.05 -6.64 1.97
C GLU F 82 32.49 -5.18 1.96
N ASN F 83 32.69 -4.60 0.77
CA ASN F 83 33.08 -3.20 0.68
C ASN F 83 31.98 -2.29 1.21
N LEU F 84 30.72 -2.59 0.86
CA LEU F 84 29.61 -1.79 1.38
C LEU F 84 29.52 -1.90 2.90
N ASP F 85 29.76 -3.09 3.44
CA ASP F 85 29.77 -3.25 4.89
C ASP F 85 30.90 -2.44 5.52
N ALA F 86 32.08 -2.48 4.93
CA ALA F 86 33.20 -1.71 5.47
C ALA F 86 32.90 -0.22 5.45
N VAL F 87 32.27 0.25 4.38
CA VAL F 87 31.97 1.67 4.26
C VAL F 87 30.87 2.09 5.23
N TYR F 88 29.81 1.29 5.32
CA TYR F 88 28.60 1.71 6.02
C TYR F 88 28.29 0.90 7.27
N GLU F 89 28.57 -0.41 7.28
CA GLU F 89 28.26 -1.21 8.46
C GLU F 89 29.29 -0.93 9.55
N ARG F 90 29.34 0.33 10.01
CA ARG F 90 30.17 0.75 11.12
C ARG F 90 29.56 2.02 11.69
N LYS F 91 29.66 2.18 13.00
CA LYS F 91 29.05 3.32 13.68
C LYS F 91 30.16 4.24 14.17
N SER F 92 30.27 5.41 13.54
CA SER F 92 31.25 6.39 13.94
C SER F 92 30.84 7.03 15.27
N LEU F 93 31.78 7.80 15.84
CA LEU F 93 31.49 8.50 17.08
C LEU F 93 30.35 9.49 16.90
N ALA F 94 30.33 10.20 15.76
CA ALA F 94 29.29 11.18 15.52
C ALA F 94 27.91 10.54 15.45
N SER F 95 27.81 9.39 14.78
CA SER F 95 26.52 8.71 14.65
C SER F 95 26.00 8.30 16.03
N GLN F 96 26.86 7.72 16.85
CA GLN F 96 26.42 7.28 18.18
C GLN F 96 26.05 8.45 19.07
N LEU F 97 26.82 9.55 19.00
CA LEU F 97 26.50 10.68 19.85
C LEU F 97 25.20 11.35 19.41
N ALA F 98 24.96 11.40 18.10
CA ALA F 98 23.68 11.91 17.61
C ALA F 98 22.53 11.01 18.03
N LEU F 99 22.75 9.69 18.02
CA LEU F 99 21.73 8.75 18.46
C LEU F 99 21.38 8.99 19.92
N ARG F 100 22.40 9.10 20.77
CA ARG F 100 22.15 9.33 22.19
C ARG F 100 21.50 10.69 22.42
N LYS F 101 21.90 11.68 21.65
CA LYS F 101 21.29 13.01 21.76
C LYS F 101 19.80 12.93 21.43
N ARG F 102 19.46 12.36 20.27
CA ARG F 102 18.06 12.32 19.87
C ARG F 102 17.24 11.45 20.80
N LEU F 103 17.85 10.42 21.39
CA LEU F 103 17.15 9.64 22.42
C LEU F 103 16.87 10.50 23.65
N LEU F 104 17.89 11.17 24.18
CA LEU F 104 17.72 11.97 25.38
C LEU F 104 16.96 13.27 25.10
N SER F 105 16.82 13.67 23.85
CA SER F 105 16.07 14.86 23.48
C SER F 105 14.78 14.48 22.76
N LEU F 106 14.23 13.32 23.09
CA LEU F 106 13.00 12.83 22.52
C LEU F 106 11.82 13.35 23.33
N LYS F 107 10.79 13.83 22.65
CA LYS F 107 9.61 14.36 23.31
C LYS F 107 8.37 13.97 22.52
N LEU F 108 7.27 13.77 23.25
CA LEU F 108 5.99 13.43 22.65
C LEU F 108 5.31 14.69 22.14
N SER F 109 5.04 14.74 20.83
CA SER F 109 4.28 15.83 20.26
C SER F 109 2.80 15.63 20.53
N SER F 110 2.05 16.74 20.39
CA SER F 110 0.63 16.70 20.72
C SER F 110 -0.16 15.83 19.74
N GLU F 111 0.06 16.04 18.43
CA GLU F 111 -0.73 15.34 17.43
C GLU F 111 -0.42 13.85 17.36
N MET F 112 0.80 13.46 17.65
CA MET F 112 1.22 12.07 17.45
C MET F 112 0.77 11.19 18.59
N SER F 113 0.18 10.05 18.27
CA SER F 113 -0.34 9.11 19.26
C SER F 113 0.78 8.25 19.82
N LEU F 114 0.43 7.44 20.82
CA LEU F 114 1.43 6.59 21.47
C LEU F 114 1.97 5.52 20.54
N LEU F 115 1.19 5.09 19.55
CA LEU F 115 1.67 4.00 18.68
C LEU F 115 2.87 4.45 17.88
N SER F 116 2.76 5.61 17.21
CA SER F 116 3.88 6.11 16.42
C SER F 116 5.07 6.47 17.32
N HIS F 117 4.79 7.07 18.48
CA HIS F 117 5.87 7.43 19.40
C HIS F 117 6.60 6.19 19.90
N PHE F 118 5.87 5.14 20.23
CA PHE F 118 6.47 3.90 20.70
C PHE F 118 7.25 3.23 19.57
N HIS F 119 6.74 3.30 18.34
CA HIS F 119 7.48 2.79 17.20
C HIS F 119 8.80 3.52 17.03
N ILE F 120 8.78 4.85 17.15
CA ILE F 120 10.00 5.64 17.04
C ILE F 120 10.97 5.26 18.14
N PHE F 121 10.47 5.12 19.37
CA PHE F 121 11.32 4.74 20.50
C PHE F 121 11.94 3.36 20.29
N ASP F 122 11.15 2.41 19.78
CA ASP F 122 11.64 1.06 19.55
C ASP F 122 12.73 1.05 18.48
N GLU F 123 12.51 1.77 17.37
CA GLU F 123 13.54 1.78 16.32
C GLU F 123 14.78 2.53 16.79
N LEU F 124 14.60 3.54 17.65
CA LEU F 124 15.74 4.22 18.23
C LEU F 124 16.58 3.28 19.07
N ILE F 125 15.93 2.47 19.92
CA ILE F 125 16.68 1.50 20.70
C ILE F 125 17.36 0.49 19.79
N SER F 126 16.64 0.00 18.77
CA SER F 126 17.19 -1.02 17.90
C SER F 126 18.43 -0.53 17.18
N GLU F 127 18.38 0.68 16.61
CA GLU F 127 19.55 1.23 15.92
C GLU F 127 20.66 1.58 16.91
N LEU F 128 20.30 2.00 18.12
CA LEU F 128 21.32 2.11 19.17
C LEU F 128 21.87 0.74 19.53
N LEU F 129 21.01 -0.27 19.61
CA LEU F 129 21.50 -1.63 19.79
C LEU F 129 22.31 -2.10 18.58
N ALA F 130 22.00 -1.58 17.39
CA ALA F 130 22.79 -1.89 16.21
C ALA F 130 24.22 -1.37 16.34
N ALA F 131 24.43 -0.34 17.15
CA ALA F 131 25.77 0.17 17.41
C ALA F 131 26.51 -0.62 18.47
N GLY F 132 25.87 -1.63 19.07
CA GLY F 132 26.49 -2.43 20.09
C GLY F 132 26.39 -1.88 21.49
N ALA F 133 25.54 -0.87 21.71
CA ALA F 133 25.38 -0.26 23.03
C ALA F 133 24.37 -1.09 23.82
N LYS F 134 24.87 -1.84 24.80
CA LYS F 134 23.98 -2.64 25.65
C LYS F 134 23.15 -1.74 26.54
N ILE F 135 21.85 -1.97 26.57
CA ILE F 135 20.92 -1.18 27.37
C ILE F 135 20.02 -2.14 28.14
N GLU F 136 19.91 -1.92 29.45
CA GLU F 136 19.03 -2.73 30.27
C GLU F 136 17.59 -2.25 30.15
N GLU F 137 16.66 -3.16 30.42
CA GLU F 137 15.24 -2.84 30.28
C GLU F 137 14.85 -1.67 31.17
N MET F 138 15.51 -1.52 32.32
CA MET F 138 15.26 -0.37 33.17
C MET F 138 15.60 0.93 32.46
N ASP F 139 16.73 0.98 31.75
CA ASP F 139 17.09 2.18 31.02
C ASP F 139 16.09 2.49 29.91
N LYS F 140 15.62 1.46 29.20
CA LYS F 140 14.60 1.69 28.19
C LYS F 140 13.32 2.23 28.81
N ILE F 141 12.90 1.67 29.95
CA ILE F 141 11.69 2.15 30.61
C ILE F 141 11.86 3.60 31.03
N SER F 142 13.01 3.94 31.61
CA SER F 142 13.26 5.31 32.03
C SER F 142 13.25 6.27 30.84
N HIS F 143 13.89 5.88 29.74
CA HIS F 143 13.92 6.72 28.56
C HIS F 143 12.51 6.92 27.99
N LEU F 144 11.70 5.87 28.02
CA LEU F 144 10.33 5.99 27.54
C LEU F 144 9.49 6.86 28.45
N LEU F 145 9.78 6.84 29.76
CA LEU F 145 9.01 7.67 30.69
C LEU F 145 9.38 9.14 30.59
N ILE F 146 10.68 9.44 30.46
CA ILE F 146 11.11 10.83 30.44
C ILE F 146 10.57 11.59 29.23
N THR F 147 10.34 10.91 28.12
CA THR F 147 9.85 11.56 26.91
C THR F 147 8.34 11.80 26.92
N LEU F 148 7.64 11.31 27.93
CA LEU F 148 6.20 11.49 28.04
C LEU F 148 5.87 12.89 28.56
N PRO F 149 4.70 13.42 28.23
CA PRO F 149 4.31 14.75 28.74
C PRO F 149 3.86 14.73 30.18
N SER F 150 3.43 15.89 30.68
CA SER F 150 3.04 16.03 32.08
C SER F 150 1.68 15.43 32.39
N CYS F 151 0.83 15.18 31.39
CA CYS F 151 -0.47 14.59 31.65
C CYS F 151 -0.38 13.13 32.07
N TYR F 152 0.82 12.52 32.00
CA TYR F 152 1.01 11.13 32.34
C TYR F 152 1.49 10.93 33.77
N ASP F 153 1.43 11.97 34.60
CA ASP F 153 2.04 11.90 35.92
C ASP F 153 1.45 10.78 36.77
N GLY F 154 0.13 10.62 36.77
CA GLY F 154 -0.49 9.64 37.64
C GLY F 154 -0.06 8.21 37.32
N ILE F 155 -0.09 7.85 36.03
CA ILE F 155 0.31 6.51 35.65
C ILE F 155 1.79 6.29 35.90
N ILE F 156 2.62 7.34 35.73
CA ILE F 156 4.03 7.24 36.04
C ILE F 156 4.23 6.91 37.51
N THR F 157 3.56 7.67 38.39
CA THR F 157 3.68 7.42 39.82
C THR F 157 3.20 6.03 40.19
N ALA F 158 2.10 5.58 39.57
CA ALA F 158 1.64 4.22 39.81
C ALA F 158 2.69 3.20 39.41
N ILE F 159 3.30 3.38 38.23
CA ILE F 159 4.29 2.42 37.73
C ILE F 159 5.51 2.37 38.64
N GLU F 160 5.96 3.54 39.12
CA GLU F 160 7.17 3.59 39.93
C GLU F 160 7.05 2.75 41.20
N THR F 161 5.83 2.56 41.70
CA THR F 161 5.65 1.81 42.94
C THR F 161 5.71 0.30 42.76
N LEU F 162 5.66 -0.20 41.53
CA LEU F 162 5.72 -1.64 41.32
C LEU F 162 7.07 -2.21 41.73
N SER F 163 7.08 -3.49 42.08
CA SER F 163 8.32 -4.20 42.29
C SER F 163 9.09 -4.28 40.97
N GLU F 164 10.40 -4.10 41.05
CA GLU F 164 11.22 -4.15 39.85
C GLU F 164 11.70 -5.57 39.56
N GLU F 165 10.76 -6.50 39.49
CA GLU F 165 11.05 -7.88 39.15
C GLU F 165 10.15 -8.32 38.00
N ASN F 166 8.95 -7.73 37.94
CA ASN F 166 8.00 -8.01 36.86
C ASN F 166 7.85 -6.83 35.91
N LEU F 167 8.61 -5.76 36.11
CA LEU F 167 8.49 -4.57 35.27
C LEU F 167 9.08 -4.87 33.91
N THR F 168 8.22 -5.14 32.93
CA THR F 168 8.63 -5.38 31.56
C THR F 168 8.18 -4.21 30.69
N LEU F 169 8.81 -4.07 29.54
CA LEU F 169 8.47 -2.98 28.64
C LEU F 169 7.01 -3.07 28.20
N ALA F 170 6.57 -4.27 27.81
CA ALA F 170 5.24 -4.43 27.22
C ALA F 170 4.14 -4.04 28.20
N PHE F 171 4.28 -4.44 29.46
CA PHE F 171 3.28 -4.07 30.46
C PHE F 171 3.22 -2.55 30.64
N VAL F 172 4.39 -1.90 30.64
CA VAL F 172 4.42 -0.44 30.74
C VAL F 172 3.70 0.18 29.55
N LYS F 173 3.96 -0.31 28.34
CA LYS F 173 3.30 0.23 27.16
C LYS F 173 1.79 0.03 27.24
N ASN F 174 1.35 -1.13 27.72
CA ASN F 174 -0.09 -1.38 27.86
C ASN F 174 -0.72 -0.39 28.84
N ARG F 175 -0.10 -0.19 30.00
CA ARG F 175 -0.64 0.76 30.97
C ARG F 175 -0.64 2.18 30.40
N LEU F 176 0.40 2.53 29.65
CA LEU F 176 0.46 3.87 29.07
C LEU F 176 -0.65 4.08 28.05
N LEU F 177 -0.92 3.07 27.23
CA LEU F 177 -2.04 3.15 26.28
C LEU F 177 -3.37 3.26 27.00
N ASP F 178 -3.54 2.50 28.09
CA ASP F 178 -4.75 2.61 28.88
C ASP F 178 -4.93 4.04 29.40
N GLN F 179 -3.86 4.65 29.88
CA GLN F 179 -3.94 6.04 30.36
C GLN F 179 -4.23 6.98 29.19
N GLU F 180 -3.66 6.69 28.02
CA GLU F 180 -3.89 7.49 26.82
C GLU F 180 -5.37 7.52 26.46
N ILE F 181 -6.04 6.37 26.56
CA ILE F 181 -7.47 6.32 26.25
C ILE F 181 -8.23 7.29 27.14
N LYS F 182 -7.95 7.28 28.44
CA LYS F 182 -8.64 8.16 29.36
C LYS F 182 -8.31 9.62 29.08
N ILE F 183 -7.05 9.91 28.76
CA ILE F 183 -6.67 11.30 28.51
C ILE F 183 -7.39 11.85 27.28
N LYS F 184 -7.44 11.07 26.20
CA LYS F 184 -8.25 11.48 25.05
C LYS F 184 -9.72 11.59 25.41
N ASN F 185 -10.22 10.73 26.31
CA ASN F 185 -11.58 10.92 26.79
C ASN F 185 -11.72 12.24 27.54
N ASP F 186 -10.73 12.60 28.35
CA ASP F 186 -10.76 13.84 29.12
C ASP F 186 -10.25 15.03 28.31
N HIS F 187 -10.82 15.23 27.13
CA HIS F 187 -10.43 16.35 26.27
C HIS F 187 -11.57 16.73 25.33
N ALA G 4 -73.93 -27.25 -22.63
CA ALA G 4 -73.73 -27.41 -21.20
C ALA G 4 -72.69 -26.43 -20.67
N LYS G 5 -71.72 -26.09 -21.53
CA LYS G 5 -70.66 -25.16 -21.17
C LYS G 5 -71.00 -23.80 -21.76
N ARG G 6 -71.80 -23.03 -21.03
CA ARG G 6 -72.27 -21.72 -21.48
C ARG G 6 -71.30 -20.60 -21.12
N ASN G 7 -70.03 -20.93 -20.88
CA ASN G 7 -69.01 -19.94 -20.52
C ASN G 7 -68.22 -19.46 -21.72
N ILE G 8 -68.55 -19.92 -22.93
CA ILE G 8 -67.81 -19.59 -24.13
C ILE G 8 -68.52 -18.45 -24.84
N LYS G 9 -67.81 -17.36 -25.06
CA LYS G 9 -68.35 -16.25 -25.84
C LYS G 9 -68.62 -16.70 -27.26
N PRO G 10 -69.82 -16.44 -27.81
CA PRO G 10 -70.05 -16.73 -29.22
C PRO G 10 -69.11 -15.93 -30.10
N PHE G 11 -68.62 -16.56 -31.17
CA PHE G 11 -67.64 -15.91 -32.03
C PHE G 11 -68.30 -14.79 -32.81
N ASP G 12 -67.58 -13.66 -32.94
CA ASP G 12 -68.11 -12.47 -33.59
C ASP G 12 -67.05 -11.87 -34.51
N GLY G 13 -65.91 -12.54 -34.64
CA GLY G 13 -64.84 -12.06 -35.48
C GLY G 13 -63.62 -11.56 -34.75
N GLU G 14 -63.52 -11.80 -33.45
CA GLU G 14 -62.37 -11.38 -32.65
C GLU G 14 -62.00 -12.49 -31.68
N LYS G 15 -60.72 -12.54 -31.31
CA LYS G 15 -60.19 -13.55 -30.39
C LYS G 15 -60.54 -14.96 -30.86
N TYR G 16 -60.30 -15.20 -32.15
CA TYR G 16 -60.74 -16.45 -32.76
C TYR G 16 -60.02 -17.66 -32.18
N ALA G 17 -58.73 -17.53 -31.86
CA ALA G 17 -57.99 -18.67 -31.34
C ALA G 17 -58.58 -19.16 -30.02
N ILE G 18 -58.95 -18.23 -29.14
CA ILE G 18 -59.54 -18.61 -27.85
C ILE G 18 -60.86 -19.33 -28.07
N TRP G 19 -61.70 -18.79 -28.97
CA TRP G 19 -62.98 -19.42 -29.26
C TRP G 19 -62.79 -20.82 -29.82
N LYS G 20 -61.84 -20.98 -30.75
CA LYS G 20 -61.57 -22.28 -31.34
C LYS G 20 -61.07 -23.27 -30.29
N PHE G 21 -60.18 -22.82 -29.40
CA PHE G 21 -59.66 -23.71 -28.37
C PHE G 21 -60.78 -24.16 -27.43
N ARG G 22 -61.64 -23.23 -27.02
CA ARG G 22 -62.75 -23.60 -26.15
C ARG G 22 -63.72 -24.54 -26.85
N ILE G 23 -63.99 -24.29 -28.13
CA ILE G 23 -64.88 -25.17 -28.88
C ILE G 23 -64.29 -26.57 -28.98
N ARG G 24 -62.98 -26.66 -29.27
CA ARG G 24 -62.32 -27.95 -29.35
C ARG G 24 -62.37 -28.68 -28.01
N ALA G 25 -62.13 -27.96 -26.91
CA ALA G 25 -62.19 -28.58 -25.59
C ALA G 25 -63.59 -29.09 -25.30
N LEU G 26 -64.62 -28.31 -25.62
CA LEU G 26 -65.99 -28.74 -25.39
C LEU G 26 -66.33 -29.96 -26.22
N LEU G 27 -65.92 -29.96 -27.49
CA LEU G 27 -66.21 -31.09 -28.37
C LEU G 27 -65.51 -32.35 -27.88
N ALA G 28 -64.27 -32.21 -27.40
CA ALA G 28 -63.59 -33.35 -26.79
C ALA G 28 -64.31 -33.82 -25.54
N GLU G 29 -64.84 -32.90 -24.74
CA GLU G 29 -65.55 -33.29 -23.52
C GLU G 29 -66.82 -34.06 -23.86
N GLN G 30 -67.38 -33.84 -25.04
CA GLN G 30 -68.55 -34.57 -25.49
C GLN G 30 -68.20 -35.77 -26.35
N ASP G 31 -66.91 -36.09 -26.48
CA ASP G 31 -66.44 -37.23 -27.28
C ASP G 31 -66.85 -37.08 -28.74
N VAL G 32 -66.80 -35.85 -29.25
CA VAL G 32 -67.17 -35.58 -30.63
C VAL G 32 -66.00 -35.03 -31.45
N LEU G 33 -64.88 -34.68 -30.82
CA LEU G 33 -63.76 -34.07 -31.54
C LEU G 33 -63.16 -34.99 -32.59
N LYS G 34 -63.45 -36.30 -32.52
CA LYS G 34 -62.98 -37.23 -33.53
C LYS G 34 -63.53 -36.92 -34.91
N VAL G 35 -64.68 -36.25 -35.00
CA VAL G 35 -65.23 -35.90 -36.30
C VAL G 35 -64.35 -34.85 -36.97
N VAL G 36 -64.00 -33.79 -36.24
CA VAL G 36 -63.19 -32.72 -36.82
C VAL G 36 -61.75 -33.19 -37.02
N ASP G 37 -61.18 -33.88 -36.03
CA ASP G 37 -59.77 -34.22 -36.08
C ASP G 37 -59.52 -35.57 -36.72
N GLY G 38 -60.27 -36.60 -36.31
CA GLY G 38 -60.04 -37.93 -36.83
C GLY G 38 -60.44 -38.06 -38.28
N LEU G 39 -59.87 -39.08 -38.92
CA LEU G 39 -60.12 -39.32 -40.34
C LEU G 39 -61.56 -39.77 -40.57
N MET G 40 -62.08 -39.43 -41.73
CA MET G 40 -63.44 -39.83 -42.12
C MET G 40 -63.51 -41.35 -42.27
N PRO G 41 -64.41 -42.03 -41.57
CA PRO G 41 -64.56 -43.47 -41.77
C PRO G 41 -65.09 -43.77 -43.17
N ASN G 42 -64.72 -44.96 -43.67
CA ASN G 42 -65.15 -45.36 -45.01
C ASN G 42 -66.67 -45.53 -45.06
N GLU G 43 -67.27 -46.00 -43.97
CA GLU G 43 -68.71 -46.19 -43.89
C GLU G 43 -69.24 -45.42 -42.68
N VAL G 44 -70.36 -44.73 -42.87
CA VAL G 44 -70.91 -43.87 -41.83
C VAL G 44 -71.80 -44.69 -40.91
N ASP G 45 -71.58 -44.55 -39.61
CA ASP G 45 -72.38 -45.21 -38.59
C ASP G 45 -73.34 -44.21 -37.96
N ASP G 46 -74.34 -44.74 -37.26
CA ASP G 46 -75.27 -43.88 -36.53
C ASP G 46 -74.52 -43.02 -35.51
N SER G 47 -73.49 -43.57 -34.89
CA SER G 47 -72.66 -42.78 -33.98
C SER G 47 -72.00 -41.62 -34.71
N TRP G 48 -71.48 -41.87 -35.91
CA TRP G 48 -70.78 -40.81 -36.64
C TRP G 48 -71.74 -39.70 -37.04
N LYS G 49 -72.92 -40.05 -37.57
CA LYS G 49 -73.87 -39.02 -37.98
C LYS G 49 -74.43 -38.28 -36.77
N LYS G 50 -74.64 -38.99 -35.66
CA LYS G 50 -75.08 -38.32 -34.44
C LYS G 50 -74.02 -37.34 -33.95
N ALA G 51 -72.75 -37.74 -33.99
CA ALA G 51 -71.67 -36.84 -33.60
C ALA G 51 -71.60 -35.64 -34.54
N GLU G 52 -71.79 -35.86 -35.84
CA GLU G 52 -71.79 -34.75 -36.79
C GLU G 52 -72.91 -33.76 -36.47
N ARG G 53 -74.11 -34.28 -36.20
CA ARG G 53 -75.22 -33.40 -35.84
C ARG G 53 -74.92 -32.64 -34.55
N CYS G 54 -74.37 -33.32 -33.54
CA CYS G 54 -74.08 -32.67 -32.28
C CYS G 54 -73.04 -31.58 -32.45
N ALA G 55 -71.99 -31.86 -33.21
CA ALA G 55 -70.94 -30.86 -33.44
C ALA G 55 -71.48 -29.67 -34.22
N LYS G 56 -72.28 -29.92 -35.25
CA LYS G 56 -72.86 -28.82 -36.01
C LYS G 56 -73.76 -27.95 -35.14
N SER G 57 -74.63 -28.58 -34.34
CA SER G 57 -75.52 -27.82 -33.48
C SER G 57 -74.73 -27.03 -32.43
N THR G 58 -73.70 -27.66 -31.86
CA THR G 58 -72.88 -26.97 -30.86
C THR G 58 -72.20 -25.75 -31.47
N ILE G 59 -71.58 -25.91 -32.63
CA ILE G 59 -70.91 -24.79 -33.27
C ILE G 59 -71.91 -23.69 -33.61
N ILE G 60 -73.08 -24.08 -34.12
CA ILE G 60 -74.12 -23.10 -34.43
C ILE G 60 -74.51 -22.33 -33.17
N GLU G 61 -74.58 -23.02 -32.03
CA GLU G 61 -74.99 -22.35 -30.80
C GLU G 61 -74.01 -21.25 -30.39
N TYR G 62 -72.72 -21.50 -30.53
CA TYR G 62 -71.70 -20.54 -30.12
C TYR G 62 -71.18 -19.70 -31.27
N LEU G 63 -72.00 -19.49 -32.30
CA LEU G 63 -71.75 -18.48 -33.32
C LEU G 63 -72.76 -17.35 -33.17
N SER G 64 -72.28 -16.12 -33.37
CA SER G 64 -73.19 -14.98 -33.41
C SER G 64 -74.05 -15.03 -34.66
N ASP G 65 -75.13 -14.26 -34.65
CA ASP G 65 -76.06 -14.25 -35.77
C ASP G 65 -75.40 -13.79 -37.06
N SER G 66 -74.53 -12.78 -36.98
CA SER G 66 -73.87 -12.27 -38.19
C SER G 66 -72.99 -13.33 -38.84
N PHE G 67 -72.42 -14.25 -38.05
CA PHE G 67 -71.56 -15.30 -38.58
C PHE G 67 -72.32 -16.60 -38.82
N LEU G 68 -73.63 -16.62 -38.60
CA LEU G 68 -74.42 -17.82 -38.82
C LEU G 68 -74.41 -18.26 -40.28
N ASN G 69 -74.10 -17.34 -41.20
CA ASN G 69 -74.02 -17.70 -42.62
C ASN G 69 -73.00 -18.80 -42.89
N PHE G 70 -71.96 -18.90 -42.06
CA PHE G 70 -70.95 -19.93 -42.25
C PHE G 70 -71.51 -21.34 -42.05
N ALA G 71 -72.67 -21.49 -41.43
CA ALA G 71 -73.27 -22.80 -41.19
C ALA G 71 -74.56 -23.01 -41.96
N THR G 72 -75.04 -22.01 -42.70
CA THR G 72 -76.28 -22.18 -43.45
C THR G 72 -76.16 -23.25 -44.52
N SER G 73 -75.03 -23.29 -45.23
CA SER G 73 -74.82 -24.29 -46.26
C SER G 73 -74.74 -25.68 -45.63
N ASP G 74 -75.20 -26.68 -46.38
CA ASP G 74 -75.22 -28.06 -45.91
C ASP G 74 -73.80 -28.62 -45.96
N ILE G 75 -73.01 -28.24 -44.96
CA ILE G 75 -71.64 -28.71 -44.82
C ILE G 75 -71.47 -29.23 -43.40
N THR G 76 -70.48 -30.11 -43.23
CA THR G 76 -70.21 -30.66 -41.91
C THR G 76 -69.49 -29.62 -41.04
N ALA G 77 -69.38 -29.95 -39.76
CA ALA G 77 -68.67 -29.06 -38.83
C ALA G 77 -67.22 -28.88 -39.24
N ARG G 78 -66.61 -29.91 -39.84
CA ARG G 78 -65.22 -29.82 -40.27
C ARG G 78 -65.04 -28.72 -41.30
N GLN G 79 -65.95 -28.63 -42.27
CA GLN G 79 -65.86 -27.58 -43.28
C GLN G 79 -66.02 -26.20 -42.66
N ILE G 80 -66.96 -26.06 -41.71
CA ILE G 80 -67.16 -24.77 -41.06
C ILE G 80 -65.89 -24.34 -40.31
N LEU G 81 -65.30 -25.29 -39.58
CA LEU G 81 -64.06 -24.98 -38.85
C LEU G 81 -62.92 -24.64 -39.81
N GLU G 82 -62.82 -25.36 -40.92
CA GLU G 82 -61.76 -25.06 -41.89
C GLU G 82 -61.93 -23.67 -42.50
N ASN G 83 -63.18 -23.29 -42.82
CA ASN G 83 -63.41 -21.96 -43.36
C ASN G 83 -63.08 -20.89 -42.32
N LEU G 84 -63.51 -21.11 -41.07
CA LEU G 84 -63.21 -20.14 -40.01
C LEU G 84 -61.71 -20.01 -39.78
N ASP G 85 -60.98 -21.12 -39.90
CA ASP G 85 -59.52 -21.05 -39.84
C ASP G 85 -58.99 -20.23 -41.01
N ALA G 86 -59.38 -20.59 -42.23
CA ALA G 86 -58.85 -19.92 -43.42
C ALA G 86 -59.12 -18.42 -43.38
N VAL G 87 -60.16 -18.00 -42.67
CA VAL G 87 -60.40 -16.56 -42.56
C VAL G 87 -59.72 -15.94 -41.34
N TYR G 88 -59.53 -16.68 -40.24
CA TYR G 88 -58.94 -16.07 -39.04
C TYR G 88 -57.93 -16.93 -38.29
N GLU G 89 -57.30 -17.93 -38.92
CA GLU G 89 -56.43 -18.82 -38.14
C GLU G 89 -55.15 -18.11 -37.69
N ARG G 90 -54.56 -17.29 -38.54
CA ARG G 90 -53.25 -16.72 -38.26
C ARG G 90 -53.29 -15.24 -37.92
N LYS G 91 -54.41 -14.57 -38.15
CA LYS G 91 -54.45 -13.11 -38.02
C LYS G 91 -54.20 -12.70 -36.57
N SER G 92 -53.30 -11.74 -36.39
CA SER G 92 -53.02 -11.22 -35.07
C SER G 92 -54.22 -10.44 -34.54
N LEU G 93 -54.50 -10.64 -33.25
CA LEU G 93 -55.67 -10.01 -32.64
C LEU G 93 -55.54 -8.49 -32.62
N ALA G 94 -54.37 -7.99 -32.26
CA ALA G 94 -54.11 -6.55 -32.23
C ALA G 94 -52.60 -6.35 -32.25
N SER G 95 -52.17 -5.10 -32.21
CA SER G 95 -50.76 -4.74 -32.21
C SER G 95 -50.27 -4.78 -30.76
N GLN G 96 -49.67 -5.91 -30.37
CA GLN G 96 -49.16 -6.04 -29.01
C GLN G 96 -48.09 -5.01 -28.71
N LEU G 97 -47.36 -4.55 -29.74
CA LEU G 97 -46.30 -3.56 -29.51
C LEU G 97 -46.86 -2.29 -28.90
N ALA G 98 -47.89 -1.73 -29.53
CA ALA G 98 -48.51 -0.52 -29.01
C ALA G 98 -49.14 -0.79 -27.65
N LEU G 99 -49.66 -2.00 -27.44
CA LEU G 99 -50.26 -2.34 -26.15
C LEU G 99 -49.21 -2.27 -25.03
N ARG G 100 -48.06 -2.91 -25.23
CA ARG G 100 -47.00 -2.83 -24.22
C ARG G 100 -46.45 -1.42 -24.08
N LYS G 101 -46.39 -0.67 -25.18
CA LYS G 101 -45.93 0.72 -25.08
C LYS G 101 -46.89 1.55 -24.22
N ARG G 102 -48.19 1.35 -24.39
CA ARG G 102 -49.18 1.99 -23.54
C ARG G 102 -49.02 1.55 -22.08
N LEU G 103 -48.79 0.25 -21.87
CA LEU G 103 -48.64 -0.26 -20.51
C LEU G 103 -47.45 0.37 -19.81
N LEU G 104 -46.30 0.44 -20.48
CA LEU G 104 -45.11 1.01 -19.86
C LEU G 104 -45.26 2.52 -19.66
N SER G 105 -46.05 3.17 -20.49
CA SER G 105 -46.28 4.61 -20.39
C SER G 105 -47.37 4.96 -19.38
N LEU G 106 -48.05 3.95 -18.81
CA LEU G 106 -49.10 4.22 -17.84
C LEU G 106 -48.54 4.93 -16.61
N LYS G 107 -49.33 5.86 -16.07
CA LYS G 107 -48.92 6.63 -14.91
C LYS G 107 -50.15 7.02 -14.11
N LEU G 108 -50.03 6.94 -12.78
CA LEU G 108 -51.11 7.36 -11.91
C LEU G 108 -51.26 8.87 -11.90
N SER G 109 -52.48 9.36 -12.04
CA SER G 109 -52.80 10.77 -11.93
C SER G 109 -53.50 11.04 -10.60
N SER G 110 -53.32 12.27 -10.10
CA SER G 110 -53.77 12.59 -8.75
C SER G 110 -55.28 12.47 -8.59
N GLU G 111 -56.04 12.99 -9.54
CA GLU G 111 -57.49 12.99 -9.41
C GLU G 111 -58.06 11.59 -9.61
N MET G 112 -57.40 10.78 -10.43
CA MET G 112 -57.92 9.46 -10.76
C MET G 112 -57.54 8.46 -9.68
N SER G 113 -58.56 7.79 -9.14
CA SER G 113 -58.41 6.97 -7.94
C SER G 113 -57.75 5.64 -8.25
N LEU G 114 -57.17 5.04 -7.21
CA LEU G 114 -56.40 3.81 -7.37
C LEU G 114 -57.22 2.66 -7.93
N LEU G 115 -58.52 2.61 -7.63
CA LEU G 115 -59.37 1.55 -8.17
C LEU G 115 -59.39 1.60 -9.70
N SER G 116 -59.49 2.81 -10.26
CA SER G 116 -59.50 2.94 -11.71
C SER G 116 -58.16 2.52 -12.31
N HIS G 117 -57.04 2.85 -11.65
CA HIS G 117 -55.74 2.45 -12.17
C HIS G 117 -55.58 0.93 -12.14
N PHE G 118 -55.99 0.29 -11.04
CA PHE G 118 -56.00 -1.16 -11.00
C PHE G 118 -56.87 -1.73 -12.11
N HIS G 119 -58.05 -1.16 -12.33
CA HIS G 119 -58.90 -1.65 -13.40
C HIS G 119 -58.19 -1.58 -14.75
N ILE G 120 -57.64 -0.41 -15.08
CA ILE G 120 -57.01 -0.20 -16.38
C ILE G 120 -55.85 -1.16 -16.58
N PHE G 121 -54.96 -1.25 -15.58
CA PHE G 121 -53.89 -2.22 -15.63
C PHE G 121 -54.44 -3.62 -15.84
N ASP G 122 -55.58 -3.92 -15.22
CA ASP G 122 -56.15 -5.25 -15.33
C ASP G 122 -56.55 -5.56 -16.77
N GLU G 123 -57.32 -4.68 -17.42
CA GLU G 123 -57.72 -5.08 -18.77
C GLU G 123 -56.52 -5.06 -19.70
N LEU G 124 -55.56 -4.15 -19.46
CA LEU G 124 -54.39 -4.11 -20.32
C LEU G 124 -53.64 -5.43 -20.28
N ILE G 125 -53.40 -5.95 -19.07
CA ILE G 125 -52.82 -7.28 -18.95
C ILE G 125 -53.73 -8.33 -19.59
N SER G 126 -55.05 -8.08 -19.56
CA SER G 126 -55.99 -9.02 -20.16
C SER G 126 -55.78 -9.16 -21.67
N GLU G 127 -55.72 -8.04 -22.40
CA GLU G 127 -55.43 -8.18 -23.83
C GLU G 127 -54.03 -8.70 -24.07
N LEU G 128 -53.05 -8.30 -23.26
CA LEU G 128 -51.69 -8.79 -23.46
C LEU G 128 -51.65 -10.31 -23.37
N LEU G 129 -52.31 -10.89 -22.37
CA LEU G 129 -52.37 -12.35 -22.27
C LEU G 129 -53.19 -12.94 -23.40
N ALA G 130 -54.34 -12.33 -23.70
CA ALA G 130 -55.24 -12.89 -24.72
C ALA G 130 -54.58 -12.89 -26.09
N ALA G 131 -53.86 -11.82 -26.44
CA ALA G 131 -53.21 -11.76 -27.74
C ALA G 131 -52.06 -12.75 -27.87
N GLY G 132 -51.65 -13.40 -26.78
CA GLY G 132 -50.64 -14.43 -26.82
C GLY G 132 -49.35 -14.11 -26.09
N ALA G 133 -49.15 -12.87 -25.67
CA ALA G 133 -47.95 -12.53 -24.93
C ALA G 133 -47.94 -13.21 -23.57
N LYS G 134 -46.78 -13.77 -23.19
CA LYS G 134 -46.63 -14.51 -21.96
C LYS G 134 -46.07 -13.57 -20.89
N ILE G 135 -46.82 -13.40 -19.80
CA ILE G 135 -46.43 -12.54 -18.70
C ILE G 135 -46.58 -13.35 -17.41
N GLU G 136 -45.57 -13.29 -16.55
CA GLU G 136 -45.62 -14.02 -15.29
C GLU G 136 -46.05 -13.09 -14.17
N GLU G 137 -46.46 -13.68 -13.05
CA GLU G 137 -46.98 -12.91 -11.92
C GLU G 137 -46.00 -11.82 -11.48
N MET G 138 -44.71 -12.17 -11.38
CA MET G 138 -43.72 -11.19 -10.97
C MET G 138 -43.65 -10.03 -11.96
N ASP G 139 -43.75 -10.33 -13.26
CA ASP G 139 -43.75 -9.26 -14.26
C ASP G 139 -44.95 -8.36 -14.11
N LYS G 140 -46.13 -8.94 -13.84
CA LYS G 140 -47.32 -8.12 -13.61
C LYS G 140 -47.13 -7.22 -12.40
N ILE G 141 -46.57 -7.77 -11.32
CA ILE G 141 -46.33 -6.96 -10.13
C ILE G 141 -45.38 -5.83 -10.43
N SER G 142 -44.29 -6.12 -11.16
CA SER G 142 -43.34 -5.08 -11.52
C SER G 142 -44.00 -3.99 -12.35
N HIS G 143 -44.81 -4.39 -13.34
CA HIS G 143 -45.47 -3.40 -14.19
C HIS G 143 -46.44 -2.54 -13.39
N LEU G 144 -47.17 -3.15 -12.45
CA LEU G 144 -48.08 -2.36 -11.63
C LEU G 144 -47.33 -1.43 -10.69
N LEU G 145 -46.16 -1.86 -10.21
CA LEU G 145 -45.40 -1.02 -9.29
C LEU G 145 -44.76 0.16 -10.01
N ILE G 146 -44.18 -0.06 -11.19
CA ILE G 146 -43.46 1.01 -11.88
C ILE G 146 -44.37 2.15 -12.34
N THR G 147 -45.68 1.95 -12.36
CA THR G 147 -46.61 3.01 -12.73
C THR G 147 -47.21 3.70 -11.51
N LEU G 148 -46.47 3.77 -10.41
CA LEU G 148 -46.94 4.36 -9.16
C LEU G 148 -46.06 5.54 -8.79
N PRO G 149 -46.61 6.53 -8.10
CA PRO G 149 -45.80 7.68 -7.68
C PRO G 149 -44.87 7.37 -6.51
N SER G 150 -44.11 8.36 -6.07
CA SER G 150 -43.15 8.18 -4.98
C SER G 150 -43.80 8.07 -3.61
N CYS G 151 -45.07 8.45 -3.47
CA CYS G 151 -45.72 8.39 -2.17
C CYS G 151 -45.97 6.97 -1.69
N TYR G 152 -45.83 5.97 -2.57
CA TYR G 152 -46.06 4.58 -2.22
C TYR G 152 -44.79 3.84 -1.82
N ASP G 153 -43.66 4.52 -1.75
CA ASP G 153 -42.38 3.83 -1.63
C ASP G 153 -42.27 3.00 -0.36
N GLY G 154 -42.84 3.48 0.75
CA GLY G 154 -42.72 2.74 2.00
C GLY G 154 -43.37 1.37 1.93
N ILE G 155 -44.60 1.32 1.43
CA ILE G 155 -45.27 0.03 1.30
C ILE G 155 -44.57 -0.82 0.26
N ILE G 156 -43.95 -0.21 -0.75
CA ILE G 156 -43.18 -0.98 -1.73
C ILE G 156 -42.02 -1.69 -1.06
N THR G 157 -41.27 -0.96 -0.23
CA THR G 157 -40.16 -1.56 0.50
C THR G 157 -40.67 -2.65 1.45
N ALA G 158 -41.79 -2.39 2.12
CA ALA G 158 -42.35 -3.39 3.02
C ALA G 158 -42.72 -4.66 2.27
N ILE G 159 -43.33 -4.52 1.09
CA ILE G 159 -43.69 -5.68 0.29
C ILE G 159 -42.45 -6.45 -0.14
N GLU G 160 -41.44 -5.76 -0.65
CA GLU G 160 -40.28 -6.45 -1.19
C GLU G 160 -39.41 -7.08 -0.10
N THR G 161 -39.41 -6.50 1.10
CA THR G 161 -38.66 -7.13 2.19
C THR G 161 -39.41 -8.30 2.82
N LEU G 162 -40.58 -8.03 3.42
CA LEU G 162 -41.30 -9.05 4.17
C LEU G 162 -41.97 -10.06 3.24
N SER G 163 -42.85 -9.60 2.36
CA SER G 163 -43.63 -10.49 1.50
C SER G 163 -42.77 -10.86 0.29
N GLU G 164 -41.83 -11.77 0.53
CA GLU G 164 -40.97 -12.30 -0.53
C GLU G 164 -41.47 -13.64 -1.07
N GLU G 165 -42.22 -14.39 -0.25
CA GLU G 165 -42.74 -15.69 -0.64
C GLU G 165 -44.27 -15.67 -0.77
N ASN G 166 -44.92 -14.61 -0.27
CA ASN G 166 -46.38 -14.52 -0.31
C ASN G 166 -46.84 -13.39 -1.21
N LEU G 167 -46.27 -13.27 -2.42
CA LEU G 167 -46.58 -12.16 -3.31
C LEU G 167 -47.45 -12.63 -4.46
N THR G 168 -48.61 -12.00 -4.61
CA THR G 168 -49.50 -12.16 -5.76
C THR G 168 -50.06 -10.80 -6.11
N LEU G 169 -50.76 -10.71 -7.23
CA LEU G 169 -51.38 -9.44 -7.62
C LEU G 169 -52.41 -9.00 -6.58
N ALA G 170 -53.23 -9.94 -6.10
CA ALA G 170 -54.30 -9.58 -5.17
C ALA G 170 -53.73 -8.97 -3.89
N PHE G 171 -52.72 -9.61 -3.31
CA PHE G 171 -52.19 -9.15 -2.02
C PHE G 171 -51.51 -7.80 -2.16
N VAL G 172 -50.72 -7.60 -3.22
CA VAL G 172 -50.04 -6.32 -3.39
C VAL G 172 -51.05 -5.21 -3.65
N LYS G 173 -52.10 -5.51 -4.44
CA LYS G 173 -53.13 -4.52 -4.67
C LYS G 173 -53.86 -4.17 -3.38
N ASN G 174 -54.16 -5.17 -2.55
CA ASN G 174 -54.81 -4.90 -1.27
C ASN G 174 -53.94 -4.02 -0.38
N ARG G 175 -52.65 -4.32 -0.30
CA ARG G 175 -51.75 -3.52 0.53
C ARG G 175 -51.64 -2.10 -0.01
N LEU G 176 -51.59 -1.94 -1.33
CA LEU G 176 -51.54 -0.61 -1.92
C LEU G 176 -52.80 0.18 -1.59
N LEU G 177 -53.97 -0.46 -1.66
CA LEU G 177 -55.20 0.22 -1.27
C LEU G 177 -55.15 0.64 0.20
N ASP G 178 -54.70 -0.27 1.07
CA ASP G 178 -54.63 0.03 2.49
C ASP G 178 -53.73 1.24 2.74
N GLN G 179 -52.59 1.30 2.07
CA GLN G 179 -51.66 2.40 2.23
C GLN G 179 -52.22 3.70 1.66
N GLU G 180 -52.82 3.66 0.46
CA GLU G 180 -53.32 4.89 -0.15
C GLU G 180 -54.48 5.46 0.63
N ILE G 181 -55.20 4.62 1.40
CA ILE G 181 -56.19 5.18 2.32
C ILE G 181 -55.54 6.22 3.23
N LYS G 182 -54.54 5.80 4.01
CA LYS G 182 -53.83 6.72 4.89
C LYS G 182 -53.20 7.87 4.12
N ILE G 183 -52.70 7.59 2.91
CA ILE G 183 -52.06 8.66 2.14
C ILE G 183 -53.05 9.74 1.78
N LYS G 184 -54.25 9.35 1.33
CA LYS G 184 -55.30 10.34 1.08
C LYS G 184 -55.74 11.01 2.38
N ASN G 185 -55.61 10.32 3.52
CA ASN G 185 -55.84 11.00 4.78
C ASN G 185 -54.80 12.09 5.03
N ASP G 186 -53.55 11.85 4.64
CA ASP G 186 -52.46 12.80 4.90
C ASP G 186 -52.30 13.76 3.73
N HIS G 187 -53.41 14.37 3.33
CA HIS G 187 -53.42 15.40 2.30
C HIS G 187 -54.59 16.35 2.49
N ALA H 4 32.46 9.28 76.42
CA ALA H 4 33.23 10.03 75.44
C ALA H 4 32.36 10.37 74.23
N LYS H 5 31.17 9.79 74.19
CA LYS H 5 30.20 10.07 73.13
C LYS H 5 29.52 11.39 73.42
N ARG H 6 30.01 12.47 72.81
CA ARG H 6 29.50 13.82 73.06
C ARG H 6 28.28 14.18 72.24
N ASN H 7 27.85 13.32 71.32
CA ASN H 7 26.65 13.61 70.55
C ASN H 7 25.38 13.58 71.39
N ILE H 8 25.43 12.98 72.57
CA ILE H 8 24.27 12.92 73.45
C ILE H 8 24.11 14.27 74.12
N LYS H 9 23.14 15.05 73.65
CA LYS H 9 22.85 16.33 74.28
C LYS H 9 22.33 16.10 75.70
N PRO H 10 22.97 16.69 76.70
CA PRO H 10 22.50 16.49 78.08
C PRO H 10 21.05 16.92 78.25
N PHE H 11 20.31 16.13 79.03
CA PHE H 11 18.87 16.33 79.15
C PHE H 11 18.57 17.68 79.78
N ASP H 12 17.65 18.43 79.16
CA ASP H 12 17.28 19.75 79.66
C ASP H 12 15.78 19.88 79.83
N GLY H 13 15.07 18.75 79.90
CA GLY H 13 13.64 18.77 80.05
C GLY H 13 12.84 18.72 78.76
N GLU H 14 13.50 18.67 77.60
CA GLU H 14 12.84 18.57 76.32
C GLU H 14 13.36 17.36 75.58
N LYS H 15 12.49 16.69 74.83
CA LYS H 15 12.89 15.58 73.96
C LYS H 15 13.52 14.46 74.79
N TYR H 16 12.74 13.99 75.76
CA TYR H 16 13.25 13.03 76.72
C TYR H 16 13.48 11.66 76.10
N ALA H 17 12.65 11.25 75.15
CA ALA H 17 12.75 9.90 74.61
C ALA H 17 14.07 9.66 73.92
N ILE H 18 14.50 10.62 73.08
CA ILE H 18 15.77 10.49 72.38
C ILE H 18 16.94 10.49 73.35
N TRP H 19 16.91 11.35 74.36
CA TRP H 19 17.97 11.36 75.36
C TRP H 19 18.04 10.01 76.07
N LYS H 20 16.88 9.46 76.44
CA LYS H 20 16.85 8.16 77.09
C LYS H 20 17.39 7.07 76.19
N PHE H 21 17.02 7.10 74.91
CA PHE H 21 17.50 6.08 73.98
C PHE H 21 19.01 6.16 73.78
N ARG H 22 19.54 7.38 73.65
CA ARG H 22 20.99 7.54 73.51
C ARG H 22 21.71 7.06 74.77
N ILE H 23 21.15 7.39 75.93
CA ILE H 23 21.73 6.93 77.19
C ILE H 23 21.73 5.41 77.27
N ARG H 24 20.62 4.79 76.87
CA ARG H 24 20.53 3.33 76.89
C ARG H 24 21.54 2.71 75.93
N ALA H 25 21.71 3.30 74.75
CA ALA H 25 22.71 2.79 73.81
C ALA H 25 24.12 2.89 74.39
N LEU H 26 24.45 4.03 74.99
CA LEU H 26 25.77 4.19 75.59
C LEU H 26 25.97 3.19 76.72
N LEU H 27 24.93 2.99 77.54
CA LEU H 27 25.03 2.04 78.65
C LEU H 27 25.25 0.63 78.15
N ALA H 28 24.53 0.25 77.09
CA ALA H 28 24.74 -1.07 76.50
C ALA H 28 26.12 -1.20 75.89
N GLU H 29 26.71 -0.08 75.46
CA GLU H 29 28.05 -0.14 74.88
C GLU H 29 29.07 -0.62 75.90
N GLN H 30 28.95 -0.18 77.14
CA GLN H 30 29.96 -0.44 78.16
C GLN H 30 29.62 -1.63 79.06
N ASP H 31 28.78 -2.55 78.58
CA ASP H 31 28.39 -3.74 79.35
C ASP H 31 27.74 -3.37 80.69
N VAL H 32 26.90 -2.33 80.67
CA VAL H 32 26.29 -1.83 81.89
C VAL H 32 24.76 -1.93 81.86
N LEU H 33 24.13 -1.97 80.69
CA LEU H 33 22.67 -1.97 80.62
C LEU H 33 22.06 -3.19 81.32
N LYS H 34 22.85 -4.23 81.56
CA LYS H 34 22.35 -5.41 82.27
C LYS H 34 21.78 -5.08 83.64
N VAL H 35 22.24 -4.00 84.26
CA VAL H 35 21.73 -3.64 85.58
C VAL H 35 20.43 -2.85 85.50
N VAL H 36 20.10 -2.26 84.36
CA VAL H 36 18.85 -1.53 84.19
C VAL H 36 17.74 -2.45 83.69
N ASP H 37 18.06 -3.33 82.75
CA ASP H 37 17.12 -4.33 82.26
C ASP H 37 17.57 -5.71 82.69
N GLY H 38 16.68 -6.44 83.35
CA GLY H 38 17.02 -7.75 83.88
C GLY H 38 16.48 -7.97 85.27
N LEU H 39 17.31 -8.50 86.16
CA LEU H 39 16.91 -8.79 87.52
C LEU H 39 17.98 -8.31 88.49
N MET H 40 17.70 -8.49 89.78
CA MET H 40 18.63 -8.13 90.84
C MET H 40 19.15 -9.40 91.49
N PRO H 41 20.32 -9.92 91.07
CA PRO H 41 20.83 -11.15 91.67
C PRO H 41 21.10 -10.98 93.15
N ASN H 42 20.83 -12.05 93.90
CA ASN H 42 21.06 -12.03 95.34
C ASN H 42 22.54 -11.92 95.66
N GLU H 43 23.39 -12.55 94.84
CA GLU H 43 24.84 -12.49 95.02
C GLU H 43 25.37 -11.29 94.24
N VAL H 44 25.49 -10.16 94.92
CA VAL H 44 26.01 -8.93 94.31
C VAL H 44 27.51 -8.88 94.55
N ASP H 45 28.26 -8.65 93.47
CA ASP H 45 29.71 -8.67 93.54
C ASP H 45 30.26 -7.47 92.77
N ASP H 46 31.56 -7.49 92.52
CA ASP H 46 32.22 -6.37 91.85
C ASP H 46 31.65 -6.14 90.45
N SER H 47 31.26 -7.21 89.76
CA SER H 47 30.69 -7.04 88.43
C SER H 47 29.44 -6.18 88.45
N TRP H 48 28.63 -6.28 89.50
CA TRP H 48 27.45 -5.45 89.64
C TRP H 48 27.76 -4.09 90.25
N LYS H 49 28.64 -4.05 91.24
CA LYS H 49 28.97 -2.78 91.89
C LYS H 49 29.61 -1.80 90.91
N LYS H 50 30.58 -2.27 90.13
CA LYS H 50 31.23 -1.42 89.16
C LYS H 50 30.24 -0.95 88.09
N ALA H 51 29.36 -1.86 87.65
CA ALA H 51 28.35 -1.48 86.67
C ALA H 51 27.41 -0.42 87.21
N GLU H 52 26.96 -0.57 88.47
CA GLU H 52 26.11 0.44 89.08
C GLU H 52 26.83 1.78 89.17
N ARG H 53 28.09 1.77 89.59
CA ARG H 53 28.85 3.02 89.72
C ARG H 53 29.02 3.69 88.37
N CYS H 54 29.39 2.91 87.34
CA CYS H 54 29.57 3.49 86.01
C CYS H 54 28.27 4.05 85.46
N ALA H 55 27.17 3.32 85.64
CA ALA H 55 25.88 3.80 85.18
C ALA H 55 25.50 5.10 85.87
N LYS H 56 25.66 5.16 87.20
CA LYS H 56 25.31 6.36 87.93
C LYS H 56 26.18 7.54 87.51
N SER H 57 27.48 7.30 87.32
CA SER H 57 28.37 8.37 86.87
C SER H 57 27.97 8.87 85.49
N THR H 58 27.66 7.97 84.57
CA THR H 58 27.25 8.38 83.23
C THR H 58 25.95 9.17 83.27
N ILE H 59 24.97 8.70 84.05
CA ILE H 59 23.70 9.42 84.15
C ILE H 59 23.91 10.82 84.70
N ILE H 60 24.72 10.94 85.75
CA ILE H 60 24.97 12.24 86.36
C ILE H 60 25.69 13.15 85.37
N GLU H 61 26.69 12.62 84.67
CA GLU H 61 27.47 13.44 83.74
C GLU H 61 26.63 13.92 82.57
N TYR H 62 25.76 13.06 82.05
CA TYR H 62 24.96 13.40 80.88
C TYR H 62 23.65 14.08 81.24
N LEU H 63 23.43 14.41 82.50
CA LEU H 63 22.27 15.19 82.92
C LEU H 63 22.68 16.63 83.16
N SER H 64 21.73 17.54 82.96
CA SER H 64 21.97 18.94 83.26
C SER H 64 22.12 19.14 84.76
N ASP H 65 22.83 20.22 85.12
CA ASP H 65 23.05 20.51 86.54
C ASP H 65 21.73 20.77 87.26
N SER H 66 20.82 21.51 86.63
CA SER H 66 19.52 21.77 87.23
C SER H 66 18.70 20.50 87.40
N PHE H 67 18.97 19.47 86.61
CA PHE H 67 18.23 18.22 86.69
C PHE H 67 18.93 17.17 87.55
N LEU H 68 20.05 17.51 88.19
CA LEU H 68 20.76 16.55 89.02
C LEU H 68 20.01 16.21 90.30
N ASN H 69 18.94 16.92 90.62
CA ASN H 69 18.18 16.62 91.83
C ASN H 69 17.62 15.20 91.82
N PHE H 70 17.45 14.61 90.64
CA PHE H 70 16.89 13.27 90.53
C PHE H 70 17.86 12.19 90.99
N ALA H 71 19.13 12.53 91.23
CA ALA H 71 20.10 11.53 91.66
C ALA H 71 21.00 12.04 92.77
N THR H 72 20.59 13.07 93.50
CA THR H 72 21.43 13.60 94.58
C THR H 72 21.64 12.56 95.68
N SER H 73 20.58 11.87 96.07
CA SER H 73 20.68 10.87 97.13
C SER H 73 21.27 9.57 96.59
N ASP H 74 21.48 8.62 97.49
CA ASP H 74 22.01 7.33 97.10
C ASP H 74 20.93 6.50 96.41
N ILE H 75 20.76 6.72 95.11
CA ILE H 75 19.75 6.05 94.32
C ILE H 75 20.43 5.42 93.12
N THR H 76 20.16 4.14 92.89
CA THR H 76 20.75 3.46 91.75
C THR H 76 20.16 3.98 90.45
N ALA H 77 20.86 3.72 89.35
CA ALA H 77 20.45 4.24 88.05
C ALA H 77 19.06 3.76 87.67
N ARG H 78 18.68 2.55 88.12
CA ARG H 78 17.37 2.01 87.77
C ARG H 78 16.25 2.91 88.29
N GLN H 79 16.33 3.31 89.56
CA GLN H 79 15.28 4.17 90.11
C GLN H 79 15.36 5.59 89.56
N ILE H 80 16.56 6.06 89.19
CA ILE H 80 16.67 7.35 88.53
C ILE H 80 15.91 7.34 87.21
N LEU H 81 16.12 6.28 86.42
CA LEU H 81 15.39 6.16 85.16
C LEU H 81 13.90 5.99 85.41
N GLU H 82 13.53 5.26 86.46
CA GLU H 82 12.11 5.12 86.81
C GLU H 82 11.50 6.48 87.11
N ASN H 83 12.19 7.30 87.90
CA ASN H 83 11.67 8.62 88.24
C ASN H 83 11.55 9.50 87.00
N LEU H 84 12.57 9.48 86.13
CA LEU H 84 12.49 10.26 84.91
C LEU H 84 11.33 9.81 84.04
N ASP H 85 11.12 8.50 83.94
CA ASP H 85 9.99 7.97 83.19
C ASP H 85 8.67 8.43 83.81
N ALA H 86 8.58 8.39 85.14
CA ALA H 86 7.35 8.78 85.82
C ALA H 86 7.05 10.27 85.70
N VAL H 87 8.07 11.12 85.55
CA VAL H 87 7.88 12.57 85.53
C VAL H 87 7.70 13.09 84.09
N TYR H 88 8.44 12.55 83.14
CA TYR H 88 8.38 13.05 81.76
C TYR H 88 7.83 12.03 80.77
N GLU H 89 7.40 10.87 81.22
CA GLU H 89 6.72 9.90 80.37
C GLU H 89 5.47 9.42 81.10
N ARG H 90 4.72 10.38 81.65
CA ARG H 90 3.55 10.05 82.45
C ARG H 90 2.46 9.43 81.59
N LYS H 91 1.83 8.38 82.13
CA LYS H 91 0.75 7.69 81.44
C LYS H 91 -0.57 8.36 81.80
N SER H 92 -1.11 9.14 80.87
CA SER H 92 -2.36 9.87 81.09
C SER H 92 -3.29 9.62 79.92
N LEU H 93 -4.41 8.94 80.18
CA LEU H 93 -5.37 8.67 79.12
C LEU H 93 -5.95 9.95 78.55
N ALA H 94 -6.22 10.93 79.41
CA ALA H 94 -6.71 12.22 78.93
C ALA H 94 -5.68 12.88 78.01
N SER H 95 -4.40 12.78 78.36
CA SER H 95 -3.36 13.27 77.48
C SER H 95 -3.37 12.53 76.16
N GLN H 96 -3.59 11.21 76.20
CA GLN H 96 -3.66 10.43 74.96
C GLN H 96 -4.80 10.90 74.08
N LEU H 97 -5.97 11.13 74.66
CA LEU H 97 -7.11 11.61 73.88
C LEU H 97 -6.86 12.99 73.31
N ALA H 98 -6.30 13.90 74.10
CA ALA H 98 -6.00 15.23 73.60
C ALA H 98 -4.99 15.17 72.45
N LEU H 99 -3.96 14.33 72.61
CA LEU H 99 -2.96 14.15 71.56
C LEU H 99 -3.58 13.59 70.29
N ARG H 100 -4.47 12.60 70.43
CA ARG H 100 -5.12 12.03 69.25
C ARG H 100 -6.01 13.06 68.56
N LYS H 101 -6.75 13.85 69.33
CA LYS H 101 -7.59 14.88 68.73
C LYS H 101 -6.75 15.91 67.97
N ARG H 102 -5.62 16.32 68.55
CA ARG H 102 -4.77 17.29 67.87
C ARG H 102 -4.09 16.68 66.65
N LEU H 103 -3.70 15.40 66.74
CA LEU H 103 -3.05 14.75 65.61
C LEU H 103 -4.00 14.57 64.44
N LEU H 104 -5.23 14.11 64.71
CA LEU H 104 -6.18 13.89 63.62
C LEU H 104 -6.57 15.20 62.94
N SER H 105 -6.45 16.32 63.64
CA SER H 105 -6.75 17.63 63.07
C SER H 105 -5.55 18.26 62.38
N LEU H 106 -4.38 17.65 62.47
CA LEU H 106 -3.20 18.19 61.82
C LEU H 106 -3.37 18.15 60.30
N LYS H 107 -2.93 19.22 59.64
CA LYS H 107 -2.94 19.31 58.19
C LYS H 107 -1.67 20.00 57.72
N LEU H 108 -1.31 19.74 56.47
CA LEU H 108 -0.12 20.33 55.87
C LEU H 108 -0.49 21.65 55.20
N SER H 109 0.17 22.73 55.62
CA SER H 109 -0.04 24.03 55.02
C SER H 109 0.90 24.23 53.83
N SER H 110 0.47 25.08 52.90
CA SER H 110 1.22 25.28 51.66
C SER H 110 2.60 25.88 51.93
N GLU H 111 2.67 26.87 52.82
CA GLU H 111 3.91 27.59 53.07
C GLU H 111 4.92 26.77 53.87
N MET H 112 4.51 25.64 54.44
CA MET H 112 5.32 24.88 55.37
C MET H 112 5.72 23.55 54.72
N SER H 113 7.03 23.29 54.69
CA SER H 113 7.60 22.23 53.87
C SER H 113 7.29 20.86 54.45
N LEU H 114 7.47 19.84 53.60
CA LEU H 114 7.18 18.47 54.01
C LEU H 114 8.07 18.00 55.14
N LEU H 115 9.33 18.46 55.17
CA LEU H 115 10.22 18.04 56.25
C LEU H 115 9.72 18.51 57.61
N SER H 116 9.27 19.76 57.71
CA SER H 116 8.75 20.27 58.97
C SER H 116 7.48 19.54 59.38
N HIS H 117 6.62 19.22 58.40
CA HIS H 117 5.43 18.44 58.69
C HIS H 117 5.78 17.06 59.21
N PHE H 118 6.80 16.43 58.62
CA PHE H 118 7.27 15.14 59.10
C PHE H 118 7.80 15.24 60.51
N HIS H 119 8.55 16.30 60.82
CA HIS H 119 9.06 16.48 62.17
C HIS H 119 7.93 16.67 63.18
N ILE H 120 6.90 17.44 62.79
CA ILE H 120 5.76 17.63 63.67
C ILE H 120 5.06 16.30 63.93
N PHE H 121 4.84 15.53 62.87
CA PHE H 121 4.21 14.22 63.04
C PHE H 121 5.06 13.32 63.91
N ASP H 122 6.37 13.38 63.76
CA ASP H 122 7.27 12.54 64.55
C ASP H 122 7.21 12.92 66.03
N GLU H 123 7.24 14.22 66.33
CA GLU H 123 7.17 14.61 67.74
C GLU H 123 5.83 14.26 68.34
N LEU H 124 4.74 14.42 67.58
CA LEU H 124 3.43 14.02 68.08
C LEU H 124 3.37 12.52 68.35
N ILE H 125 3.88 11.70 67.42
CA ILE H 125 3.81 10.26 67.63
C ILE H 125 4.70 9.85 68.79
N SER H 126 5.83 10.53 68.98
CA SER H 126 6.66 10.26 70.14
C SER H 126 5.92 10.60 71.43
N GLU H 127 5.17 11.69 71.44
CA GLU H 127 4.37 12.04 72.61
C GLU H 127 3.28 11.00 72.87
N LEU H 128 2.64 10.50 71.80
CA LEU H 128 1.64 9.45 71.97
C LEU H 128 2.26 8.19 72.58
N LEU H 129 3.40 7.77 72.06
CA LEU H 129 4.06 6.59 72.64
C LEU H 129 4.49 6.84 74.08
N ALA H 130 4.96 8.05 74.39
CA ALA H 130 5.31 8.38 75.76
C ALA H 130 4.09 8.34 76.67
N ALA H 131 2.95 8.81 76.17
CA ALA H 131 1.72 8.84 76.95
C ALA H 131 1.14 7.46 77.22
N GLY H 132 1.81 6.40 76.79
CA GLY H 132 1.34 5.05 77.02
C GLY H 132 0.43 4.49 75.96
N ALA H 133 0.01 5.30 74.99
CA ALA H 133 -0.83 4.80 73.91
C ALA H 133 -0.03 3.87 73.02
N LYS H 134 -0.59 2.70 72.73
CA LYS H 134 0.08 1.69 71.90
C LYS H 134 -0.37 1.88 70.46
N ILE H 135 0.56 2.29 69.60
CA ILE H 135 0.26 2.59 68.20
C ILE H 135 1.15 1.73 67.31
N GLU H 136 0.54 1.08 66.34
CA GLU H 136 1.22 0.22 65.40
C GLU H 136 1.66 1.02 64.16
N GLU H 137 2.69 0.51 63.47
CA GLU H 137 3.34 1.31 62.43
C GLU H 137 2.40 1.60 61.25
N MET H 138 1.56 0.64 60.86
CA MET H 138 0.59 0.93 59.80
C MET H 138 -0.41 1.98 60.25
N ASP H 139 -0.75 2.01 61.54
CA ASP H 139 -1.56 3.10 62.07
C ASP H 139 -0.83 4.43 61.92
N LYS H 140 0.48 4.43 62.17
CA LYS H 140 1.28 5.64 61.96
C LYS H 140 1.23 6.08 60.49
N ILE H 141 1.34 5.12 59.58
CA ILE H 141 1.31 5.43 58.16
C ILE H 141 -0.04 6.02 57.77
N SER H 142 -1.13 5.44 58.29
CA SER H 142 -2.46 5.98 58.03
C SER H 142 -2.59 7.39 58.58
N HIS H 143 -2.08 7.62 59.79
CA HIS H 143 -2.15 8.94 60.40
C HIS H 143 -1.38 9.96 59.57
N LEU H 144 -0.22 9.57 59.04
CA LEU H 144 0.56 10.47 58.22
C LEU H 144 -0.15 10.76 56.90
N LEU H 145 -0.78 9.74 56.30
CA LEU H 145 -1.37 9.97 54.98
C LEU H 145 -2.66 10.76 55.07
N ILE H 146 -3.42 10.61 56.16
CA ILE H 146 -4.67 11.35 56.29
C ILE H 146 -4.47 12.84 56.52
N THR H 147 -3.27 13.26 56.92
CA THR H 147 -2.97 14.67 57.13
C THR H 147 -2.23 15.28 55.94
N LEU H 148 -2.52 14.83 54.74
CA LEU H 148 -1.85 15.29 53.54
C LEU H 148 -2.86 15.88 52.56
N PRO H 149 -2.46 16.87 51.78
CA PRO H 149 -3.40 17.49 50.83
C PRO H 149 -3.72 16.59 49.65
N SER H 150 -4.68 17.02 48.82
CA SER H 150 -5.14 16.21 47.70
C SER H 150 -4.09 16.05 46.61
N CYS H 151 -3.08 16.92 46.57
CA CYS H 151 -2.07 16.81 45.52
C CYS H 151 -1.28 15.51 45.61
N TYR H 152 -1.24 14.89 46.79
CA TYR H 152 -0.55 13.63 46.97
C TYR H 152 -1.47 12.42 46.89
N ASP H 153 -2.73 12.61 46.51
CA ASP H 153 -3.70 11.52 46.54
C ASP H 153 -3.25 10.34 45.70
N GLY H 154 -2.65 10.62 44.54
CA GLY H 154 -2.22 9.56 43.65
C GLY H 154 -1.19 8.63 44.27
N ILE H 155 -0.16 9.21 44.90
CA ILE H 155 0.85 8.36 45.54
C ILE H 155 0.27 7.66 46.75
N ILE H 156 -0.69 8.28 47.43
CA ILE H 156 -1.33 7.60 48.56
C ILE H 156 -2.03 6.35 48.09
N THR H 157 -2.83 6.47 47.02
CA THR H 157 -3.50 5.30 46.47
C THR H 157 -2.50 4.26 45.97
N ALA H 158 -1.44 4.72 45.29
CA ALA H 158 -0.44 3.79 44.78
C ALA H 158 0.22 3.01 45.90
N ILE H 159 0.61 3.68 46.98
CA ILE H 159 1.24 3.00 48.10
C ILE H 159 0.26 2.06 48.78
N GLU H 160 -0.98 2.49 49.00
CA GLU H 160 -1.91 1.66 49.76
C GLU H 160 -2.37 0.43 48.97
N THR H 161 -2.43 0.51 47.64
CA THR H 161 -2.91 -0.63 46.87
C THR H 161 -1.80 -1.37 46.11
N LEU H 162 -1.02 -0.67 45.28
CA LEU H 162 -0.03 -1.35 44.46
C LEU H 162 1.12 -1.93 45.30
N SER H 163 1.56 -1.21 46.33
CA SER H 163 2.65 -1.72 47.16
C SER H 163 2.22 -2.99 47.88
N GLU H 164 3.10 -3.99 47.88
CA GLU H 164 2.78 -5.30 48.42
C GLU H 164 3.74 -5.79 49.50
N GLU H 165 4.94 -5.24 49.57
CA GLU H 165 5.92 -5.64 50.57
C GLU H 165 5.53 -5.08 51.94
N ASN H 166 6.40 -5.31 52.93
CA ASN H 166 6.16 -4.83 54.29
C ASN H 166 6.41 -3.33 54.34
N LEU H 167 5.34 -2.55 54.43
CA LEU H 167 5.46 -1.10 54.50
C LEU H 167 6.14 -0.66 55.78
N THR H 168 6.92 0.40 55.69
CA THR H 168 7.54 1.02 56.85
C THR H 168 7.44 2.54 56.73
N LEU H 169 7.57 3.22 57.86
CA LEU H 169 7.40 4.67 57.89
C LEU H 169 8.42 5.37 57.01
N ALA H 170 9.68 4.92 57.05
CA ALA H 170 10.72 5.58 56.28
C ALA H 170 10.45 5.47 54.78
N PHE H 171 10.01 4.31 54.32
CA PHE H 171 9.72 4.13 52.89
C PHE H 171 8.64 5.10 52.42
N VAL H 172 7.55 5.19 53.18
CA VAL H 172 6.48 6.11 52.83
C VAL H 172 6.98 7.55 52.85
N LYS H 173 7.83 7.88 53.82
CA LYS H 173 8.38 9.23 53.87
C LYS H 173 9.22 9.53 52.64
N ASN H 174 10.03 8.57 52.19
CA ASN H 174 10.81 8.77 50.97
C ASN H 174 9.90 8.99 49.76
N ARG H 175 8.86 8.18 49.63
CA ARG H 175 7.96 8.35 48.49
C ARG H 175 7.26 9.69 48.52
N LEU H 176 6.80 10.13 49.70
CA LEU H 176 6.18 11.44 49.81
C LEU H 176 7.18 12.55 49.49
N LEU H 177 8.44 12.41 49.90
CA LEU H 177 9.44 13.41 49.56
C LEU H 177 9.67 13.47 48.05
N ASP H 178 9.70 12.31 47.40
CA ASP H 178 9.86 12.28 45.95
C ASP H 178 8.67 12.95 45.26
N GLN H 179 7.46 12.67 45.73
CA GLN H 179 6.29 13.34 45.18
C GLN H 179 6.34 14.84 45.42
N GLU H 180 6.82 15.25 46.59
CA GLU H 180 6.90 16.66 46.90
C GLU H 180 7.85 17.39 45.96
N ILE H 181 9.03 16.81 45.74
CA ILE H 181 9.98 17.47 44.85
C ILE H 181 9.47 17.46 43.41
N LYS H 182 8.82 16.37 43.00
CA LYS H 182 8.24 16.33 41.66
C LYS H 182 7.17 17.41 41.49
N ILE H 183 6.34 17.61 42.51
CA ILE H 183 5.32 18.65 42.45
C ILE H 183 5.95 20.02 42.41
N LYS H 184 6.99 20.25 43.21
CA LYS H 184 7.67 21.54 43.19
C LYS H 184 8.26 21.83 41.82
N ASN H 185 8.86 20.83 41.18
CA ASN H 185 9.29 21.01 39.80
C ASN H 185 8.10 21.30 38.88
N ASP H 186 6.98 20.61 39.11
CA ASP H 186 5.77 20.89 38.34
C ASP H 186 5.28 22.32 38.58
N HIS H 187 5.30 22.76 39.83
CA HIS H 187 4.83 24.10 40.17
C HIS H 187 5.99 25.08 40.25
N ALA I 4 34.29 9.14 67.86
CA ALA I 4 35.65 9.09 67.35
C ALA I 4 35.95 10.28 66.44
N LYS I 5 35.94 10.04 65.13
CA LYS I 5 36.19 11.10 64.17
C LYS I 5 34.92 11.90 63.93
N ARG I 6 35.00 13.21 64.13
CA ARG I 6 33.84 14.08 64.05
C ARG I 6 33.53 14.53 62.63
N ASN I 7 34.33 14.14 61.65
CA ASN I 7 34.08 14.51 60.27
C ASN I 7 32.84 13.84 59.69
N ILE I 8 32.31 12.81 60.34
CA ILE I 8 31.14 12.10 59.86
C ILE I 8 29.90 12.93 60.21
N LYS I 9 29.28 13.51 59.19
CA LYS I 9 28.04 14.23 59.41
C LYS I 9 26.93 13.25 59.81
N PRO I 10 26.11 13.59 60.80
CA PRO I 10 25.01 12.71 61.17
C PRO I 10 24.08 12.46 60.00
N PHE I 11 23.60 11.23 59.88
CA PHE I 11 22.78 10.84 58.74
C PHE I 11 21.37 11.39 58.92
N ASP I 12 20.96 12.25 57.99
CA ASP I 12 19.64 12.88 58.04
C ASP I 12 18.80 12.46 56.84
N GLY I 13 19.22 11.40 56.15
CA GLY I 13 18.47 10.89 55.02
C GLY I 13 18.94 11.36 53.66
N GLU I 14 20.06 12.08 53.58
CA GLU I 14 20.59 12.55 52.32
C GLU I 14 22.03 12.09 52.19
N LYS I 15 22.45 11.84 50.94
CA LYS I 15 23.79 11.36 50.63
C LYS I 15 24.11 10.11 51.44
N TYR I 16 23.18 9.16 51.40
CA TYR I 16 23.29 7.97 52.24
C TYR I 16 24.56 7.18 51.94
N ALA I 17 24.96 7.10 50.68
CA ALA I 17 26.17 6.36 50.33
C ALA I 17 27.40 6.95 51.02
N ILE I 18 27.47 8.28 51.07
CA ILE I 18 28.61 8.94 51.71
C ILE I 18 28.67 8.58 53.19
N TRP I 19 27.52 8.68 53.87
CA TRP I 19 27.48 8.34 55.29
C TRP I 19 27.82 6.88 55.53
N LYS I 20 27.30 5.99 54.69
CA LYS I 20 27.58 4.56 54.83
C LYS I 20 29.06 4.28 54.64
N PHE I 21 29.69 4.91 53.63
CA PHE I 21 31.11 4.72 53.41
C PHE I 21 31.93 5.26 54.58
N ARG I 22 31.55 6.42 55.11
CA ARG I 22 32.26 6.98 56.26
C ARG I 22 32.15 6.06 57.47
N ILE I 23 30.96 5.54 57.72
CA ILE I 23 30.76 4.63 58.85
C ILE I 23 31.56 3.35 58.67
N ARG I 24 31.57 2.82 57.44
CA ARG I 24 32.34 1.61 57.18
C ARG I 24 33.83 1.85 57.40
N ALA I 25 34.33 3.00 56.93
CA ALA I 25 35.74 3.33 57.12
C ALA I 25 36.07 3.46 58.61
N LEU I 26 35.21 4.12 59.37
CA LEU I 26 35.46 4.29 60.80
C LEU I 26 35.41 2.94 61.52
N LEU I 27 34.47 2.08 61.14
CA LEU I 27 34.39 0.76 61.75
C LEU I 27 35.64 -0.06 61.44
N ALA I 28 36.13 0.01 60.20
CA ALA I 28 37.38 -0.66 59.88
C ALA I 28 38.56 -0.04 60.61
N GLU I 29 38.47 1.24 60.95
CA GLU I 29 39.55 1.90 61.67
C GLU I 29 39.73 1.32 63.06
N GLN I 30 38.64 0.99 63.74
CA GLN I 30 38.69 0.40 65.07
C GLN I 30 38.64 -1.12 65.04
N ASP I 31 38.86 -1.73 63.87
CA ASP I 31 38.77 -3.18 63.71
C ASP I 31 37.39 -3.70 64.10
N VAL I 32 36.36 -2.95 63.73
CA VAL I 32 34.98 -3.33 64.03
C VAL I 32 34.16 -3.64 62.79
N LEU I 33 34.65 -3.31 61.59
CA LEU I 33 33.89 -3.53 60.37
C LEU I 33 33.52 -4.99 60.15
N LYS I 34 34.26 -5.92 60.74
CA LYS I 34 33.99 -7.34 60.53
C LYS I 34 32.58 -7.73 60.95
N VAL I 35 31.95 -6.94 61.83
CA VAL I 35 30.62 -7.28 62.31
C VAL I 35 29.59 -7.19 61.18
N VAL I 36 29.60 -6.08 60.43
CA VAL I 36 28.55 -5.85 59.44
C VAL I 36 28.70 -6.81 58.26
N ASP I 37 29.93 -7.06 57.82
CA ASP I 37 30.20 -7.99 56.73
C ASP I 37 31.25 -8.99 57.20
N GLY I 38 30.78 -10.12 57.71
CA GLY I 38 31.66 -11.16 58.18
C GLY I 38 30.92 -12.48 58.27
N LEU I 39 31.57 -13.44 58.92
CA LEU I 39 31.00 -14.77 59.12
C LEU I 39 30.43 -14.87 60.52
N MET I 40 29.21 -15.39 60.62
CA MET I 40 28.58 -15.57 61.93
C MET I 40 29.18 -16.80 62.61
N PRO I 41 29.85 -16.65 63.74
CA PRO I 41 30.33 -17.82 64.47
C PRO I 41 29.16 -18.59 65.09
N ASN I 42 29.30 -19.92 65.10
CA ASN I 42 28.23 -20.75 65.65
C ASN I 42 28.00 -20.49 67.13
N GLU I 43 29.06 -20.14 67.85
CA GLU I 43 28.96 -19.72 69.25
C GLU I 43 29.67 -18.40 69.44
N VAL I 44 29.15 -17.61 70.38
CA VAL I 44 29.63 -16.24 70.58
C VAL I 44 30.85 -16.26 71.50
N ASP I 45 31.80 -15.36 71.23
CA ASP I 45 33.01 -15.24 72.02
C ASP I 45 33.11 -13.82 72.60
N ASP I 46 34.03 -13.65 73.55
CA ASP I 46 34.25 -12.33 74.12
C ASP I 46 34.75 -11.35 73.07
N SER I 47 35.66 -11.79 72.20
CA SER I 47 36.09 -10.95 71.10
C SER I 47 34.93 -10.59 70.18
N TRP I 48 34.05 -11.56 69.91
CA TRP I 48 32.84 -11.31 69.14
C TRP I 48 31.68 -10.93 70.05
N LYS I 49 31.93 -10.03 70.99
CA LYS I 49 30.89 -9.55 71.89
C LYS I 49 30.99 -8.03 72.03
N LYS I 50 32.20 -7.51 71.88
CA LYS I 50 32.47 -6.07 72.04
C LYS I 50 32.21 -5.32 70.75
N ALA I 51 32.78 -5.80 69.64
CA ALA I 51 32.59 -5.14 68.36
C ALA I 51 31.14 -5.17 67.91
N GLU I 52 30.38 -6.18 68.34
CA GLU I 52 28.96 -6.23 67.99
C GLU I 52 28.22 -5.01 68.50
N ARG I 53 28.47 -4.62 69.75
CA ARG I 53 27.80 -3.47 70.34
C ARG I 53 28.58 -2.18 70.15
N CYS I 54 29.91 -2.25 69.99
CA CYS I 54 30.67 -1.06 69.67
C CYS I 54 30.22 -0.47 68.34
N ALA I 55 30.03 -1.32 67.33
CA ALA I 55 29.53 -0.84 66.04
C ALA I 55 28.14 -0.26 66.18
N LYS I 56 27.28 -0.90 66.97
CA LYS I 56 25.93 -0.39 67.15
C LYS I 56 25.94 0.98 67.81
N SER I 57 26.76 1.14 68.85
CA SER I 57 26.87 2.44 69.52
C SER I 57 27.44 3.49 68.57
N THR I 58 28.42 3.11 67.76
CA THR I 58 28.96 4.05 66.78
C THR I 58 27.90 4.49 65.78
N ILE I 59 27.12 3.54 65.27
CA ILE I 59 26.07 3.87 64.31
C ILE I 59 25.03 4.78 64.94
N ILE I 60 24.59 4.45 66.16
CA ILE I 60 23.61 5.27 66.85
C ILE I 60 24.16 6.67 67.10
N GLU I 61 25.46 6.76 67.39
CA GLU I 61 26.08 8.05 67.67
C GLU I 61 25.99 8.99 66.47
N TYR I 62 26.21 8.46 65.27
CA TYR I 62 26.27 9.28 64.05
C TYR I 62 24.96 9.25 63.28
N LEU I 63 23.84 9.13 63.98
CA LEU I 63 22.51 9.13 63.38
C LEU I 63 21.71 10.30 63.91
N SER I 64 20.96 10.96 63.03
CA SER I 64 20.08 12.03 63.46
C SER I 64 18.95 11.47 64.32
N ASP I 65 18.26 12.38 65.02
CA ASP I 65 17.27 11.98 66.01
C ASP I 65 16.14 11.18 65.38
N SER I 66 15.65 11.62 64.22
CA SER I 66 14.51 10.96 63.60
C SER I 66 14.82 9.51 63.22
N PHE I 67 16.04 9.26 62.75
CA PHE I 67 16.42 7.93 62.27
C PHE I 67 16.84 6.99 63.38
N LEU I 68 16.84 7.43 64.64
CA LEU I 68 17.23 6.56 65.73
C LEU I 68 16.30 5.37 65.90
N ASN I 69 15.09 5.44 65.34
CA ASN I 69 14.14 4.34 65.43
C ASN I 69 14.60 3.10 64.67
N PHE I 70 15.63 3.22 63.83
CA PHE I 70 16.11 2.07 63.07
C PHE I 70 16.73 1.00 63.96
N ALA I 71 17.13 1.34 65.18
CA ALA I 71 17.75 0.38 66.08
C ALA I 71 16.75 -0.26 67.04
N THR I 72 16.02 0.57 67.80
CA THR I 72 15.06 0.12 68.81
C THR I 72 15.70 -0.83 69.83
N SER I 73 17.02 -0.74 69.99
CA SER I 73 17.75 -1.44 71.03
C SER I 73 17.67 -2.96 70.91
N ASP I 74 17.07 -3.46 69.84
CA ASP I 74 16.94 -4.89 69.62
C ASP I 74 17.45 -5.34 68.26
N ILE I 75 17.84 -4.42 67.39
CA ILE I 75 18.34 -4.74 66.05
C ILE I 75 19.85 -4.63 66.07
N THR I 76 20.53 -5.69 65.61
CA THR I 76 21.98 -5.70 65.62
C THR I 76 22.52 -4.67 64.61
N ALA I 77 23.79 -4.30 64.79
CA ALA I 77 24.39 -3.28 63.95
C ALA I 77 24.37 -3.68 62.49
N ARG I 78 24.63 -4.95 62.19
CA ARG I 78 24.55 -5.41 60.81
C ARG I 78 23.15 -5.20 60.25
N GLN I 79 22.12 -5.60 60.99
CA GLN I 79 20.76 -5.47 60.49
C GLN I 79 20.29 -4.02 60.43
N ILE I 80 20.83 -3.13 61.27
CA ILE I 80 20.51 -1.72 61.15
C ILE I 80 20.94 -1.20 59.77
N LEU I 81 22.19 -1.48 59.40
CA LEU I 81 22.67 -1.08 58.08
C LEU I 81 21.93 -1.81 56.97
N GLU I 82 21.56 -3.07 57.20
CA GLU I 82 20.79 -3.80 56.19
C GLU I 82 19.44 -3.14 55.95
N ASN I 83 18.75 -2.73 57.02
CA ASN I 83 17.48 -2.04 56.87
C ASN I 83 17.65 -0.69 56.17
N LEU I 84 18.67 0.07 56.58
CA LEU I 84 18.93 1.37 55.93
C LEU I 84 19.23 1.18 54.45
N ASP I 85 19.95 0.10 54.10
CA ASP I 85 20.17 -0.23 52.71
C ASP I 85 18.87 -0.55 52.00
N ALA I 86 18.04 -1.39 52.62
CA ALA I 86 16.78 -1.81 52.00
C ALA I 86 15.82 -0.65 51.81
N VAL I 87 15.96 0.43 52.57
CA VAL I 87 15.08 1.58 52.45
C VAL I 87 15.70 2.69 51.61
N TYR I 88 17.03 2.81 51.60
CA TYR I 88 17.65 3.93 50.87
C TYR I 88 18.46 3.50 49.66
N GLU I 89 19.48 2.66 49.81
CA GLU I 89 20.28 2.26 48.65
C GLU I 89 19.55 1.13 47.94
N ARG I 90 18.39 1.48 47.41
CA ARG I 90 17.53 0.58 46.67
C ARG I 90 17.45 1.04 45.23
N LYS I 91 17.49 0.07 44.31
CA LYS I 91 17.36 0.37 42.89
C LYS I 91 15.90 0.76 42.65
N SER I 92 15.63 2.05 42.84
CA SER I 92 14.28 2.59 42.73
C SER I 92 14.13 3.31 41.39
N LEU I 93 13.12 2.91 40.62
CA LEU I 93 12.86 3.53 39.34
C LEU I 93 12.53 5.01 39.49
N ALA I 94 11.86 5.39 40.57
CA ALA I 94 11.54 6.80 40.80
C ALA I 94 12.82 7.63 40.91
N SER I 95 13.81 7.13 41.64
CA SER I 95 15.07 7.84 41.76
C SER I 95 15.75 7.97 40.41
N GLN I 96 15.71 6.91 39.60
CA GLN I 96 16.34 6.96 38.28
C GLN I 96 15.67 8.00 37.39
N LEU I 97 14.33 8.06 37.41
CA LEU I 97 13.63 9.08 36.64
C LEU I 97 13.98 10.48 37.12
N ALA I 98 14.03 10.68 38.45
CA ALA I 98 14.37 12.01 38.96
C ALA I 98 15.78 12.40 38.56
N LEU I 99 16.72 11.45 38.66
CA LEU I 99 18.11 11.73 38.30
C LEU I 99 18.24 12.06 36.82
N ARG I 100 17.56 11.30 35.95
CA ARG I 100 17.60 11.59 34.53
C ARG I 100 16.98 12.95 34.22
N LYS I 101 15.87 13.28 34.87
CA LYS I 101 15.24 14.58 34.64
C LYS I 101 16.16 15.72 35.06
N ARG I 102 16.78 15.60 36.23
CA ARG I 102 17.70 16.65 36.67
C ARG I 102 18.97 16.67 35.84
N LEU I 103 19.41 15.51 35.35
CA LEU I 103 20.59 15.47 34.49
C LEU I 103 20.34 16.23 33.18
N LEU I 104 19.14 16.09 32.62
CA LEU I 104 18.79 16.80 31.39
C LEU I 104 18.64 18.30 31.60
N SER I 105 18.59 18.77 32.85
CA SER I 105 18.43 20.18 33.15
C SER I 105 19.75 20.90 33.39
N LEU I 106 20.88 20.18 33.31
CA LEU I 106 22.17 20.81 33.56
C LEU I 106 22.58 21.68 32.39
N LYS I 107 22.84 22.96 32.66
CA LYS I 107 23.27 23.90 31.64
C LYS I 107 24.41 24.73 32.21
N LEU I 108 25.43 24.98 31.39
CA LEU I 108 26.55 25.81 31.82
C LEU I 108 26.10 27.27 31.97
N SER I 109 26.60 27.91 33.01
CA SER I 109 26.40 29.34 33.22
C SER I 109 27.74 30.02 33.39
N SER I 110 27.82 31.26 32.91
CA SER I 110 29.08 32.00 32.99
C SER I 110 29.51 32.26 34.42
N GLU I 111 28.61 32.14 35.39
CA GLU I 111 28.90 32.45 36.78
C GLU I 111 29.45 31.26 37.55
N MET I 112 29.59 30.10 36.92
CA MET I 112 30.20 28.93 37.57
C MET I 112 31.29 28.38 36.68
N SER I 113 32.35 27.88 37.30
CA SER I 113 33.51 27.40 36.57
C SER I 113 33.21 26.08 35.87
N LEU I 114 34.01 25.78 34.84
CA LEU I 114 33.86 24.54 34.11
C LEU I 114 34.17 23.34 34.99
N LEU I 115 35.20 23.45 35.84
CA LEU I 115 35.55 22.36 36.74
C LEU I 115 34.44 22.06 37.73
N SER I 116 33.77 23.11 38.22
CA SER I 116 32.63 22.90 39.12
C SER I 116 31.52 22.13 38.41
N HIS I 117 31.25 22.47 37.15
CA HIS I 117 30.23 21.75 36.40
C HIS I 117 30.64 20.30 36.18
N PHE I 118 31.94 20.07 35.90
CA PHE I 118 32.43 18.69 35.80
C PHE I 118 32.20 17.93 37.09
N HIS I 119 32.50 18.54 38.23
CA HIS I 119 32.31 17.88 39.51
C HIS I 119 30.84 17.55 39.76
N ILE I 120 29.95 18.51 39.47
CA ILE I 120 28.53 18.28 39.66
C ILE I 120 28.06 17.14 38.76
N PHE I 121 28.48 17.15 37.49
CA PHE I 121 28.11 16.09 36.58
C PHE I 121 28.60 14.74 37.06
N ASP I 122 29.85 14.67 37.51
CA ASP I 122 30.41 13.40 37.95
C ASP I 122 29.68 12.87 39.17
N GLU I 123 29.39 13.75 40.15
CA GLU I 123 28.65 13.30 41.32
C GLU I 123 27.24 12.85 40.96
N LEU I 124 26.56 13.58 40.08
CA LEU I 124 25.22 13.17 39.67
C LEU I 124 25.25 11.84 38.93
N ILE I 125 26.25 11.63 38.08
CA ILE I 125 26.38 10.37 37.36
C ILE I 125 26.63 9.22 38.34
N SER I 126 27.49 9.45 39.33
CA SER I 126 27.74 8.43 40.33
C SER I 126 26.48 8.09 41.12
N GLU I 127 25.70 9.12 41.48
CA GLU I 127 24.45 8.88 42.19
C GLU I 127 23.47 8.09 41.32
N LEU I 128 23.39 8.41 40.02
CA LEU I 128 22.51 7.68 39.14
C LEU I 128 22.95 6.24 38.98
N LEU I 129 24.27 6.01 38.95
CA LEU I 129 24.79 4.66 38.93
C LEU I 129 24.41 3.91 40.20
N ALA I 130 24.45 4.59 41.34
CA ALA I 130 24.02 4.00 42.59
C ALA I 130 22.55 3.61 42.57
N ALA I 131 21.74 4.26 41.75
CA ALA I 131 20.33 3.95 41.65
C ALA I 131 20.05 2.66 40.88
N GLY I 132 21.08 1.91 40.51
CA GLY I 132 20.92 0.63 39.85
C GLY I 132 21.05 0.69 38.33
N ALA I 133 20.91 1.86 37.74
CA ALA I 133 21.01 1.97 36.28
C ALA I 133 22.45 1.80 35.83
N LYS I 134 22.61 1.24 34.63
CA LYS I 134 23.90 1.02 34.02
C LYS I 134 24.12 2.04 32.91
N ILE I 135 25.24 2.74 32.95
CA ILE I 135 25.61 3.73 31.95
C ILE I 135 27.00 3.41 31.45
N GLU I 136 27.15 3.35 30.13
CA GLU I 136 28.44 3.11 29.50
C GLU I 136 29.15 4.45 29.30
N GLU I 137 30.47 4.39 29.07
CA GLU I 137 31.28 5.60 29.00
C GLU I 137 30.78 6.55 27.92
N MET I 138 30.44 6.02 26.75
CA MET I 138 29.93 6.89 25.69
C MET I 138 28.63 7.57 26.10
N ASP I 139 27.76 6.85 26.80
CA ASP I 139 26.54 7.47 27.31
C ASP I 139 26.86 8.58 28.30
N LYS I 140 27.87 8.37 29.15
CA LYS I 140 28.32 9.42 30.05
C LYS I 140 28.77 10.64 29.27
N ILE I 141 29.57 10.44 28.23
CA ILE I 141 30.07 11.57 27.43
C ILE I 141 28.90 12.31 26.78
N SER I 142 27.97 11.55 26.20
CA SER I 142 26.81 12.18 25.54
C SER I 142 26.00 12.98 26.54
N HIS I 143 25.81 12.45 27.75
CA HIS I 143 25.11 13.21 28.78
C HIS I 143 25.87 14.48 29.13
N LEU I 144 27.20 14.40 29.18
CA LEU I 144 28.00 15.59 29.49
C LEU I 144 27.90 16.63 28.40
N LEU I 145 27.95 16.21 27.13
CA LEU I 145 28.02 17.15 26.02
C LEU I 145 26.75 17.98 25.88
N ILE I 146 25.57 17.39 26.06
CA ILE I 146 24.32 18.12 25.88
C ILE I 146 24.18 19.27 26.86
N THR I 147 24.95 19.27 27.96
CA THR I 147 24.96 20.35 28.91
C THR I 147 25.74 21.57 28.43
N LEU I 148 26.71 21.38 27.54
CA LEU I 148 27.58 22.47 27.08
C LEU I 148 26.79 23.49 26.25
N PRO I 149 27.23 24.74 26.24
CA PRO I 149 26.56 25.76 25.42
C PRO I 149 27.11 25.76 23.99
N SER I 150 26.64 26.74 23.21
CA SER I 150 26.94 26.80 21.79
C SER I 150 28.40 27.10 21.50
N CYS I 151 29.13 27.76 22.41
CA CYS I 151 30.52 28.08 22.16
C CYS I 151 31.37 26.81 22.03
N TYR I 152 30.96 25.74 22.69
CA TYR I 152 31.71 24.48 22.68
C TYR I 152 31.26 23.61 21.50
N ASP I 153 31.40 24.16 20.29
CA ASP I 153 30.94 23.48 19.08
C ASP I 153 32.09 22.91 18.27
N GLY I 154 33.10 23.73 17.95
CA GLY I 154 34.20 23.24 17.15
C GLY I 154 35.01 22.17 17.85
N ILE I 155 35.26 22.35 19.14
CA ILE I 155 36.09 21.40 19.89
C ILE I 155 35.47 20.01 19.87
N ILE I 156 34.17 19.91 20.15
CA ILE I 156 33.54 18.59 20.20
C ILE I 156 33.47 17.97 18.81
N THR I 157 33.22 18.78 17.78
CA THR I 157 33.22 18.24 16.42
C THR I 157 34.56 17.64 16.08
N ALA I 158 35.65 18.37 16.35
CA ALA I 158 36.98 17.81 16.18
C ALA I 158 37.16 16.55 17.02
N ILE I 159 36.55 16.52 18.20
CA ILE I 159 36.66 15.35 19.06
C ILE I 159 36.08 14.11 18.39
N GLU I 160 34.86 14.21 17.86
CA GLU I 160 34.28 13.01 17.24
C GLU I 160 34.99 12.66 15.94
N THR I 161 35.40 13.67 15.17
CA THR I 161 36.04 13.39 13.89
C THR I 161 37.40 12.72 14.07
N LEU I 162 38.27 13.28 14.91
CA LEU I 162 39.61 12.74 15.04
C LEU I 162 39.63 11.51 15.94
N SER I 163 39.25 11.69 17.21
CA SER I 163 39.30 10.57 18.16
C SER I 163 38.25 9.52 17.80
N GLU I 164 38.69 8.27 17.70
CA GLU I 164 37.80 7.16 17.40
C GLU I 164 37.98 5.96 18.32
N GLU I 165 39.09 5.87 19.05
CA GLU I 165 39.36 4.76 19.96
C GLU I 165 39.72 5.22 21.36
N ASN I 166 40.31 6.41 21.48
CA ASN I 166 40.63 7.02 22.78
C ASN I 166 39.45 7.76 23.37
N LEU I 167 38.23 7.43 22.94
CA LEU I 167 37.02 8.12 23.38
C LEU I 167 36.74 7.69 24.82
N THR I 168 37.20 8.52 25.76
CA THR I 168 37.03 8.28 27.20
C THR I 168 36.57 9.56 27.86
N LEU I 169 35.93 9.39 29.02
CA LEU I 169 35.46 10.55 29.78
C LEU I 169 36.62 11.43 30.21
N ALA I 170 37.73 10.81 30.62
CA ALA I 170 38.90 11.59 31.04
C ALA I 170 39.46 12.41 29.89
N PHE I 171 39.58 11.80 28.70
CA PHE I 171 40.15 12.51 27.56
C PHE I 171 39.28 13.68 27.14
N VAL I 172 37.96 13.47 27.09
CA VAL I 172 37.08 14.57 26.68
C VAL I 172 37.08 15.65 27.74
N LYS I 173 37.17 15.27 29.01
CA LYS I 173 37.29 16.28 30.07
C LYS I 173 38.56 17.11 29.88
N ASN I 174 39.69 16.45 29.59
CA ASN I 174 40.94 17.17 29.39
C ASN I 174 40.83 18.12 28.20
N ARG I 175 40.27 17.64 27.08
CA ARG I 175 40.15 18.49 25.91
C ARG I 175 39.24 19.69 26.19
N LEU I 176 38.12 19.44 26.88
CA LEU I 176 37.19 20.53 27.18
C LEU I 176 37.82 21.58 28.08
N LEU I 177 38.54 21.14 29.13
CA LEU I 177 39.16 22.11 30.02
C LEU I 177 40.29 22.87 29.33
N ASP I 178 41.05 22.18 28.46
CA ASP I 178 42.09 22.86 27.71
C ASP I 178 41.49 23.91 26.78
N GLN I 179 40.37 23.59 26.14
CA GLN I 179 39.66 24.57 25.31
C GLN I 179 39.14 25.75 26.11
N GLU I 180 38.84 25.55 27.40
CA GLU I 180 38.11 26.55 28.17
C GLU I 180 38.82 27.89 28.21
N ILE I 181 40.14 27.88 28.42
CA ILE I 181 40.88 29.13 28.54
C ILE I 181 40.76 29.99 27.30
N LYS I 182 40.59 29.38 26.12
CA LYS I 182 40.42 30.15 24.90
C LYS I 182 39.10 30.89 24.83
N ILE I 183 38.09 30.43 25.59
CA ILE I 183 36.83 31.17 25.63
C ILE I 183 36.92 32.34 26.60
N LYS I 184 37.51 32.12 27.78
CA LYS I 184 37.54 33.16 28.80
C LYS I 184 38.28 34.40 28.31
N ASN I 185 39.45 34.20 27.69
CA ASN I 185 40.18 35.33 27.11
C ASN I 185 39.47 35.92 25.92
N ASP I 186 38.52 35.20 25.31
CA ASP I 186 37.76 35.73 24.19
C ASP I 186 36.48 36.43 24.63
N HIS I 187 35.91 36.03 25.76
CA HIS I 187 34.69 36.62 26.30
C HIS I 187 33.55 36.59 25.29
#